data_7MI6
#
_entry.id   7MI6
#
_cell.length_a   1.00
_cell.length_b   1.00
_cell.length_c   1.00
_cell.angle_alpha   90.00
_cell.angle_beta   90.00
_cell.angle_gamma   90.00
#
_symmetry.space_group_name_H-M   'P 1'
#
loop_
_entity.id
_entity.type
_entity.pdbx_description
1 polymer 'Fusion protein of Dynein and Endolysin'
2 non-polymer (8S)-6-(3-bromophenoxy)-2-[1-(4-chlorophenyl)cyclopropyl]-7-hydroxypyrazolo[1,5-a]pyrimidine-3-carbonitrile
3 non-polymer "ADENOSINE-5'-TRIPHOSPHATE"
4 non-polymer 'MAGNESIUM ION'
#
_entity_poly.entity_id   1
_entity_poly.type   'polypeptide(L)'
_entity_poly.pdbx_seq_one_letter_code
;GEFVIEKSLNRIKKFWKEAQYEVIEHSSGLKLVREWDVLEQACKEDLEELVSMKASNYYKIFEQDCLDLESKLTKLSEIQ
VNWVEVQFYWLDLYGILGENLDIQNFLPLETSKFKSLTSEYKMITTRAFQLDTTIEVIHIPNFDTTLKLTIDSLKMIKSS
LSTFLERQRRQFPRFYFLGNDDLLKIIGSGKHHDQVSKFMKKMFGSIESIIFLEDFITGVRSVEGEVLNLNEKIELKDSI
QAQEWLNILDTEIKLSVFTQFRDCLGQLKDGTDIEVVVSKYIFQAILLSAQVMWTELVEKCLQTNQFSKYWKEVDMKIKG
LLDKLNKSSDNVKKKIEALLVEYLHFNNVIGQLKNCSTKEEARLLWAKVQKFYQKNDTLDDLNSVFISQSGYLLQYKFEY
IGIPERLIYTPLLLIGFATLTDSLHQKYGGCFFGPAGTGKTETVKAFGQNLGRVVVVFNCDDSFDYQVLSRLLVGITQIG
AWGCFDQFNRLDEKVLSAVSANIQQIQNGLQVGKSHITLLEEETPLSPHTAVFITLNPGYNGRSELPENLKKSFREFSMK
SPQSGTIAEMILQIMGFEDSKSLASKIVHFLELLSSKCSSMNHYHFGLRTLKGVLRNCSPLISEFGEGEKTVVESLKRVI
LPSLGDTDELVFKDELSKIFDSAGTPLNSKAIVQCLKDAGQRSGFSMSEEFLKKCMQFYYMQKTQQALILVGKAGCGKTA
TWKTVIDAMAIFDGHANVVYVIDTKVLTKESLYGSMLKATLEWRDGLFTSILRRVNDDITGTFKNSRIWVVFDSDLDPEY
VEAMNSVLDDNKILTLPNGERLPIPPNFRILFETDNLDHTTPATITRCGLLWFSTDVCSISSKIDHLLNKSYEALDNKLS
MFELDKLKDLISDSFDMASLTNIFTCSNDLVHILGVRTFNKLETAVQLAVHLISSYRQWFQNLDDKSLKDVITLLIKRSL
LYALAGDSTGESQRAFIQTINTYFGHDSQELSDYSTIVIANDKLSFSSFCSEIPSVSLEAHEVMRPDIVIPTIDTIKHEK
IFYDLLNSKRGIILCGPPGSGKTMIMNNALRNSSLYDVVGINFSKDTTTEHILSALHRHTNYVTTSKGLTLLPKSDIKNL
VLFCDEINLPKLDKYGSQNVVLFLRQLMEKQGFWKTPENKWVTIERIHIVGACNPPTDPGRIPMSERFTRHAAILYLGYP
SGKSLSQIYEIYYKAIFKLVPEFRSYTEPFARASVHLYNECKARYSTGLQSHYLFSPRELTRLVRGVYTAINTGPRQTLR
SLIRLWAYEAWRIFADRLVGVKEKNSFEQLLYETVDKYLPNQDLGNISSTSLLFSGLLSLDFKEVNKTDLVNFIEERFKT
FCDEELEVPMVIHESMVDHILRIDRALKQVQGHMMLIGASRTGKTILTRFVAWLNGLKIVQPKIHRHSNLSDFDMILKKA
ISDCSLKESRTCLIIDESNILETAFLERMNTLLANADIPDLFQGEEYDKLLNNLRNKTRSLGLLLDTEQELYDWFVGEIA
KNLHVVFTICDPTNNKSSAMISSPALFNRCIINWMGDWDTKTMSQVANNMVDVIPMEFTDFIVPEVNKELVFTEPIQTIR
DAVVNILIHFDRNFYQKMKVGVNPRSPGYFIDGLRALVKLVTAKYQDLQENQRFVNVGLEKLNESVLKVNELNKTLGSGS
GSNIFEMLRIDEGLRLKIYKDTEGYYTIGIGHLLTKSPSLNAAKSELDKAIGRNTNGVITKDEAEKLFNQDVDAAVRGIL
RNAKLKPVYDSLDAVRRAALINMVFQMGETGVAGFTNSLRMLQQKRWDEAAVNLAKSRWYNQTPNRAKRVITTFRTGTWD
AYGSGSGSSISLVKSLTFEKERWLNTTKQFSKTSQELIGNCIISSIYETYFGHLNERERADMLVILKRLLGKFAVKYDVN
YRFIDYLVTLDEKMKWLECGLDKNDYFLENMSIVMNSQDAVPFLLDPSSHMITVISNYYGNKTVLLSFLEEGFVKRLENA
IRFGSVVIIQDGEFFDPIISRLISREFNHAGNRVTVEIGDHEVDVSGDFKLFIHSCDPSGDIPIFLRSRVRLVHFVTNKE
SIETRIFDITLTEENAEMQRKREDLIKLNTEYKLKLKNLEKRLLEELNNSQGNMLENDELMVTLNNLKKEAMNIEKKLSE
SEEFFPQFDNLVEEYSIIGKHSVKIFSMLEKFGQFHWFYGISIGQFLSCFKRVFIKKSRETRAARTRVDEILWLLYQEVY
CQFSTALDKKFKMIMAMTMFCLYKFDIESEQYKEAVLTMIGVLSESSDGVPKLTVDTNDDLRYLWDYVTTKSYISALNWF
KNEFFVDEWNIADVVANSENNYFTMASERDVDGTFKLIELAKASKESLKIIPLGSIENLNYAQEEISKSKIEGGWILLQN
IQMSLSWVKTYLHKHVEETKAAEEHEKFKMFMTCHLTGDKLPAPLLQRTDRVVYEDIPGILDTVKDLWGSQFFTGKISGV
WSVYCTFLLSWFHALITARTRLVPHGFSKKYYFNDCDFQFASVYLENVLATNSTNNIPWAQVRDHIATIVYGGKIDEEKD
LEVVAKLCAHVFCGSDNLQIVPGVRIPQPLLQQSEEEERARLTAILSNTIEPADSLSSWLQLPRESILDYERLQAKEVAS
STEQLLQEMGSGSGSHHHHHH
;
_entity_poly.pdbx_strand_id   A
#
loop_
_chem_comp.id
_chem_comp.type
_chem_comp.name
_chem_comp.formula
ATP non-polymer ADENOSINE-5'-TRIPHOSPHATE 'C10 H16 N5 O13 P3'
MG non-polymer 'MAGNESIUM ION' 'Mg 2'
ZG7 non-polymer (8S)-6-(3-bromophenoxy)-2-[1-(4-chlorophenyl)cyclopropyl]-7-hydroxypyrazolo[1,5-a]pyrimidine-3-carbonitrile 'C22 H14 Br Cl N4 O2'
#
# COMPACT_ATOMS: atom_id res chain seq x y z
N PHE A 3 -25.98 -36.04 -30.00
CA PHE A 3 -26.35 -34.87 -29.24
C PHE A 3 -25.28 -33.81 -29.50
N VAL A 4 -24.71 -33.22 -28.46
CA VAL A 4 -23.70 -32.19 -28.69
C VAL A 4 -22.32 -32.78 -28.92
N ILE A 5 -22.18 -34.09 -28.64
CA ILE A 5 -20.91 -34.79 -28.80
C ILE A 5 -20.42 -34.64 -30.23
N GLU A 6 -21.33 -34.84 -31.18
CA GLU A 6 -21.00 -34.71 -32.58
C GLU A 6 -20.63 -33.29 -32.93
N LYS A 7 -21.39 -32.33 -32.40
CA LYS A 7 -21.13 -30.92 -32.66
C LYS A 7 -19.76 -30.50 -32.18
N SER A 8 -19.26 -31.16 -31.14
CA SER A 8 -17.94 -30.82 -30.65
C SER A 8 -16.85 -31.52 -31.44
N LEU A 9 -17.04 -32.82 -31.73
CA LEU A 9 -16.01 -33.54 -32.48
C LEU A 9 -15.82 -32.92 -33.86
N ASN A 10 -16.91 -32.44 -34.46
CA ASN A 10 -16.84 -31.81 -35.75
C ASN A 10 -15.94 -30.59 -35.71
N ARG A 11 -16.15 -29.72 -34.72
CA ARG A 11 -15.33 -28.52 -34.62
C ARG A 11 -13.88 -28.85 -34.29
N ILE A 12 -13.65 -29.91 -33.52
CA ILE A 12 -12.30 -30.34 -33.19
C ILE A 12 -11.56 -30.76 -34.45
N LYS A 13 -12.17 -31.67 -35.21
CA LYS A 13 -11.58 -32.16 -36.44
C LYS A 13 -11.40 -31.03 -37.45
N LYS A 14 -12.36 -30.13 -37.52
CA LYS A 14 -12.26 -28.97 -38.40
C LYS A 14 -11.04 -28.14 -38.05
N PHE A 15 -10.82 -27.92 -36.76
CA PHE A 15 -9.70 -27.14 -36.29
C PHE A 15 -8.39 -27.82 -36.63
N TRP A 16 -8.35 -29.13 -36.51
CA TRP A 16 -7.11 -29.84 -36.66
C TRP A 16 -6.79 -30.14 -38.11
N LYS A 17 -7.76 -30.03 -38.99
CA LYS A 17 -7.37 -30.08 -40.40
C LYS A 17 -6.90 -28.71 -40.92
N GLU A 18 -6.76 -27.70 -40.05
CA GLU A 18 -6.23 -26.40 -40.46
C GLU A 18 -4.98 -25.99 -39.69
N ALA A 19 -4.27 -26.93 -39.08
CA ALA A 19 -3.14 -26.58 -38.23
C ALA A 19 -1.92 -26.17 -39.06
N GLN A 20 -1.49 -24.93 -38.89
CA GLN A 20 -0.35 -24.37 -39.60
C GLN A 20 0.65 -23.83 -38.60
N TYR A 21 1.92 -23.95 -38.92
CA TYR A 21 3.00 -23.44 -38.09
C TYR A 21 3.75 -22.27 -38.75
N GLU A 22 3.92 -21.16 -38.01
CA GLU A 22 4.74 -20.04 -38.49
C GLU A 22 6.20 -20.43 -38.46
N VAL A 23 6.79 -20.42 -39.65
CA VAL A 23 8.15 -20.82 -39.90
C VAL A 23 8.90 -19.64 -40.49
N ILE A 24 10.09 -19.39 -39.96
CA ILE A 24 10.97 -18.34 -40.47
C ILE A 24 12.40 -18.81 -40.32
N GLU A 25 13.17 -18.62 -41.36
CA GLU A 25 14.53 -19.14 -41.44
C GLU A 25 15.54 -18.11 -40.96
N HIS A 26 16.46 -18.57 -40.13
CA HIS A 26 17.48 -17.70 -39.56
C HIS A 26 18.66 -17.69 -40.53
N SER A 27 19.79 -17.16 -40.07
CA SER A 27 21.06 -17.00 -40.79
C SER A 27 21.41 -18.27 -41.56
N SER A 28 21.75 -19.33 -40.87
CA SER A 28 22.09 -20.54 -41.61
C SER A 28 20.81 -21.27 -42.01
N GLY A 29 20.96 -22.09 -43.06
CA GLY A 29 19.93 -22.86 -43.74
C GLY A 29 18.68 -23.32 -43.05
N LEU A 30 18.82 -23.68 -41.78
CA LEU A 30 17.71 -24.15 -40.96
C LEU A 30 16.62 -23.09 -40.80
N LYS A 31 15.38 -23.54 -40.64
CA LYS A 31 14.24 -22.66 -40.42
C LYS A 31 13.65 -22.89 -39.03
N LEU A 32 13.59 -21.83 -38.25
CA LEU A 32 13.08 -21.88 -36.89
C LEU A 32 11.57 -21.71 -36.94
N VAL A 33 10.91 -22.22 -35.92
CA VAL A 33 9.47 -22.11 -35.77
C VAL A 33 9.13 -21.14 -34.66
N ARG A 34 8.21 -20.25 -34.94
CA ARG A 34 7.81 -19.13 -34.13
C ARG A 34 6.47 -19.44 -33.51
N GLU A 35 6.18 -18.89 -32.32
CA GLU A 35 4.85 -18.98 -31.70
C GLU A 35 4.41 -20.43 -31.48
N TRP A 36 5.08 -21.04 -30.51
CA TRP A 36 4.76 -22.41 -30.13
C TRP A 36 3.44 -22.48 -29.38
N ASP A 37 3.18 -21.51 -28.50
CA ASP A 37 2.17 -21.59 -27.45
C ASP A 37 0.73 -21.75 -27.94
N VAL A 38 0.36 -21.17 -29.08
CA VAL A 38 -1.01 -21.27 -29.60
C VAL A 38 -1.42 -22.71 -29.82
N LEU A 39 -0.66 -23.43 -30.63
CA LEU A 39 -0.98 -24.80 -30.99
C LEU A 39 -0.93 -25.71 -29.78
N GLU A 40 0.06 -25.53 -28.92
CA GLU A 40 0.20 -26.35 -27.73
C GLU A 40 -0.99 -26.16 -26.81
N GLN A 41 -1.41 -24.91 -26.60
CA GLN A 41 -2.56 -24.66 -25.73
C GLN A 41 -3.82 -25.24 -26.32
N ALA A 42 -3.98 -25.17 -27.64
CA ALA A 42 -5.14 -25.79 -28.28
C ALA A 42 -5.14 -27.29 -28.09
N CYS A 43 -3.98 -27.91 -28.25
CA CYS A 43 -3.84 -29.34 -28.02
C CYS A 43 -4.26 -29.74 -26.62
N LYS A 44 -3.76 -29.04 -25.61
CA LYS A 44 -4.08 -29.40 -24.23
C LYS A 44 -5.56 -29.19 -23.92
N GLU A 45 -6.14 -28.14 -24.49
CA GLU A 45 -7.54 -27.82 -24.29
C GLU A 45 -8.43 -28.89 -24.87
N ASP A 46 -8.10 -29.33 -26.07
CA ASP A 46 -8.87 -30.37 -26.72
C ASP A 46 -8.70 -31.71 -26.03
N LEU A 47 -7.52 -31.95 -25.46
CA LEU A 47 -7.35 -33.17 -24.67
C LEU A 47 -8.24 -33.19 -23.45
N GLU A 48 -8.33 -32.08 -22.73
CA GLU A 48 -9.22 -32.07 -21.57
C GLU A 48 -10.68 -32.20 -21.95
N GLU A 49 -11.06 -31.64 -23.08
CA GLU A 49 -12.43 -31.82 -23.55
C GLU A 49 -12.71 -33.27 -23.92
N LEU A 50 -11.78 -33.92 -24.61
CA LEU A 50 -11.96 -35.32 -24.95
C LEU A 50 -12.03 -36.21 -23.72
N VAL A 51 -11.30 -35.87 -22.67
CA VAL A 51 -11.37 -36.63 -21.43
C VAL A 51 -12.73 -36.45 -20.78
N SER A 52 -13.21 -35.21 -20.73
CA SER A 52 -14.50 -34.89 -20.16
C SER A 52 -15.64 -35.52 -20.92
N MET A 53 -15.46 -35.80 -22.21
CA MET A 53 -16.49 -36.50 -22.97
C MET A 53 -16.83 -37.88 -22.44
N LYS A 54 -16.08 -38.41 -21.47
CA LYS A 54 -16.32 -39.73 -20.93
C LYS A 54 -17.41 -39.75 -19.87
N ALA A 55 -17.74 -38.60 -19.30
CA ALA A 55 -18.82 -38.51 -18.33
C ALA A 55 -20.20 -38.44 -18.95
N SER A 56 -20.32 -38.22 -20.25
CA SER A 56 -21.63 -38.17 -20.87
C SER A 56 -22.31 -39.53 -20.86
N ASN A 57 -23.59 -39.53 -21.22
CA ASN A 57 -24.35 -40.76 -21.33
C ASN A 57 -24.65 -41.14 -22.77
N TYR A 58 -24.65 -40.17 -23.68
CA TYR A 58 -24.96 -40.38 -25.08
C TYR A 58 -23.70 -40.54 -25.91
N TYR A 59 -22.73 -41.28 -25.40
CA TYR A 59 -21.50 -41.42 -26.17
C TYR A 59 -20.97 -42.83 -26.24
N LYS A 60 -21.61 -43.79 -25.56
CA LYS A 60 -21.10 -45.14 -25.44
C LYS A 60 -20.82 -45.74 -26.83
N ILE A 61 -21.84 -45.72 -27.69
CA ILE A 61 -21.67 -46.22 -29.05
C ILE A 61 -20.92 -45.19 -29.89
N PHE A 62 -21.04 -43.94 -29.51
CA PHE A 62 -20.43 -42.77 -30.13
C PHE A 62 -18.98 -42.56 -29.69
N GLU A 63 -18.32 -43.57 -29.12
CA GLU A 63 -17.01 -43.36 -28.49
C GLU A 63 -15.79 -43.62 -29.36
N GLN A 64 -15.68 -44.80 -30.00
CA GLN A 64 -14.49 -45.26 -30.72
C GLN A 64 -13.75 -44.21 -31.53
N ASP A 65 -14.50 -43.40 -32.28
CA ASP A 65 -13.93 -42.30 -33.04
C ASP A 65 -13.18 -41.34 -32.12
N CYS A 66 -13.82 -40.98 -31.01
CA CYS A 66 -13.20 -40.07 -30.06
C CYS A 66 -11.99 -40.70 -29.38
N LEU A 67 -11.98 -42.03 -29.26
CA LEU A 67 -10.80 -42.67 -28.72
C LEU A 67 -9.62 -42.59 -29.68
N ASP A 68 -9.88 -42.79 -30.97
CA ASP A 68 -8.83 -42.59 -31.95
C ASP A 68 -8.32 -41.16 -31.94
N LEU A 69 -9.23 -40.20 -31.87
CA LEU A 69 -8.85 -38.79 -31.81
C LEU A 69 -7.97 -38.49 -30.59
N GLU A 70 -8.33 -39.05 -29.43
CA GLU A 70 -7.55 -38.87 -28.22
C GLU A 70 -6.15 -39.43 -28.37
N SER A 71 -6.07 -40.63 -28.93
CA SER A 71 -4.81 -41.31 -29.13
C SER A 71 -3.92 -40.53 -30.08
N LYS A 72 -4.53 -39.80 -31.00
CA LYS A 72 -3.74 -38.96 -31.88
C LYS A 72 -3.22 -37.73 -31.14
N LEU A 73 -4.09 -37.05 -30.40
CA LEU A 73 -3.69 -35.79 -29.78
C LEU A 73 -2.68 -35.99 -28.66
N THR A 74 -2.76 -37.12 -27.95
CA THR A 74 -1.79 -37.38 -26.90
C THR A 74 -0.38 -37.46 -27.44
N LYS A 75 -0.20 -38.18 -28.55
CA LYS A 75 1.11 -38.22 -29.14
C LYS A 75 1.51 -36.89 -29.73
N LEU A 76 0.55 -36.11 -30.21
CA LEU A 76 0.86 -34.76 -30.66
C LEU A 76 1.51 -33.92 -29.56
N SER A 77 0.93 -33.95 -28.36
CA SER A 77 1.54 -33.19 -27.28
C SER A 77 2.89 -33.75 -26.87
N GLU A 78 3.00 -35.09 -26.88
CA GLU A 78 4.28 -35.75 -26.63
C GLU A 78 5.39 -35.18 -27.51
N ILE A 79 5.14 -35.10 -28.82
CA ILE A 79 6.18 -34.58 -29.71
C ILE A 79 6.34 -33.08 -29.56
N GLN A 80 5.28 -32.38 -29.16
CA GLN A 80 5.31 -30.93 -28.96
C GLN A 80 6.38 -30.54 -27.95
N VAL A 81 6.34 -31.18 -26.79
CA VAL A 81 7.24 -30.85 -25.68
C VAL A 81 8.71 -31.02 -26.08
N ASN A 82 9.03 -32.19 -26.62
CA ASN A 82 10.42 -32.51 -26.95
C ASN A 82 10.91 -31.61 -28.07
N TRP A 83 10.05 -31.32 -29.03
CA TRP A 83 10.45 -30.49 -30.14
C TRP A 83 10.77 -29.07 -29.70
N VAL A 84 9.97 -28.50 -28.81
CA VAL A 84 10.29 -27.12 -28.38
C VAL A 84 11.58 -27.10 -27.57
N GLU A 85 11.79 -28.12 -26.73
CA GLU A 85 13.04 -28.19 -25.98
C GLU A 85 14.26 -28.28 -26.90
N VAL A 86 14.16 -29.09 -27.96
CA VAL A 86 15.27 -29.21 -28.90
C VAL A 86 15.55 -27.89 -29.58
N GLN A 87 14.49 -27.21 -30.01
CA GLN A 87 14.59 -25.90 -30.61
C GLN A 87 15.36 -24.93 -29.74
N PHE A 88 14.96 -24.82 -28.48
CA PHE A 88 15.56 -23.83 -27.60
C PHE A 88 17.03 -24.13 -27.35
N TYR A 89 17.35 -25.38 -27.02
CA TYR A 89 18.74 -25.70 -26.68
C TYR A 89 19.68 -25.57 -27.86
N TRP A 90 19.22 -25.95 -29.06
CA TRP A 90 20.08 -25.78 -30.21
C TRP A 90 20.33 -24.31 -30.52
N LEU A 91 19.28 -23.50 -30.43
CA LEU A 91 19.46 -22.07 -30.69
C LEU A 91 20.36 -21.42 -29.66
N ASP A 92 20.41 -21.94 -28.45
CA ASP A 92 21.33 -21.36 -27.47
C ASP A 92 22.77 -21.77 -27.71
N LEU A 93 23.02 -23.06 -27.97
CA LEU A 93 24.39 -23.50 -28.23
C LEU A 93 24.95 -22.99 -29.55
N TYR A 94 24.10 -22.57 -30.46
CA TYR A 94 24.56 -22.06 -31.74
C TYR A 94 25.35 -20.76 -31.59
N GLY A 95 24.81 -19.79 -30.84
CA GLY A 95 25.54 -18.55 -30.61
C GLY A 95 26.84 -18.64 -29.83
N ILE A 96 27.16 -19.83 -29.37
CA ILE A 96 28.36 -20.09 -28.59
C ILE A 96 29.37 -20.90 -29.39
N LEU A 97 28.90 -21.87 -30.15
CA LEU A 97 29.80 -22.76 -30.85
C LEU A 97 29.71 -22.69 -32.36
N GLY A 98 28.55 -22.36 -32.93
CA GLY A 98 28.42 -22.43 -34.36
C GLY A 98 29.11 -21.32 -35.11
N GLU A 99 29.65 -20.35 -34.40
CA GLU A 99 30.23 -19.16 -35.00
C GLU A 99 31.75 -19.11 -34.85
N ASN A 100 32.27 -19.06 -33.62
CA ASN A 100 33.68 -18.80 -33.42
C ASN A 100 34.52 -19.99 -33.83
N LEU A 101 35.69 -19.70 -34.38
CA LEU A 101 36.70 -20.70 -34.70
C LEU A 101 37.62 -21.06 -33.54
N ASP A 102 37.97 -20.11 -32.67
CA ASP A 102 38.87 -20.44 -31.58
C ASP A 102 38.19 -21.32 -30.54
N ILE A 103 36.92 -21.05 -30.24
CA ILE A 103 36.23 -21.81 -29.22
C ILE A 103 36.02 -23.26 -29.64
N GLN A 104 35.82 -23.49 -30.93
CA GLN A 104 35.70 -24.84 -31.45
C GLN A 104 37.05 -25.48 -31.66
N ASN A 105 38.10 -24.67 -31.77
CA ASN A 105 39.44 -25.25 -31.79
C ASN A 105 39.80 -25.77 -30.42
N PHE A 106 39.37 -25.07 -29.37
CA PHE A 106 39.57 -25.57 -28.02
C PHE A 106 38.72 -26.81 -27.75
N LEU A 107 37.49 -26.83 -28.25
CA LEU A 107 36.57 -27.96 -28.06
C LEU A 107 36.21 -28.56 -29.40
N PRO A 108 37.09 -29.39 -29.98
CA PRO A 108 36.75 -29.98 -31.27
C PRO A 108 35.68 -31.04 -31.20
N LEU A 109 35.65 -31.83 -30.12
CA LEU A 109 34.72 -32.95 -30.06
C LEU A 109 33.27 -32.49 -30.04
N GLU A 110 32.95 -31.55 -29.14
CA GLU A 110 31.57 -31.15 -28.94
C GLU A 110 31.00 -30.47 -30.18
N THR A 111 31.81 -29.70 -30.89
CA THR A 111 31.35 -29.08 -32.12
C THR A 111 31.29 -30.09 -33.26
N SER A 112 32.22 -31.04 -33.26
CA SER A 112 32.19 -32.15 -34.20
C SER A 112 30.87 -32.90 -34.09
N LYS A 113 30.34 -32.99 -32.88
CA LYS A 113 29.04 -33.60 -32.66
C LYS A 113 27.90 -32.64 -33.00
N PHE A 114 28.10 -31.36 -32.72
CA PHE A 114 27.11 -30.31 -32.97
C PHE A 114 26.74 -30.23 -34.43
N LYS A 115 27.72 -30.29 -35.32
CA LYS A 115 27.41 -30.19 -36.74
C LYS A 115 26.66 -31.42 -37.24
N SER A 116 27.06 -32.60 -36.75
CA SER A 116 26.38 -33.85 -37.08
C SER A 116 24.93 -33.84 -36.61
N LEU A 117 24.66 -33.17 -35.50
CA LEU A 117 23.29 -33.00 -35.03
C LEU A 117 22.52 -32.01 -35.89
N THR A 118 23.19 -30.93 -36.30
CA THR A 118 22.52 -29.88 -37.04
C THR A 118 22.03 -30.39 -38.39
N SER A 119 22.82 -31.25 -39.04
CA SER A 119 22.37 -31.80 -40.31
C SER A 119 21.06 -32.56 -40.19
N GLU A 120 21.01 -33.53 -39.27
CA GLU A 120 19.79 -34.30 -39.06
C GLU A 120 18.61 -33.42 -38.67
N TYR A 121 18.89 -32.38 -37.88
CA TYR A 121 17.82 -31.49 -37.48
C TYR A 121 17.26 -30.74 -38.66
N LYS A 122 18.14 -30.32 -39.56
CA LYS A 122 17.70 -29.69 -40.80
C LYS A 122 16.82 -30.63 -41.60
N MET A 123 17.25 -31.89 -41.77
CA MET A 123 16.44 -32.89 -42.47
C MET A 123 15.03 -32.95 -41.90
N ILE A 124 14.95 -33.20 -40.59
CA ILE A 124 13.65 -33.37 -39.93
C ILE A 124 12.79 -32.14 -40.10
N THR A 125 13.36 -30.95 -39.86
CA THR A 125 12.57 -29.72 -39.89
C THR A 125 12.04 -29.43 -41.27
N THR A 126 12.89 -29.52 -42.30
CA THR A 126 12.41 -29.26 -43.65
C THR A 126 11.36 -30.27 -44.04
N ARG A 127 11.61 -31.54 -43.73
CA ARG A 127 10.68 -32.60 -44.07
C ARG A 127 9.37 -32.43 -43.32
N ALA A 128 9.44 -31.91 -42.11
CA ALA A 128 8.27 -31.71 -41.27
C ALA A 128 7.49 -30.49 -41.71
N PHE A 129 8.18 -29.45 -42.14
CA PHE A 129 7.48 -28.27 -42.58
C PHE A 129 6.78 -28.54 -43.89
N GLN A 130 7.43 -29.27 -44.78
CA GLN A 130 6.82 -29.51 -46.08
C GLN A 130 5.69 -30.47 -46.04
N LEU A 131 5.19 -30.93 -44.89
CA LEU A 131 4.04 -31.80 -44.96
C LEU A 131 2.75 -30.99 -45.03
N ASP A 132 2.81 -29.70 -44.67
CA ASP A 132 1.71 -28.74 -44.79
C ASP A 132 0.51 -29.05 -43.92
N THR A 133 0.68 -29.87 -42.89
CA THR A 133 -0.38 -30.12 -41.92
C THR A 133 0.31 -30.55 -40.65
N THR A 134 0.15 -29.75 -39.60
CA THR A 134 0.86 -29.99 -38.34
C THR A 134 0.42 -31.29 -37.68
N ILE A 135 -0.80 -31.74 -37.91
CA ILE A 135 -1.17 -33.00 -37.29
C ILE A 135 -0.50 -34.17 -37.99
N GLU A 136 -0.44 -34.13 -39.34
CA GLU A 136 0.17 -35.21 -40.11
C GLU A 136 1.62 -35.49 -39.74
N VAL A 137 2.28 -34.57 -39.02
CA VAL A 137 3.66 -34.74 -38.60
C VAL A 137 3.82 -36.02 -37.80
N ILE A 138 2.77 -36.40 -37.06
CA ILE A 138 2.86 -37.60 -36.24
C ILE A 138 2.94 -38.87 -37.05
N HIS A 139 2.64 -38.80 -38.34
CA HIS A 139 2.81 -39.92 -39.24
C HIS A 139 4.21 -40.00 -39.83
N ILE A 140 5.00 -38.93 -39.71
CA ILE A 140 6.40 -38.99 -40.15
C ILE A 140 7.15 -40.00 -39.30
N PRO A 141 7.88 -40.91 -39.89
CA PRO A 141 8.56 -41.95 -39.12
C PRO A 141 9.70 -41.38 -38.32
N ASN A 142 9.94 -41.97 -37.13
CA ASN A 142 11.01 -41.62 -36.21
C ASN A 142 11.10 -40.11 -35.98
N PHE A 143 10.13 -39.64 -35.24
CA PHE A 143 10.10 -38.25 -34.81
C PHE A 143 10.16 -38.04 -33.32
N ASP A 144 9.47 -38.86 -32.55
CA ASP A 144 9.53 -38.74 -31.10
C ASP A 144 10.87 -39.21 -30.57
N THR A 145 11.31 -40.38 -31.02
CA THR A 145 12.60 -40.91 -30.62
C THR A 145 13.73 -40.04 -31.11
N THR A 146 13.61 -39.55 -32.35
CA THR A 146 14.56 -38.61 -32.92
C THR A 146 14.80 -37.42 -32.00
N LEU A 147 13.73 -36.76 -31.58
CA LEU A 147 13.84 -35.56 -30.77
C LEU A 147 14.34 -35.91 -29.38
N LYS A 148 13.92 -37.06 -28.86
CA LYS A 148 14.39 -37.52 -27.56
C LYS A 148 15.91 -37.64 -27.56
N LEU A 149 16.45 -38.39 -28.50
CA LEU A 149 17.89 -38.53 -28.53
C LEU A 149 18.59 -37.23 -28.93
N THR A 150 17.91 -36.35 -29.66
CA THR A 150 18.54 -35.08 -30.00
C THR A 150 18.70 -34.16 -28.79
N ILE A 151 17.68 -34.07 -27.95
CA ILE A 151 17.81 -33.26 -26.74
C ILE A 151 18.76 -33.91 -25.75
N ASP A 152 18.83 -35.24 -25.74
CA ASP A 152 19.85 -35.91 -24.93
C ASP A 152 21.26 -35.52 -25.35
N SER A 153 21.51 -35.50 -26.66
CA SER A 153 22.83 -35.13 -27.14
C SER A 153 23.16 -33.67 -26.86
N LEU A 154 22.16 -32.79 -27.02
CA LEU A 154 22.34 -31.37 -26.72
C LEU A 154 22.65 -31.12 -25.25
N LYS A 155 21.92 -31.80 -24.37
CA LYS A 155 22.18 -31.69 -22.95
C LYS A 155 23.58 -32.18 -22.60
N MET A 156 24.03 -33.24 -23.27
CA MET A 156 25.38 -33.72 -22.99
C MET A 156 26.42 -32.71 -23.43
N ILE A 157 26.23 -32.13 -24.61
CA ILE A 157 27.12 -31.07 -25.09
C ILE A 157 27.13 -29.90 -24.12
N LYS A 158 25.96 -29.47 -23.65
CA LYS A 158 25.90 -28.32 -22.74
C LYS A 158 26.52 -28.62 -21.39
N SER A 159 26.46 -29.87 -20.94
CA SER A 159 27.10 -30.21 -19.68
C SER A 159 28.60 -30.16 -19.85
N SER A 160 29.10 -30.74 -20.94
CA SER A 160 30.51 -30.63 -21.30
C SER A 160 30.97 -29.18 -21.38
N LEU A 161 30.16 -28.33 -22.02
CA LEU A 161 30.43 -26.89 -22.17
C LEU A 161 30.59 -26.12 -20.89
N SER A 162 30.37 -26.70 -19.74
CA SER A 162 30.40 -25.93 -18.52
C SER A 162 31.51 -26.37 -17.62
N THR A 163 31.88 -27.65 -17.66
CA THR A 163 32.97 -28.14 -16.84
C THR A 163 34.30 -27.55 -17.28
N PHE A 164 34.50 -27.35 -18.59
CA PHE A 164 35.71 -26.68 -19.07
C PHE A 164 35.80 -25.26 -18.53
N LEU A 165 34.68 -24.54 -18.47
CA LEU A 165 34.70 -23.21 -17.88
C LEU A 165 34.95 -23.24 -16.39
N GLU A 166 34.35 -24.19 -15.69
CA GLU A 166 34.57 -24.25 -14.26
C GLU A 166 36.01 -24.60 -13.95
N ARG A 167 36.62 -25.46 -14.74
CA ARG A 167 38.02 -25.73 -14.53
C ARG A 167 38.89 -24.53 -14.87
N GLN A 168 38.47 -23.74 -15.86
CA GLN A 168 39.19 -22.51 -16.14
C GLN A 168 39.06 -21.51 -15.00
N ARG A 169 37.89 -21.46 -14.37
CA ARG A 169 37.73 -20.65 -13.17
C ARG A 169 38.60 -21.13 -12.03
N ARG A 170 38.79 -22.45 -11.95
CA ARG A 170 39.64 -22.98 -10.89
C ARG A 170 41.09 -22.60 -11.11
N GLN A 171 41.51 -22.47 -12.38
CA GLN A 171 42.89 -22.03 -12.59
C GLN A 171 43.09 -20.58 -12.17
N PHE A 172 42.18 -19.70 -12.58
CA PHE A 172 42.24 -18.29 -12.20
C PHE A 172 40.98 -17.88 -11.48
N PRO A 173 40.99 -17.79 -10.15
CA PRO A 173 39.75 -17.53 -9.43
C PRO A 173 39.18 -16.14 -9.64
N ARG A 174 39.88 -15.23 -10.31
CA ARG A 174 39.27 -13.95 -10.60
C ARG A 174 38.20 -14.10 -11.65
N PHE A 175 38.26 -15.17 -12.42
CA PHE A 175 37.28 -15.37 -13.47
C PHE A 175 35.91 -15.60 -12.88
N TYR A 176 35.82 -15.90 -11.57
CA TYR A 176 34.51 -16.05 -10.95
C TYR A 176 33.72 -14.77 -11.04
N PHE A 177 34.38 -13.63 -11.02
CA PHE A 177 33.64 -12.38 -11.07
C PHE A 177 33.10 -12.11 -12.46
N LEU A 178 33.74 -12.63 -13.50
CA LEU A 178 33.39 -12.22 -14.86
C LEU A 178 32.03 -12.77 -15.29
N GLY A 179 31.86 -14.07 -15.27
CA GLY A 179 30.67 -14.68 -15.79
C GLY A 179 30.98 -15.49 -17.03
N ASN A 180 29.95 -16.16 -17.53
CA ASN A 180 30.16 -17.08 -18.64
C ASN A 180 30.49 -16.32 -19.92
N ASP A 181 29.70 -15.30 -20.21
CA ASP A 181 29.76 -14.58 -21.48
C ASP A 181 31.09 -13.87 -21.66
N ASP A 182 31.53 -13.20 -20.62
CA ASP A 182 32.76 -12.44 -20.71
C ASP A 182 33.94 -13.37 -20.78
N LEU A 183 33.86 -14.52 -20.11
CA LEU A 183 35.00 -15.40 -20.15
C LEU A 183 35.13 -15.99 -21.53
N LEU A 184 33.98 -16.22 -22.17
CA LEU A 184 33.97 -16.78 -23.51
C LEU A 184 34.62 -15.81 -24.48
N LYS A 185 34.37 -14.52 -24.28
CA LYS A 185 35.04 -13.58 -25.17
C LYS A 185 36.53 -13.50 -24.87
N ILE A 186 36.91 -13.62 -23.60
CA ILE A 186 38.34 -13.59 -23.29
C ILE A 186 39.09 -14.78 -23.89
N ILE A 187 38.49 -15.97 -23.81
CA ILE A 187 39.09 -17.16 -24.37
C ILE A 187 39.12 -17.10 -25.88
N GLY A 188 38.07 -16.56 -26.50
CA GLY A 188 38.12 -16.55 -27.95
C GLY A 188 39.06 -15.47 -28.41
N SER A 189 39.01 -14.30 -27.79
CA SER A 189 39.81 -13.17 -28.23
C SER A 189 41.17 -13.12 -27.57
N GLY A 190 41.73 -14.25 -27.11
CA GLY A 190 43.03 -14.15 -26.48
C GLY A 190 44.16 -13.71 -27.40
N LYS A 191 44.02 -13.94 -28.70
CA LYS A 191 45.03 -13.58 -29.69
C LYS A 191 45.16 -12.08 -29.87
N HIS A 192 44.04 -11.37 -29.87
CA HIS A 192 44.04 -9.93 -30.15
C HIS A 192 44.60 -9.11 -28.99
N HIS A 193 44.36 -9.54 -27.75
CA HIS A 193 44.85 -9.02 -26.46
C HIS A 193 44.38 -7.65 -25.98
N ASP A 194 43.58 -6.92 -26.72
CA ASP A 194 43.23 -5.61 -26.21
C ASP A 194 41.87 -5.59 -25.53
N GLN A 195 41.01 -6.52 -25.92
CA GLN A 195 39.64 -6.56 -25.41
C GLN A 195 39.58 -7.03 -23.98
N VAL A 196 40.65 -7.63 -23.48
CA VAL A 196 40.62 -8.12 -22.12
C VAL A 196 40.62 -6.94 -21.17
N SER A 197 41.20 -5.82 -21.62
CA SER A 197 41.38 -4.65 -20.78
C SER A 197 40.08 -4.05 -20.29
N LYS A 198 39.00 -4.24 -21.04
CA LYS A 198 37.73 -3.69 -20.61
C LYS A 198 37.22 -4.40 -19.37
N PHE A 199 37.49 -5.68 -19.26
CA PHE A 199 37.02 -6.41 -18.11
C PHE A 199 37.94 -6.26 -16.92
N MET A 200 39.11 -5.64 -17.10
CA MET A 200 40.06 -5.64 -16.00
C MET A 200 39.54 -4.86 -14.80
N LYS A 201 38.71 -3.84 -15.02
CA LYS A 201 38.14 -3.13 -13.89
C LYS A 201 37.21 -4.02 -13.07
N LYS A 202 36.61 -5.03 -13.69
CA LYS A 202 35.70 -5.91 -12.97
C LYS A 202 36.44 -6.95 -12.18
N MET A 203 37.45 -7.54 -12.75
CA MET A 203 38.12 -8.62 -12.05
C MET A 203 39.22 -8.11 -11.14
N PHE A 204 39.51 -6.82 -11.15
CA PHE A 204 40.47 -6.28 -10.19
C PHE A 204 39.83 -5.26 -9.27
N GLY A 205 39.07 -4.31 -9.80
CA GLY A 205 38.45 -3.32 -8.98
C GLY A 205 39.25 -2.04 -8.82
N SER A 206 40.57 -2.13 -8.87
CA SER A 206 41.39 -0.95 -8.71
C SER A 206 41.84 -0.37 -10.04
N ILE A 207 42.44 -1.18 -10.87
CA ILE A 207 42.99 -0.67 -12.11
C ILE A 207 41.92 -0.59 -13.19
N GLU A 208 42.22 0.19 -14.22
CA GLU A 208 41.33 0.48 -15.33
C GLU A 208 41.76 -0.12 -16.64
N SER A 209 42.96 0.19 -17.11
CA SER A 209 43.37 -0.32 -18.40
C SER A 209 44.82 -0.72 -18.35
N ILE A 210 45.21 -1.57 -19.28
CA ILE A 210 46.57 -2.07 -19.34
C ILE A 210 47.30 -1.40 -20.48
N ILE A 211 48.49 -0.94 -20.21
CA ILE A 211 49.31 -0.23 -21.17
C ILE A 211 50.22 -1.23 -21.85
N PHE A 212 50.34 -1.08 -23.16
CA PHE A 212 51.18 -1.95 -23.96
C PHE A 212 52.22 -1.13 -24.66
N LEU A 213 53.27 -1.81 -25.09
CA LEU A 213 54.27 -1.20 -25.94
C LEU A 213 54.38 -1.99 -27.24
N GLU A 214 53.30 -2.70 -27.57
CA GLU A 214 53.03 -3.55 -28.74
C GLU A 214 53.83 -4.84 -28.69
N ASP A 215 54.69 -4.99 -27.75
CA ASP A 215 55.49 -6.18 -27.58
C ASP A 215 55.33 -6.76 -26.20
N PHE A 216 55.19 -5.91 -25.20
CA PHE A 216 55.13 -6.35 -23.82
C PHE A 216 54.24 -5.41 -23.05
N ILE A 217 53.97 -5.80 -21.82
CA ILE A 217 53.19 -4.98 -20.90
C ILE A 217 54.12 -4.11 -20.09
N THR A 218 54.02 -2.80 -20.28
CA THR A 218 54.87 -1.93 -19.49
C THR A 218 54.27 -1.74 -18.11
N GLY A 219 52.95 -1.69 -18.04
CA GLY A 219 52.27 -1.54 -16.78
C GLY A 219 50.80 -1.34 -17.01
N VAL A 220 50.12 -0.90 -15.97
CA VAL A 220 48.68 -0.69 -15.99
C VAL A 220 48.35 0.62 -15.32
N ARG A 221 47.19 1.17 -15.68
CA ARG A 221 46.79 2.42 -15.08
C ARG A 221 45.47 2.19 -14.39
N SER A 222 45.30 2.91 -13.30
CA SER A 222 44.13 2.83 -12.46
C SER A 222 42.98 3.61 -12.99
N VAL A 223 41.87 3.51 -12.25
CA VAL A 223 40.68 4.23 -12.61
C VAL A 223 40.86 5.71 -12.36
N GLU A 224 41.86 6.11 -11.58
CA GLU A 224 42.03 7.53 -11.37
C GLU A 224 42.88 8.15 -12.46
N GLY A 225 43.79 7.36 -13.03
CA GLY A 225 44.65 7.82 -14.09
C GLY A 225 46.10 7.62 -13.80
N GLU A 226 46.42 7.23 -12.57
CA GLU A 226 47.81 6.99 -12.21
C GLU A 226 48.33 5.77 -12.95
N VAL A 227 49.49 5.93 -13.55
CA VAL A 227 50.15 4.88 -14.31
C VAL A 227 51.14 4.14 -13.41
N LEU A 228 51.11 2.83 -13.49
CA LEU A 228 52.02 1.97 -12.77
C LEU A 228 52.92 1.29 -13.78
N ASN A 229 54.22 1.34 -13.50
CA ASN A 229 55.26 0.77 -14.31
C ASN A 229 55.74 -0.50 -13.64
N LEU A 230 55.79 -1.55 -14.40
CA LEU A 230 56.24 -2.81 -13.87
C LEU A 230 57.74 -2.93 -13.92
N ASN A 231 58.26 -3.76 -13.04
CA ASN A 231 59.68 -3.99 -12.99
C ASN A 231 60.02 -4.94 -14.12
N GLU A 232 59.37 -6.09 -14.10
CA GLU A 232 59.56 -7.12 -15.08
C GLU A 232 58.44 -7.03 -16.10
N LYS A 233 58.81 -6.87 -17.36
CA LYS A 233 57.87 -6.74 -18.47
C LYS A 233 57.36 -8.13 -18.84
N ILE A 234 56.11 -8.22 -19.23
CA ILE A 234 55.54 -9.52 -19.57
C ILE A 234 55.69 -9.78 -21.05
N GLU A 235 56.31 -10.90 -21.36
CA GLU A 235 56.50 -11.32 -22.72
C GLU A 235 55.21 -11.93 -23.26
N LEU A 236 55.01 -11.78 -24.55
CA LEU A 236 53.84 -12.28 -25.25
C LEU A 236 54.27 -13.10 -26.45
N LYS A 237 53.62 -14.25 -26.65
CA LYS A 237 53.93 -15.09 -27.79
C LYS A 237 52.66 -15.63 -28.40
N ASP A 238 52.82 -16.42 -29.45
CA ASP A 238 51.67 -16.98 -30.15
C ASP A 238 51.04 -18.13 -29.38
N SER A 239 51.88 -19.00 -28.83
CA SER A 239 51.39 -20.18 -28.14
C SER A 239 51.21 -19.85 -26.66
N ILE A 240 50.24 -18.99 -26.37
CA ILE A 240 49.99 -18.63 -24.99
C ILE A 240 48.49 -18.50 -24.74
N GLN A 241 48.10 -18.78 -23.51
CA GLN A 241 46.74 -18.71 -23.02
C GLN A 241 46.58 -17.46 -22.20
N ALA A 242 45.33 -17.02 -22.06
CA ALA A 242 45.10 -15.83 -21.25
C ALA A 242 45.41 -16.07 -19.78
N GLN A 243 45.16 -17.28 -19.28
CA GLN A 243 45.37 -17.56 -17.86
C GLN A 243 46.83 -17.49 -17.48
N GLU A 244 47.73 -17.76 -18.42
CA GLU A 244 49.14 -17.82 -18.09
C GLU A 244 49.69 -16.43 -17.86
N TRP A 245 49.54 -15.57 -18.86
CA TRP A 245 50.05 -14.22 -18.72
C TRP A 245 49.23 -13.44 -17.70
N LEU A 246 47.98 -13.80 -17.50
CA LEU A 246 47.22 -13.14 -16.45
C LEU A 246 47.70 -13.51 -15.05
N ASN A 247 48.13 -14.75 -14.85
CA ASN A 247 48.66 -15.12 -13.53
C ASN A 247 50.02 -14.48 -13.29
N ILE A 248 50.84 -14.41 -14.34
CA ILE A 248 52.15 -13.76 -14.22
C ILE A 248 51.96 -12.28 -13.92
N LEU A 249 50.96 -11.67 -14.54
CA LEU A 249 50.64 -10.28 -14.28
C LEU A 249 50.14 -10.07 -12.86
N ASP A 250 49.39 -11.04 -12.36
CA ASP A 250 48.86 -10.95 -11.02
C ASP A 250 49.97 -10.94 -9.99
N THR A 251 50.96 -11.81 -10.16
CA THR A 251 52.07 -11.79 -9.20
C THR A 251 52.99 -10.60 -9.43
N GLU A 252 53.15 -10.18 -10.68
CA GLU A 252 54.12 -9.14 -10.97
C GLU A 252 53.71 -7.80 -10.41
N ILE A 253 52.41 -7.49 -10.45
CA ILE A 253 52.02 -6.19 -9.92
C ILE A 253 52.21 -6.13 -8.42
N LYS A 254 52.08 -7.27 -7.74
CA LYS A 254 52.29 -7.27 -6.31
C LYS A 254 53.76 -7.12 -5.98
N LEU A 255 54.62 -7.72 -6.79
CA LEU A 255 56.05 -7.56 -6.57
C LEU A 255 56.52 -6.16 -6.92
N SER A 256 55.91 -5.54 -7.93
CA SER A 256 56.28 -4.18 -8.28
C SER A 256 55.80 -3.19 -7.24
N VAL A 257 54.68 -3.49 -6.57
CA VAL A 257 54.23 -2.61 -5.51
C VAL A 257 55.20 -2.70 -4.36
N PHE A 258 55.64 -3.90 -4.04
CA PHE A 258 56.64 -4.01 -2.98
C PHE A 258 57.97 -3.39 -3.36
N THR A 259 58.35 -3.47 -4.63
CA THR A 259 59.61 -2.85 -5.07
C THR A 259 59.59 -1.34 -4.89
N GLN A 260 58.53 -0.69 -5.38
CA GLN A 260 58.49 0.75 -5.16
C GLN A 260 58.28 1.10 -3.71
N PHE A 261 57.76 0.19 -2.90
CA PHE A 261 57.59 0.52 -1.50
C PHE A 261 58.93 0.51 -0.79
N ARG A 262 59.71 -0.55 -0.96
CA ARG A 262 61.02 -0.57 -0.32
C ARG A 262 61.94 0.50 -0.91
N ASP A 263 61.79 0.82 -2.19
CA ASP A 263 62.58 1.91 -2.76
C ASP A 263 62.20 3.26 -2.17
N CYS A 264 60.90 3.48 -1.95
CA CYS A 264 60.44 4.70 -1.32
C CYS A 264 60.96 4.81 0.10
N LEU A 265 60.83 3.72 0.85
CA LEU A 265 61.29 3.70 2.23
C LEU A 265 62.79 3.93 2.30
N GLY A 266 63.55 3.37 1.35
CA GLY A 266 64.98 3.60 1.34
C GLY A 266 65.32 5.05 1.02
N GLN A 267 64.54 5.67 0.15
CA GLN A 267 64.81 7.08 -0.15
C GLN A 267 64.45 7.95 1.04
N LEU A 268 63.29 7.70 1.66
CA LEU A 268 62.85 8.47 2.81
C LEU A 268 63.77 8.29 3.99
N LYS A 269 64.34 7.11 4.17
CA LYS A 269 65.37 6.93 5.19
C LYS A 269 66.60 7.74 4.87
N ASP A 270 66.84 7.99 3.58
CA ASP A 270 68.02 8.74 3.17
C ASP A 270 67.68 10.22 3.06
N GLY A 271 67.08 10.77 4.14
CA GLY A 271 66.77 12.18 4.28
C GLY A 271 66.23 12.93 3.08
N THR A 272 65.17 12.43 2.45
CA THR A 272 64.67 13.08 1.26
C THR A 272 63.41 13.88 1.52
N ASP A 273 63.08 14.72 0.55
CA ASP A 273 61.90 15.56 0.62
C ASP A 273 60.70 14.75 0.18
N ILE A 274 59.55 15.07 0.74
CA ILE A 274 58.37 14.35 0.31
C ILE A 274 57.93 14.84 -1.05
N GLU A 275 58.22 16.12 -1.33
CA GLU A 275 57.83 16.74 -2.58
C GLU A 275 58.57 16.17 -3.79
N VAL A 276 59.83 15.78 -3.64
CA VAL A 276 60.47 15.16 -4.78
C VAL A 276 60.03 13.71 -4.99
N VAL A 277 59.73 13.00 -3.90
CA VAL A 277 59.35 11.59 -3.98
C VAL A 277 57.95 11.42 -4.54
N VAL A 278 57.03 12.32 -4.19
CA VAL A 278 55.63 12.20 -4.62
C VAL A 278 55.51 12.19 -6.14
N SER A 279 56.31 13.00 -6.83
CA SER A 279 56.22 13.02 -8.29
C SER A 279 56.76 11.76 -8.95
N LYS A 280 57.40 10.87 -8.20
CA LYS A 280 58.07 9.69 -8.77
C LYS A 280 57.48 8.36 -8.34
N TYR A 281 57.00 8.24 -7.11
CA TYR A 281 56.51 6.96 -6.61
C TYR A 281 55.01 7.01 -6.43
N ILE A 282 54.40 5.84 -6.43
CA ILE A 282 52.95 5.75 -6.35
C ILE A 282 52.49 6.16 -4.96
N PHE A 283 51.19 6.38 -4.83
CA PHE A 283 50.63 6.89 -3.58
C PHE A 283 50.73 5.88 -2.44
N GLN A 284 50.43 4.62 -2.74
CA GLN A 284 50.36 3.58 -1.72
C GLN A 284 51.71 3.31 -1.07
N ALA A 285 52.78 3.44 -1.83
CA ALA A 285 54.11 3.19 -1.31
C ALA A 285 54.54 4.30 -0.39
N ILE A 286 54.28 5.54 -0.79
CA ILE A 286 54.69 6.66 0.02
C ILE A 286 53.84 6.74 1.26
N LEU A 287 52.61 6.25 1.19
CA LEU A 287 51.78 6.24 2.37
C LEU A 287 52.31 5.25 3.40
N LEU A 288 52.60 4.02 2.97
CA LEU A 288 53.08 3.03 3.92
C LEU A 288 54.46 3.36 4.46
N SER A 289 55.34 3.88 3.60
CA SER A 289 56.68 4.22 4.07
C SER A 289 56.61 5.38 5.04
N ALA A 290 55.69 6.31 4.81
CA ALA A 290 55.54 7.42 5.73
C ALA A 290 54.97 6.95 7.05
N GLN A 291 54.05 5.98 7.00
CA GLN A 291 53.49 5.46 8.23
C GLN A 291 54.52 4.70 9.05
N VAL A 292 55.40 3.97 8.38
CA VAL A 292 56.41 3.21 9.08
C VAL A 292 57.41 4.14 9.74
N MET A 293 57.85 5.17 9.00
CA MET A 293 58.82 6.08 9.60
C MET A 293 58.18 6.92 10.70
N TRP A 294 56.90 7.24 10.56
CA TRP A 294 56.22 8.02 11.58
C TRP A 294 56.10 7.25 12.88
N THR A 295 55.67 5.98 12.80
CA THR A 295 55.56 5.22 14.03
C THR A 295 56.93 4.89 14.59
N GLU A 296 57.93 4.80 13.72
CA GLU A 296 59.28 4.51 14.19
C GLU A 296 59.86 5.66 14.97
N LEU A 297 59.65 6.89 14.49
CA LEU A 297 60.16 8.03 15.22
C LEU A 297 59.32 8.34 16.45
N VAL A 298 58.05 7.95 16.44
CA VAL A 298 57.26 8.28 17.60
C VAL A 298 57.47 7.24 18.68
N GLU A 299 57.94 6.05 18.35
CA GLU A 299 58.25 5.09 19.38
C GLU A 299 59.37 5.56 20.30
N LYS A 300 60.46 6.08 19.73
CA LYS A 300 61.48 6.66 20.59
C LYS A 300 61.05 7.99 21.16
N CYS A 301 60.12 8.69 20.51
CA CYS A 301 59.65 9.93 21.08
C CYS A 301 58.78 9.68 22.31
N LEU A 302 58.13 8.52 22.37
CA LEU A 302 57.35 8.16 23.55
C LEU A 302 58.24 8.01 24.77
N GLN A 303 59.50 7.62 24.56
CA GLN A 303 60.43 7.49 25.67
C GLN A 303 61.11 8.80 25.99
N THR A 304 61.57 9.52 24.97
CA THR A 304 62.34 10.72 25.26
C THR A 304 61.42 11.91 25.56
N ASN A 305 60.14 11.82 25.18
CA ASN A 305 59.12 12.85 25.43
C ASN A 305 59.49 14.21 24.81
N GLN A 306 59.84 14.17 23.53
CA GLN A 306 60.19 15.35 22.73
C GLN A 306 59.15 15.56 21.65
N PHE A 307 57.87 15.45 22.04
CA PHE A 307 56.75 15.57 21.12
C PHE A 307 56.73 16.89 20.35
N SER A 308 57.14 17.99 20.97
CA SER A 308 57.14 19.25 20.26
C SER A 308 58.10 19.28 19.07
N LYS A 309 59.22 18.57 19.15
CA LYS A 309 60.20 18.60 18.07
C LYS A 309 59.71 17.88 16.82
N TYR A 310 59.00 16.80 17.01
CA TYR A 310 58.54 16.07 15.86
C TYR A 310 57.22 16.64 15.41
N TRP A 311 56.53 17.31 16.33
CA TRP A 311 55.31 17.98 15.98
C TRP A 311 55.62 19.10 15.00
N LYS A 312 56.69 19.85 15.29
CA LYS A 312 57.09 20.92 14.38
C LYS A 312 57.64 20.38 13.06
N GLU A 313 58.32 19.23 13.07
CA GLU A 313 58.80 18.71 11.79
C GLU A 313 57.65 18.26 10.90
N VAL A 314 56.63 17.62 11.48
CA VAL A 314 55.49 17.21 10.68
C VAL A 314 54.72 18.43 10.20
N ASP A 315 54.57 19.46 11.05
CA ASP A 315 53.87 20.67 10.63
C ASP A 315 54.61 21.37 9.50
N MET A 316 55.94 21.34 9.52
CA MET A 316 56.69 21.92 8.41
C MET A 316 56.47 21.11 7.15
N LYS A 317 56.34 19.80 7.29
CA LYS A 317 56.08 19.00 6.11
C LYS A 317 54.67 19.21 5.59
N ILE A 318 53.73 19.48 6.49
CA ILE A 318 52.37 19.76 6.09
C ILE A 318 52.30 21.06 5.31
N LYS A 319 52.92 22.11 5.83
CA LYS A 319 52.92 23.37 5.08
C LYS A 319 53.69 23.25 3.77
N GLY A 320 54.72 22.40 3.72
CA GLY A 320 55.42 22.21 2.46
C GLY A 320 54.53 21.53 1.44
N LEU A 321 53.73 20.58 1.89
CA LEU A 321 52.81 19.94 0.97
C LEU A 321 51.62 20.81 0.66
N LEU A 322 51.31 21.76 1.54
CA LEU A 322 50.24 22.72 1.25
C LEU A 322 50.65 23.67 0.16
N ASP A 323 51.88 24.19 0.21
CA ASP A 323 52.30 25.07 -0.85
C ASP A 323 52.48 24.33 -2.16
N LYS A 324 52.89 23.06 -2.11
CA LYS A 324 52.99 22.35 -3.38
C LYS A 324 51.61 21.98 -3.92
N LEU A 325 50.60 21.94 -3.06
CA LEU A 325 49.25 21.59 -3.50
C LEU A 325 48.66 22.64 -4.43
N ASN A 326 48.78 23.92 -4.10
CA ASN A 326 48.22 24.94 -4.98
C ASN A 326 48.92 25.06 -6.32
N LYS A 327 50.15 24.57 -6.44
CA LYS A 327 50.90 24.62 -7.68
C LYS A 327 51.00 23.24 -8.30
N SER A 328 49.97 22.42 -8.11
CA SER A 328 50.01 21.02 -8.53
C SER A 328 48.98 20.75 -9.61
N SER A 329 49.36 19.87 -10.54
CA SER A 329 48.45 19.42 -11.57
C SER A 329 47.36 18.52 -11.01
N ASP A 330 46.28 18.36 -11.78
CA ASP A 330 45.10 17.63 -11.33
C ASP A 330 45.40 16.16 -11.01
N ASN A 331 46.37 15.55 -11.69
CA ASN A 331 46.69 14.15 -11.43
C ASN A 331 47.27 13.97 -10.04
N VAL A 332 48.28 14.75 -9.72
CA VAL A 332 48.97 14.64 -8.44
C VAL A 332 48.21 15.33 -7.32
N LYS A 333 47.19 16.13 -7.66
CA LYS A 333 46.47 16.88 -6.64
C LYS A 333 45.70 15.98 -5.68
N LYS A 334 45.09 14.91 -6.20
CA LYS A 334 44.39 13.99 -5.31
C LYS A 334 45.36 13.21 -4.43
N LYS A 335 46.55 12.94 -4.97
CA LYS A 335 47.59 12.27 -4.21
C LYS A 335 48.05 13.13 -3.06
N ILE A 336 48.19 14.42 -3.32
CA ILE A 336 48.62 15.33 -2.28
C ILE A 336 47.53 15.46 -1.21
N GLU A 337 46.27 15.52 -1.62
CA GLU A 337 45.20 15.60 -0.62
C GLU A 337 45.12 14.34 0.23
N ALA A 338 45.37 13.20 -0.41
CA ALA A 338 45.38 11.93 0.29
C ALA A 338 46.52 11.85 1.28
N LEU A 339 47.63 12.51 0.99
CA LEU A 339 48.67 12.51 2.00
C LEU A 339 48.45 13.56 3.08
N LEU A 340 47.72 14.64 2.79
CA LEU A 340 47.47 15.62 3.85
C LEU A 340 46.51 15.09 4.90
N VAL A 341 45.51 14.31 4.50
CA VAL A 341 44.61 13.78 5.51
C VAL A 341 45.37 12.84 6.47
N GLU A 342 46.31 12.08 5.94
CA GLU A 342 47.15 11.22 6.77
C GLU A 342 48.08 12.03 7.66
N TYR A 343 48.63 13.11 7.13
CA TYR A 343 49.52 13.92 7.94
C TYR A 343 48.77 14.64 9.03
N LEU A 344 47.51 15.00 8.79
CA LEU A 344 46.70 15.55 9.85
C LEU A 344 46.44 14.52 10.92
N HIS A 345 46.33 13.26 10.51
CA HIS A 345 46.17 12.24 11.53
C HIS A 345 47.43 12.08 12.36
N PHE A 346 48.60 12.13 11.71
CA PHE A 346 49.83 12.01 12.49
C PHE A 346 49.98 13.17 13.47
N ASN A 347 49.69 14.38 13.00
CA ASN A 347 49.79 15.54 13.87
C ASN A 347 48.76 15.55 14.98
N ASN A 348 47.57 15.04 14.70
CA ASN A 348 46.56 14.97 15.73
C ASN A 348 46.94 14.00 16.83
N VAL A 349 47.56 12.89 16.44
CA VAL A 349 47.99 11.94 17.44
C VAL A 349 49.10 12.52 18.29
N ILE A 350 50.07 13.19 17.66
CA ILE A 350 51.15 13.79 18.42
C ILE A 350 50.65 14.89 19.34
N GLY A 351 49.68 15.67 18.88
CA GLY A 351 49.11 16.71 19.73
C GLY A 351 48.41 16.15 20.94
N GLN A 352 47.70 15.05 20.75
CA GLN A 352 47.06 14.44 21.89
C GLN A 352 48.06 13.77 22.81
N LEU A 353 49.14 13.24 22.26
CA LEU A 353 50.17 12.63 23.09
C LEU A 353 50.95 13.66 23.87
N LYS A 354 51.06 14.86 23.32
CA LYS A 354 51.80 15.91 23.99
C LYS A 354 51.06 16.39 25.23
N ASN A 355 49.75 16.38 25.20
CA ASN A 355 48.96 16.91 26.29
C ASN A 355 48.72 15.90 27.39
N CYS A 356 49.28 14.70 27.28
CA CYS A 356 49.11 13.73 28.35
C CYS A 356 49.89 14.13 29.60
N SER A 357 49.39 13.66 30.74
CA SER A 357 50.07 13.95 31.99
C SER A 357 51.36 13.15 32.08
N THR A 358 51.23 11.83 32.07
CA THR A 358 52.39 10.97 32.18
C THR A 358 52.40 9.90 31.09
N LYS A 359 53.33 8.96 31.22
CA LYS A 359 53.46 7.87 30.28
C LYS A 359 52.27 6.93 30.28
N GLU A 360 51.46 6.97 31.35
CA GLU A 360 50.32 6.07 31.44
C GLU A 360 49.25 6.42 30.41
N GLU A 361 48.82 7.68 30.36
CA GLU A 361 47.87 8.07 29.33
C GLU A 361 48.47 7.99 27.94
N ALA A 362 49.79 8.18 27.84
CA ALA A 362 50.44 8.07 26.55
C ALA A 362 50.43 6.66 26.02
N ARG A 363 50.59 5.67 26.91
CA ARG A 363 50.54 4.31 26.45
C ARG A 363 49.12 3.85 26.24
N LEU A 364 48.19 4.40 27.02
CA LEU A 364 46.79 4.11 26.80
C LEU A 364 46.33 4.63 25.45
N LEU A 365 46.77 5.83 25.09
CA LEU A 365 46.45 6.37 23.79
C LEU A 365 47.16 5.63 22.68
N TRP A 366 48.42 5.26 22.91
CA TRP A 366 49.15 4.64 21.84
C TRP A 366 48.68 3.22 21.57
N ALA A 367 48.04 2.58 22.54
CA ALA A 367 47.55 1.25 22.27
C ALA A 367 46.46 1.25 21.22
N LYS A 368 45.66 2.31 21.16
CA LYS A 368 44.55 2.38 20.22
C LYS A 368 44.96 2.82 18.84
N VAL A 369 46.07 3.49 18.71
CA VAL A 369 46.53 3.97 17.42
C VAL A 369 47.13 2.83 16.63
N GLN A 370 46.85 2.78 15.33
CA GLN A 370 47.37 1.73 14.49
C GLN A 370 48.87 1.89 14.30
N LYS A 371 49.62 0.85 14.62
CA LYS A 371 51.07 0.86 14.51
C LYS A 371 51.52 -0.05 13.38
N PHE A 372 52.35 0.47 12.50
CA PHE A 372 52.82 -0.26 11.31
C PHE A 372 54.27 -0.65 11.49
N TYR A 373 54.50 -1.91 11.83
CA TYR A 373 55.86 -2.37 12.00
C TYR A 373 56.28 -3.20 10.82
N GLN A 374 57.57 -3.44 10.78
CA GLN A 374 58.21 -4.18 9.71
C GLN A 374 59.09 -5.25 10.30
N LYS A 375 59.22 -6.34 9.59
CA LYS A 375 60.09 -7.42 10.02
C LYS A 375 61.35 -7.27 9.22
N ASN A 376 62.48 -7.26 9.90
CA ASN A 376 63.76 -7.12 9.23
C ASN A 376 64.32 -8.45 8.82
N ASP A 377 64.02 -9.49 9.61
CA ASP A 377 64.53 -10.83 9.41
C ASP A 377 63.55 -11.72 8.64
N THR A 378 62.59 -11.09 7.96
CA THR A 378 61.51 -11.83 7.31
C THR A 378 62.03 -12.75 6.18
N LEU A 379 62.73 -12.17 5.19
CA LEU A 379 63.09 -12.79 3.91
C LEU A 379 61.88 -13.33 3.15
N ASP A 380 60.70 -12.83 3.50
CA ASP A 380 59.39 -13.21 3.00
C ASP A 380 58.63 -11.95 2.67
N ASP A 381 59.30 -11.12 1.87
CA ASP A 381 59.03 -9.71 1.60
C ASP A 381 57.57 -9.30 1.61
N LEU A 382 56.72 -10.10 0.96
CA LEU A 382 55.29 -9.82 0.96
C LEU A 382 54.67 -9.86 2.35
N ASN A 383 55.34 -10.49 3.30
CA ASN A 383 54.81 -10.58 4.64
C ASN A 383 55.61 -9.75 5.63
N SER A 384 56.32 -8.74 5.15
CA SER A 384 57.22 -8.02 6.04
C SER A 384 56.48 -7.11 7.02
N VAL A 385 55.62 -6.26 6.50
CA VAL A 385 54.93 -5.28 7.32
C VAL A 385 53.66 -5.86 7.91
N PHE A 386 53.48 -5.63 9.21
CA PHE A 386 52.28 -6.01 9.92
C PHE A 386 51.77 -4.84 10.74
N ILE A 387 50.50 -4.90 11.13
CA ILE A 387 49.81 -3.81 11.79
C ILE A 387 49.37 -4.27 13.16
N SER A 388 49.78 -3.54 14.19
CA SER A 388 49.45 -3.84 15.57
C SER A 388 48.49 -2.79 16.10
N GLN A 389 47.45 -3.24 16.78
CA GLN A 389 46.50 -2.31 17.38
C GLN A 389 45.86 -3.01 18.56
N SER A 390 45.98 -2.40 19.74
CA SER A 390 45.42 -2.93 21.00
C SER A 390 45.92 -4.32 21.31
N GLY A 391 47.09 -4.66 20.80
CA GLY A 391 47.67 -5.96 21.05
C GLY A 391 47.43 -6.97 19.95
N TYR A 392 46.58 -6.69 18.99
CA TYR A 392 46.34 -7.67 17.95
C TYR A 392 47.14 -7.31 16.71
N LEU A 393 47.50 -8.33 15.93
CA LEU A 393 48.33 -8.18 14.75
C LEU A 393 47.56 -8.53 13.50
N LEU A 394 47.89 -7.88 12.38
CA LEU A 394 47.25 -8.11 11.10
C LEU A 394 48.25 -7.96 9.98
N GLN A 395 48.36 -8.98 9.14
CA GLN A 395 49.36 -8.97 8.07
C GLN A 395 48.90 -8.09 6.91
N TYR A 396 49.80 -7.24 6.44
CA TYR A 396 49.56 -6.36 5.30
C TYR A 396 49.71 -7.12 3.98
N LYS A 397 48.66 -7.11 3.17
CA LYS A 397 48.71 -7.67 1.82
C LYS A 397 49.07 -6.57 0.82
N PHE A 398 49.91 -6.91 -0.14
CA PHE A 398 50.44 -5.95 -1.11
C PHE A 398 49.58 -5.88 -2.36
N GLU A 399 48.31 -5.59 -2.15
CA GLU A 399 47.35 -5.45 -3.23
C GLU A 399 47.27 -3.99 -3.67
N TYR A 400 47.31 -3.76 -4.98
CA TYR A 400 47.30 -2.42 -5.53
C TYR A 400 45.94 -1.77 -5.30
N ILE A 401 45.92 -0.53 -4.80
CA ILE A 401 44.65 0.14 -4.57
C ILE A 401 44.50 1.44 -5.33
N GLY A 402 45.52 1.90 -6.04
CA GLY A 402 45.34 3.15 -6.77
C GLY A 402 45.32 4.38 -5.88
N ILE A 403 44.40 5.29 -6.17
CA ILE A 403 44.21 6.50 -5.38
C ILE A 403 42.78 6.56 -4.84
N PRO A 404 42.50 5.88 -3.74
CA PRO A 404 41.16 5.90 -3.16
C PRO A 404 40.91 7.10 -2.29
N GLU A 405 39.62 7.41 -2.09
CA GLU A 405 39.23 8.55 -1.26
C GLU A 405 39.43 8.22 0.20
N ARG A 406 39.90 9.19 0.96
CA ARG A 406 40.24 8.97 2.35
C ARG A 406 39.24 9.63 3.29
N LEU A 407 38.73 8.88 4.24
CA LEU A 407 37.81 9.43 5.22
C LEU A 407 38.54 10.30 6.23
N ILE A 408 37.82 11.24 6.82
CA ILE A 408 38.39 12.05 7.90
C ILE A 408 38.57 11.17 9.13
N TYR A 409 39.76 11.18 9.71
CA TYR A 409 40.01 10.39 10.91
C TYR A 409 39.28 11.01 12.09
N THR A 410 38.44 10.22 12.73
CA THR A 410 37.60 10.68 13.83
C THR A 410 37.65 9.57 14.86
N PRO A 411 37.35 9.88 16.13
CA PRO A 411 37.40 8.82 17.16
C PRO A 411 36.52 7.65 16.83
N LEU A 412 35.31 7.90 16.33
CA LEU A 412 34.40 6.81 16.04
C LEU A 412 34.92 5.96 14.89
N LEU A 413 35.68 6.54 13.97
CA LEU A 413 36.29 5.73 12.92
C LEU A 413 37.30 4.76 13.50
N LEU A 414 38.10 5.20 14.47
CA LEU A 414 39.04 4.28 15.09
C LEU A 414 38.34 3.26 15.98
N ILE A 415 37.19 3.61 16.56
CA ILE A 415 36.44 2.62 17.31
C ILE A 415 35.90 1.55 16.37
N GLY A 416 35.43 1.95 15.19
CA GLY A 416 35.00 0.95 14.22
C GLY A 416 36.15 0.07 13.75
N PHE A 417 37.33 0.66 13.59
CA PHE A 417 38.49 -0.16 13.25
C PHE A 417 38.85 -1.11 14.38
N ALA A 418 38.66 -0.68 15.62
CA ALA A 418 38.97 -1.56 16.73
C ALA A 418 37.98 -2.70 16.83
N THR A 419 36.72 -2.46 16.50
CA THR A 419 35.76 -3.54 16.52
C THR A 419 36.04 -4.55 15.41
N LEU A 420 36.49 -4.06 14.26
CA LEU A 420 36.80 -5.00 13.18
C LEU A 420 38.01 -5.84 13.50
N THR A 421 39.08 -5.24 14.01
CA THR A 421 40.26 -6.04 14.31
C THR A 421 40.03 -6.94 15.52
N ASP A 422 39.13 -6.56 16.41
CA ASP A 422 38.83 -7.42 17.54
C ASP A 422 38.03 -8.64 17.09
N SER A 423 37.11 -8.47 16.16
CA SER A 423 36.38 -9.63 15.67
C SER A 423 37.26 -10.51 14.82
N LEU A 424 38.13 -9.92 14.01
CA LEU A 424 39.01 -10.70 13.16
C LEU A 424 40.06 -11.43 13.95
N HIS A 425 40.41 -10.93 15.14
CA HIS A 425 41.41 -11.62 15.93
C HIS A 425 40.92 -12.99 16.32
N GLN A 426 39.62 -13.13 16.57
CA GLN A 426 39.05 -14.42 16.88
C GLN A 426 38.38 -15.08 15.70
N LYS A 427 38.67 -14.62 14.48
CA LYS A 427 38.11 -15.19 13.25
C LYS A 427 36.59 -15.15 13.24
N TYR A 428 36.03 -14.08 13.74
CA TYR A 428 34.59 -13.87 13.73
C TYR A 428 34.19 -12.89 12.65
N GLY A 429 33.01 -13.10 12.08
CA GLY A 429 32.53 -12.24 11.02
C GLY A 429 32.11 -10.90 11.62
N GLY A 430 32.41 -9.82 10.92
CA GLY A 430 32.06 -8.48 11.38
C GLY A 430 30.76 -7.93 10.82
N CYS A 431 29.99 -7.28 11.70
CA CYS A 431 28.71 -6.70 11.28
C CYS A 431 28.28 -5.59 12.21
N PHE A 432 27.76 -4.51 11.63
CA PHE A 432 27.27 -3.39 12.43
C PHE A 432 26.07 -2.69 11.82
N PHE A 433 25.11 -2.42 12.69
CA PHE A 433 23.88 -1.75 12.32
C PHE A 433 23.94 -0.31 12.78
N GLY A 434 23.04 0.49 12.22
CA GLY A 434 22.91 1.86 12.61
C GLY A 434 22.13 2.62 11.56
N PRO A 435 21.81 3.88 11.85
CA PRO A 435 21.06 4.69 10.88
C PRO A 435 21.86 4.92 9.61
N ALA A 436 21.15 5.11 8.51
CA ALA A 436 21.82 5.32 7.24
C ALA A 436 22.50 6.68 7.24
N GLY A 437 23.61 6.77 6.53
CA GLY A 437 24.35 8.00 6.50
C GLY A 437 25.48 8.12 7.48
N THR A 438 25.92 7.02 8.07
CA THR A 438 27.00 7.08 9.04
C THR A 438 28.29 6.52 8.49
N GLY A 439 28.30 6.03 7.27
CA GLY A 439 29.53 5.56 6.68
C GLY A 439 29.96 4.17 7.10
N LYS A 440 29.04 3.21 7.00
CA LYS A 440 29.40 1.86 7.38
C LYS A 440 30.32 1.22 6.33
N THR A 441 29.91 1.25 5.07
CA THR A 441 30.72 0.63 4.04
C THR A 441 31.96 1.44 3.76
N GLU A 442 31.86 2.75 3.91
CA GLU A 442 33.04 3.58 3.75
C GLU A 442 34.06 3.24 4.80
N THR A 443 33.61 2.90 6.00
CA THR A 443 34.53 2.48 7.04
C THR A 443 35.16 1.14 6.71
N VAL A 444 34.37 0.22 6.17
CA VAL A 444 34.92 -1.08 5.82
C VAL A 444 35.91 -0.98 4.68
N LYS A 445 35.59 -0.17 3.67
CA LYS A 445 36.51 0.01 2.56
C LYS A 445 37.78 0.70 2.99
N ALA A 446 37.66 1.70 3.86
CA ALA A 446 38.85 2.34 4.38
C ALA A 446 39.69 1.39 5.21
N PHE A 447 39.03 0.48 5.91
CA PHE A 447 39.76 -0.54 6.65
C PHE A 447 40.51 -1.45 5.71
N GLY A 448 39.93 -1.77 4.56
CA GLY A 448 40.62 -2.60 3.60
C GLY A 448 41.77 -1.90 2.92
N GLN A 449 41.59 -0.62 2.62
CA GLN A 449 42.66 0.15 2.00
C GLN A 449 43.83 0.31 2.95
N ASN A 450 43.58 0.46 4.24
CA ASN A 450 44.69 0.58 5.18
C ASN A 450 45.54 -0.67 5.22
N LEU A 451 45.01 -1.82 4.85
CA LEU A 451 45.81 -3.02 4.85
C LEU A 451 46.15 -3.44 3.43
N GLY A 452 45.83 -2.60 2.46
CA GLY A 452 46.12 -2.93 1.09
C GLY A 452 45.23 -4.05 0.62
N ARG A 453 43.94 -3.84 0.72
CA ARG A 453 42.96 -4.81 0.28
C ARG A 453 41.85 -4.07 -0.44
N VAL A 454 41.30 -4.71 -1.46
CA VAL A 454 40.19 -4.18 -2.21
C VAL A 454 38.92 -4.92 -1.81
N VAL A 455 38.10 -4.27 -1.01
CA VAL A 455 36.89 -4.91 -0.52
C VAL A 455 35.89 -4.95 -1.65
N VAL A 456 35.42 -6.15 -1.99
CA VAL A 456 34.45 -6.29 -3.06
C VAL A 456 33.08 -6.10 -2.43
N VAL A 457 32.34 -5.12 -2.90
CA VAL A 457 31.03 -4.84 -2.35
C VAL A 457 29.95 -5.58 -3.13
N PHE A 458 29.01 -6.17 -2.41
CA PHE A 458 27.88 -6.87 -3.02
C PHE A 458 26.57 -6.12 -2.86
N ASN A 459 26.10 -5.49 -3.93
CA ASN A 459 24.82 -4.81 -3.87
C ASN A 459 23.70 -5.82 -4.03
N CYS A 460 22.72 -5.74 -3.15
CA CYS A 460 21.74 -6.79 -2.94
C CYS A 460 20.32 -6.30 -3.20
N ASP A 461 19.47 -7.22 -3.66
CA ASP A 461 18.05 -7.00 -3.98
C ASP A 461 17.75 -5.96 -5.05
N ASP A 462 18.74 -5.22 -5.55
CA ASP A 462 18.48 -4.28 -6.64
C ASP A 462 18.35 -5.05 -7.96
N SER A 463 17.29 -5.88 -7.99
CA SER A 463 16.99 -6.88 -9.02
C SER A 463 18.20 -7.78 -9.13
N PHE A 464 18.68 -8.19 -7.97
CA PHE A 464 19.92 -8.91 -7.85
C PHE A 464 19.52 -10.35 -7.53
N ASP A 465 19.95 -11.27 -8.37
CA ASP A 465 19.61 -12.67 -8.21
C ASP A 465 20.56 -13.34 -7.22
N TYR A 466 20.35 -14.63 -7.04
CA TYR A 466 21.13 -15.42 -6.11
C TYR A 466 22.18 -16.29 -6.77
N GLN A 467 22.10 -16.51 -8.08
CA GLN A 467 23.09 -17.34 -8.73
C GLN A 467 24.44 -16.64 -8.75
N VAL A 468 24.46 -15.41 -9.27
CA VAL A 468 25.68 -14.64 -9.37
C VAL A 468 26.25 -14.34 -7.98
N LEU A 469 25.40 -14.25 -6.96
CA LEU A 469 25.92 -14.01 -5.61
C LEU A 469 26.70 -15.22 -5.14
N SER A 470 26.24 -16.42 -5.47
CA SER A 470 26.97 -17.60 -5.05
C SER A 470 28.25 -17.75 -5.85
N ARG A 471 28.25 -17.29 -7.09
CA ARG A 471 29.48 -17.33 -7.87
C ARG A 471 30.51 -16.36 -7.29
N LEU A 472 30.06 -15.19 -6.83
CA LEU A 472 30.98 -14.27 -6.19
C LEU A 472 31.47 -14.79 -4.85
N LEU A 473 30.64 -15.50 -4.12
CA LEU A 473 31.10 -16.04 -2.85
C LEU A 473 32.13 -17.13 -3.04
N VAL A 474 31.96 -17.99 -4.04
CA VAL A 474 32.97 -19.01 -4.23
C VAL A 474 34.27 -18.37 -4.71
N GLY A 475 34.18 -17.28 -5.48
CA GLY A 475 35.42 -16.69 -5.93
C GLY A 475 36.12 -15.94 -4.82
N ILE A 476 35.36 -15.29 -3.93
CA ILE A 476 36.04 -14.56 -2.88
C ILE A 476 36.56 -15.52 -1.82
N THR A 477 35.97 -16.71 -1.74
CA THR A 477 36.41 -17.72 -0.81
C THR A 477 37.65 -18.42 -1.33
N GLN A 478 37.89 -18.29 -2.63
CA GLN A 478 39.12 -18.89 -3.11
C GLN A 478 40.24 -17.86 -3.06
N ILE A 479 39.97 -16.64 -3.53
CA ILE A 479 41.01 -15.62 -3.57
C ILE A 479 41.43 -15.19 -2.18
N GLY A 480 40.52 -15.21 -1.21
CA GLY A 480 40.85 -14.69 0.09
C GLY A 480 40.68 -13.20 0.22
N ALA A 481 39.81 -12.61 -0.58
CA ALA A 481 39.51 -11.19 -0.48
C ALA A 481 38.47 -10.99 0.60
N TRP A 482 38.09 -9.74 0.83
CA TRP A 482 37.14 -9.42 1.88
C TRP A 482 35.85 -8.95 1.24
N GLY A 483 34.72 -9.49 1.67
CA GLY A 483 33.43 -9.13 1.10
C GLY A 483 32.57 -8.39 2.10
N CYS A 484 31.90 -7.35 1.64
CA CYS A 484 31.00 -6.58 2.48
C CYS A 484 29.59 -6.60 1.92
N PHE A 485 28.65 -7.04 2.73
CA PHE A 485 27.25 -7.07 2.34
C PHE A 485 26.61 -5.75 2.76
N ASP A 486 26.50 -4.86 1.79
CA ASP A 486 25.94 -3.54 2.02
C ASP A 486 24.43 -3.63 2.13
N GLN A 487 23.91 -3.20 3.29
CA GLN A 487 22.47 -3.09 3.54
C GLN A 487 21.78 -4.45 3.38
N PHE A 488 22.16 -5.35 4.27
CA PHE A 488 21.73 -6.74 4.13
C PHE A 488 20.28 -6.97 4.43
N ASN A 489 19.64 -6.08 5.20
CA ASN A 489 18.24 -6.30 5.58
C ASN A 489 17.30 -6.26 4.39
N ARG A 490 17.59 -5.46 3.37
CA ARG A 490 16.68 -5.38 2.24
C ARG A 490 16.95 -6.58 1.33
N LEU A 491 16.37 -7.72 1.71
CA LEU A 491 16.50 -8.92 0.90
C LEU A 491 15.21 -9.71 0.96
N ASP A 492 15.00 -10.59 -0.01
CA ASP A 492 13.83 -11.45 0.07
C ASP A 492 14.11 -12.59 1.03
N GLU A 493 13.06 -13.12 1.65
CA GLU A 493 13.26 -14.13 2.68
C GLU A 493 13.88 -15.42 2.15
N LYS A 494 13.55 -15.82 0.92
CA LYS A 494 14.17 -17.03 0.39
C LYS A 494 15.63 -16.80 0.02
N VAL A 495 15.94 -15.64 -0.56
CA VAL A 495 17.32 -15.37 -0.90
C VAL A 495 18.12 -15.10 0.36
N LEU A 496 17.54 -14.37 1.32
CA LEU A 496 18.23 -14.08 2.57
C LEU A 496 18.51 -15.35 3.35
N SER A 497 17.60 -16.32 3.30
CA SER A 497 17.85 -17.56 4.02
C SER A 497 18.97 -18.36 3.37
N ALA A 498 18.96 -18.44 2.04
CA ALA A 498 19.99 -19.26 1.40
C ALA A 498 21.37 -18.60 1.51
N VAL A 499 21.43 -17.27 1.38
CA VAL A 499 22.72 -16.60 1.48
C VAL A 499 23.22 -16.66 2.91
N SER A 500 22.32 -16.52 3.89
CA SER A 500 22.72 -16.63 5.29
C SER A 500 23.24 -18.01 5.59
N ALA A 501 22.72 -19.02 4.90
CA ALA A 501 23.25 -20.36 5.08
C ALA A 501 24.67 -20.44 4.54
N ASN A 502 24.91 -19.81 3.39
CA ASN A 502 26.24 -19.85 2.81
C ASN A 502 27.25 -19.11 3.67
N ILE A 503 26.83 -17.98 4.23
CA ILE A 503 27.69 -17.21 5.13
C ILE A 503 28.00 -18.01 6.38
N GLN A 504 27.03 -18.78 6.85
CA GLN A 504 27.25 -19.62 8.02
C GLN A 504 28.30 -20.67 7.72
N GLN A 505 28.27 -21.23 6.50
CA GLN A 505 29.28 -22.22 6.15
C GLN A 505 30.66 -21.60 6.06
N ILE A 506 30.75 -20.39 5.53
CA ILE A 506 32.03 -19.72 5.42
C ILE A 506 32.62 -19.42 6.79
N GLN A 507 31.81 -18.83 7.67
CA GLN A 507 32.32 -18.47 8.97
C GLN A 507 32.66 -19.68 9.81
N ASN A 508 31.91 -20.76 9.64
CA ASN A 508 32.24 -21.94 10.41
C ASN A 508 33.51 -22.56 9.88
N GLY A 509 33.75 -22.48 8.58
CA GLY A 509 34.99 -22.97 8.04
C GLY A 509 36.17 -22.14 8.49
N LEU A 510 35.94 -20.85 8.72
CA LEU A 510 37.02 -20.01 9.22
C LEU A 510 37.32 -20.32 10.67
N GLN A 511 36.28 -20.42 11.51
CA GLN A 511 36.52 -20.67 12.92
C GLN A 511 37.14 -22.04 13.14
N VAL A 512 36.69 -23.05 12.42
CA VAL A 512 37.31 -24.35 12.62
C VAL A 512 38.63 -24.44 11.88
N GLY A 513 38.71 -23.89 10.67
CA GLY A 513 39.94 -23.93 9.91
C GLY A 513 40.01 -24.96 8.80
N LYS A 514 38.88 -25.47 8.33
CA LYS A 514 38.87 -26.46 7.26
C LYS A 514 39.40 -25.88 5.97
N SER A 515 40.29 -26.62 5.31
CA SER A 515 40.84 -26.14 4.04
C SER A 515 39.80 -26.18 2.94
N HIS A 516 39.02 -27.24 2.87
CA HIS A 516 38.01 -27.41 1.83
C HIS A 516 36.62 -27.40 2.43
N ILE A 517 35.72 -26.64 1.82
CA ILE A 517 34.33 -26.57 2.23
C ILE A 517 33.41 -26.86 1.07
N THR A 518 32.23 -27.35 1.40
CA THR A 518 31.21 -27.71 0.43
C THR A 518 30.28 -26.52 0.33
N LEU A 519 30.33 -25.82 -0.80
CA LEU A 519 29.42 -24.73 -1.05
C LEU A 519 28.80 -24.96 -2.41
N LEU A 520 27.48 -24.74 -2.49
CA LEU A 520 26.69 -24.98 -3.71
C LEU A 520 26.81 -26.45 -4.14
N GLU A 521 27.02 -27.34 -3.16
CA GLU A 521 27.30 -28.77 -3.33
C GLU A 521 28.56 -28.97 -4.16
N GLU A 522 29.45 -27.99 -4.10
CA GLU A 522 30.71 -28.01 -4.81
C GLU A 522 31.86 -27.95 -3.81
N GLU A 523 32.78 -28.91 -3.92
CA GLU A 523 33.97 -28.90 -3.09
C GLU A 523 34.91 -27.79 -3.53
N THR A 524 35.40 -27.01 -2.58
CA THR A 524 36.24 -25.90 -2.97
C THR A 524 37.19 -25.56 -1.84
N PRO A 525 38.41 -25.17 -2.14
CA PRO A 525 39.32 -24.80 -1.07
C PRO A 525 38.91 -23.47 -0.47
N LEU A 526 39.32 -23.28 0.78
CA LEU A 526 38.99 -22.09 1.55
C LEU A 526 40.28 -21.43 1.99
N SER A 527 40.53 -20.24 1.50
CA SER A 527 41.72 -19.60 2.01
C SER A 527 41.43 -18.97 3.37
N PRO A 528 42.36 -19.04 4.31
CA PRO A 528 42.12 -18.52 5.66
C PRO A 528 42.05 -17.02 5.73
N HIS A 529 42.35 -16.30 4.66
CA HIS A 529 42.37 -14.85 4.72
C HIS A 529 41.02 -14.20 4.45
N THR A 530 40.02 -14.94 4.02
CA THR A 530 38.73 -14.34 3.71
C THR A 530 38.00 -13.85 4.94
N ALA A 531 37.29 -12.73 4.78
CA ALA A 531 36.49 -12.18 5.85
C ALA A 531 35.24 -11.55 5.27
N VAL A 532 34.15 -11.62 6.02
CA VAL A 532 32.86 -11.11 5.58
C VAL A 532 32.35 -10.09 6.59
N PHE A 533 31.84 -8.98 6.09
CA PHE A 533 31.30 -7.93 6.93
C PHE A 533 29.88 -7.62 6.47
N ILE A 534 29.00 -7.32 7.42
CA ILE A 534 27.58 -7.10 7.17
C ILE A 534 27.14 -5.75 7.71
N THR A 535 26.80 -4.82 6.83
CA THR A 535 26.22 -3.56 7.30
C THR A 535 24.70 -3.62 7.28
N LEU A 536 24.07 -3.08 8.33
CA LEU A 536 22.62 -3.19 8.49
C LEU A 536 21.93 -1.84 8.60
N ASN A 537 21.09 -1.52 7.62
CA ASN A 537 20.23 -0.34 7.69
C ASN A 537 19.25 -0.41 8.86
N PRO A 538 18.75 0.75 9.32
CA PRO A 538 17.79 0.74 10.42
C PRO A 538 16.48 0.08 10.02
N GLY A 539 15.97 -0.77 10.90
CA GLY A 539 14.71 -1.44 10.72
C GLY A 539 13.52 -0.50 10.87
N TYR A 540 12.34 -1.10 10.84
CA TYR A 540 11.08 -0.39 10.97
C TYR A 540 10.30 -0.76 12.21
N ASN A 541 10.53 -1.93 12.77
CA ASN A 541 10.08 -2.28 14.11
C ASN A 541 11.03 -1.77 15.18
N GLY A 542 12.13 -1.14 14.77
CA GLY A 542 13.19 -0.69 15.63
C GLY A 542 14.46 -0.64 14.81
N ARG A 543 15.53 -1.27 15.30
CA ARG A 543 16.72 -1.47 14.49
C ARG A 543 16.65 -2.88 13.91
N SER A 544 17.04 -3.02 12.66
CA SER A 544 17.01 -4.33 12.03
C SER A 544 18.02 -5.27 12.67
N GLU A 545 17.70 -6.56 12.58
CA GLU A 545 18.42 -7.62 13.24
C GLU A 545 18.81 -8.70 12.23
N LEU A 546 19.70 -9.53 12.64
CA LEU A 546 20.20 -10.63 11.86
C LEU A 546 19.35 -11.86 12.07
N PRO A 547 19.37 -12.79 11.13
CA PRO A 547 18.70 -14.08 11.36
C PRO A 547 19.38 -14.81 12.51
N GLU A 548 18.64 -15.73 13.10
CA GLU A 548 19.08 -16.42 14.31
C GLU A 548 20.34 -17.26 14.11
N ASN A 549 20.54 -17.80 12.93
CA ASN A 549 21.73 -18.64 12.73
C ASN A 549 23.01 -17.82 12.74
N LEU A 550 22.94 -16.56 12.40
CA LEU A 550 24.14 -15.77 12.30
C LEU A 550 24.49 -15.05 13.59
N LYS A 551 23.62 -15.06 14.59
CA LYS A 551 23.87 -14.31 15.81
C LYS A 551 25.04 -14.86 16.60
N LYS A 552 25.23 -16.17 16.61
CA LYS A 552 26.32 -16.77 17.35
C LYS A 552 27.63 -16.78 16.59
N SER A 553 27.71 -16.13 15.45
CA SER A 553 28.94 -16.10 14.67
C SER A 553 29.43 -14.71 14.32
N PHE A 554 28.65 -13.67 14.59
CA PHE A 554 29.06 -12.31 14.28
C PHE A 554 29.10 -11.50 15.57
N ARG A 555 29.64 -10.30 15.46
CA ARG A 555 29.71 -9.38 16.58
C ARG A 555 29.06 -8.08 16.15
N GLU A 556 27.94 -7.76 16.77
CA GLU A 556 27.15 -6.60 16.38
C GLU A 556 27.67 -5.33 17.01
N PHE A 557 27.71 -4.28 16.20
CA PHE A 557 28.14 -2.97 16.67
C PHE A 557 27.05 -1.93 16.37
N SER A 558 26.94 -0.97 17.29
CA SER A 558 26.05 0.17 17.20
C SER A 558 26.81 1.33 16.60
N MET A 559 26.63 1.55 15.30
CA MET A 559 27.35 2.57 14.56
C MET A 559 26.41 3.74 14.35
N LYS A 560 26.83 4.91 14.81
CA LYS A 560 26.10 6.16 14.60
C LYS A 560 26.95 7.26 13.97
N SER A 561 26.57 8.50 14.20
CA SER A 561 27.32 9.66 13.74
C SER A 561 27.94 10.48 14.87
N PRO A 562 29.01 11.21 14.55
CA PRO A 562 29.73 12.02 15.55
C PRO A 562 29.03 13.34 15.84
N GLN A 563 29.56 14.01 16.88
CA GLN A 563 29.09 15.31 17.35
C GLN A 563 29.60 16.42 16.43
N SER A 564 30.14 17.54 16.91
CA SER A 564 30.63 18.50 15.92
C SER A 564 31.93 19.24 16.24
N GLY A 565 32.31 19.45 17.50
CA GLY A 565 33.49 20.25 17.81
C GLY A 565 34.79 19.72 17.20
N THR A 566 35.01 18.42 17.31
CA THR A 566 36.25 17.80 16.85
C THR A 566 36.39 17.90 15.32
N ILE A 567 35.34 17.55 14.59
CA ILE A 567 35.37 17.58 13.13
C ILE A 567 35.55 19.02 12.64
N ALA A 568 34.91 19.96 13.34
CA ALA A 568 35.01 21.38 13.02
C ALA A 568 36.47 21.83 13.17
N GLU A 569 37.09 21.46 14.29
CA GLU A 569 38.49 21.79 14.55
C GLU A 569 39.38 21.18 13.47
N MET A 570 39.12 19.94 13.07
CA MET A 570 39.96 19.27 12.06
C MET A 570 39.87 19.99 10.71
N ILE A 571 38.67 20.34 10.29
CA ILE A 571 38.49 21.03 9.00
C ILE A 571 39.15 22.40 9.06
N LEU A 572 39.03 23.09 10.19
CA LEU A 572 39.69 24.38 10.39
C LEU A 572 41.20 24.22 10.34
N GLN A 573 41.69 23.11 10.86
CA GLN A 573 43.11 22.79 10.75
C GLN A 573 43.48 22.66 9.29
N ILE A 574 42.60 22.08 8.47
CA ILE A 574 42.91 21.91 7.05
C ILE A 574 43.03 23.28 6.39
N MET A 575 41.98 24.09 6.51
CA MET A 575 41.87 25.37 5.82
C MET A 575 42.91 26.42 6.26
N GLY A 576 43.63 26.21 7.35
CA GLY A 576 44.39 27.29 7.95
C GLY A 576 44.03 27.39 9.40
N PHE A 577 44.96 27.11 10.31
CA PHE A 577 44.52 26.76 11.65
C PHE A 577 44.41 27.89 12.66
N GLU A 578 45.24 28.95 12.54
CA GLU A 578 45.42 30.06 13.48
C GLU A 578 44.99 29.73 14.92
N ASP A 579 43.66 29.71 15.15
CA ASP A 579 43.02 29.38 16.43
C ASP A 579 41.90 28.40 16.11
N SER A 580 42.29 27.13 15.87
CA SER A 580 41.35 26.10 15.45
C SER A 580 40.32 25.78 16.54
N LYS A 581 40.80 25.55 17.76
CA LYS A 581 39.94 25.18 18.88
C LYS A 581 38.92 26.28 19.18
N SER A 582 39.40 27.51 19.32
CA SER A 582 38.51 28.61 19.67
C SER A 582 37.50 28.88 18.55
N LEU A 583 37.93 28.82 17.29
CA LEU A 583 37.01 29.06 16.19
C LEU A 583 35.95 27.96 16.12
N ALA A 584 36.35 26.69 16.29
CA ALA A 584 35.39 25.60 16.29
C ALA A 584 34.38 25.73 17.43
N SER A 585 34.88 26.06 18.63
CA SER A 585 34.01 26.25 19.79
C SER A 585 33.03 27.38 19.54
N LYS A 586 33.51 28.50 18.98
CA LYS A 586 32.66 29.65 18.73
C LYS A 586 31.62 29.34 17.66
N ILE A 587 31.98 28.58 16.63
CA ILE A 587 31.02 28.23 15.58
C ILE A 587 29.93 27.32 16.14
N VAL A 588 30.33 26.31 16.93
CA VAL A 588 29.35 25.40 17.51
C VAL A 588 28.43 26.15 18.47
N HIS A 589 29.01 27.02 19.31
CA HIS A 589 28.21 27.82 20.24
C HIS A 589 27.26 28.75 19.49
N PHE A 590 27.73 29.31 18.37
CA PHE A 590 26.91 30.22 17.57
C PHE A 590 25.75 29.48 16.93
N LEU A 591 26.00 28.28 16.42
CA LEU A 591 24.92 27.51 15.82
C LEU A 591 23.92 27.05 16.87
N GLU A 592 24.42 26.62 18.03
CA GLU A 592 23.52 26.26 19.13
C GLU A 592 22.66 27.44 19.57
N LEU A 593 23.27 28.62 19.68
CA LEU A 593 22.54 29.81 20.11
C LEU A 593 21.55 30.26 19.05
N LEU A 594 21.87 30.05 17.78
CA LEU A 594 20.93 30.34 16.71
C LEU A 594 19.73 29.42 16.80
N SER A 595 19.98 28.10 16.89
CA SER A 595 18.90 27.14 17.12
C SER A 595 18.12 27.45 18.39
N SER A 596 18.74 28.12 19.35
CA SER A 596 18.10 28.43 20.62
C SER A 596 17.13 29.60 20.47
N LYS A 597 17.57 30.69 19.86
CA LYS A 597 16.74 31.90 19.82
C LYS A 597 15.84 31.98 18.59
N CYS A 598 16.31 31.54 17.41
CA CYS A 598 15.55 31.69 16.18
C CYS A 598 14.26 30.88 16.27
N SER A 599 13.24 31.31 15.52
CA SER A 599 11.97 30.61 15.56
C SER A 599 12.11 29.20 14.99
N SER A 600 11.28 28.30 15.48
CA SER A 600 11.30 26.90 15.05
C SER A 600 10.67 26.83 13.67
N MET A 601 11.52 26.82 12.66
CA MET A 601 11.08 26.72 11.28
C MET A 601 11.41 25.32 10.77
N ASN A 602 10.67 24.92 9.75
CA ASN A 602 10.82 23.60 9.14
C ASN A 602 12.12 23.49 8.37
N HIS A 603 12.43 24.48 7.56
CA HIS A 603 13.63 24.38 6.72
C HIS A 603 14.89 24.76 7.47
N TYR A 604 14.80 25.21 8.73
CA TYR A 604 16.02 25.48 9.48
C TYR A 604 16.76 24.18 9.75
N HIS A 605 18.02 24.15 9.34
CA HIS A 605 18.93 23.03 9.53
C HIS A 605 20.28 23.59 9.92
N PHE A 606 20.58 23.50 11.20
CA PHE A 606 21.84 23.98 11.75
C PHE A 606 22.77 22.83 12.14
N GLY A 607 22.53 21.64 11.62
CA GLY A 607 23.35 20.51 12.02
C GLY A 607 24.74 20.53 11.40
N LEU A 608 25.43 19.39 11.55
CA LEU A 608 26.80 19.26 11.04
C LEU A 608 26.88 19.38 9.54
N ARG A 609 25.80 19.02 8.85
CA ARG A 609 25.76 19.19 7.41
C ARG A 609 25.89 20.66 7.06
N THR A 610 25.17 21.50 7.82
CA THR A 610 25.18 22.94 7.57
C THR A 610 26.55 23.54 7.82
N LEU A 611 27.25 23.05 8.85
CA LEU A 611 28.55 23.62 9.15
C LEU A 611 29.64 23.11 8.22
N LYS A 612 29.54 21.86 7.76
CA LYS A 612 30.42 21.42 6.69
C LYS A 612 30.23 22.26 5.43
N GLY A 613 28.98 22.61 5.10
CA GLY A 613 28.78 23.51 3.98
C GLY A 613 29.40 24.89 4.21
N VAL A 614 29.26 25.40 5.43
CA VAL A 614 29.82 26.71 5.74
C VAL A 614 31.35 26.69 5.65
N LEU A 615 31.98 25.58 6.06
CA LEU A 615 33.44 25.46 5.98
C LEU A 615 33.91 25.25 4.55
N ARG A 616 33.19 24.44 3.77
CA ARG A 616 33.52 24.31 2.35
C ARG A 616 33.34 25.62 1.61
N ASN A 617 32.45 26.49 2.09
CA ASN A 617 32.34 27.82 1.51
C ASN A 617 33.43 28.76 2.04
N CYS A 618 33.91 28.52 3.26
CA CYS A 618 35.05 29.26 3.79
C CYS A 618 36.34 28.98 3.05
N SER A 619 36.52 27.74 2.53
CA SER A 619 37.77 27.36 1.86
C SER A 619 38.15 28.30 0.72
N PRO A 620 37.30 28.56 -0.30
CA PRO A 620 37.72 29.48 -1.36
C PRO A 620 37.69 30.94 -0.94
N LEU A 621 36.98 31.28 0.13
CA LEU A 621 36.94 32.66 0.60
C LEU A 621 38.20 33.04 1.37
N ILE A 622 38.93 32.06 1.93
CA ILE A 622 40.22 32.35 2.56
C ILE A 622 41.17 32.98 1.55
N SER A 623 41.08 32.55 0.28
CA SER A 623 41.90 33.08 -0.79
C SER A 623 41.65 34.55 -1.06
N GLU A 624 40.55 35.09 -0.54
CA GLU A 624 40.12 36.47 -0.74
C GLU A 624 40.56 37.35 0.42
N PHE A 625 40.51 36.84 1.65
CA PHE A 625 40.82 37.63 2.83
C PHE A 625 41.99 37.02 3.58
N GLY A 626 41.88 35.78 4.01
CA GLY A 626 42.95 35.15 4.76
C GLY A 626 42.41 34.18 5.77
N GLU A 627 43.33 33.44 6.39
CA GLU A 627 42.95 32.39 7.34
C GLU A 627 42.65 32.99 8.72
N GLY A 628 41.71 33.94 8.75
CA GLY A 628 41.25 34.54 9.97
C GLY A 628 39.77 34.28 10.24
N GLU A 629 39.33 34.75 11.41
CA GLU A 629 37.93 34.62 11.80
C GLU A 629 36.99 35.48 10.95
N LYS A 630 37.52 36.53 10.31
CA LYS A 630 36.73 37.38 9.43
C LYS A 630 36.18 36.60 8.24
N THR A 631 36.99 35.69 7.70
CA THR A 631 36.53 34.82 6.62
C THR A 631 35.38 33.93 7.07
N VAL A 632 35.46 33.41 8.31
CA VAL A 632 34.37 32.60 8.87
C VAL A 632 33.10 33.43 8.98
N VAL A 633 33.22 34.67 9.47
CA VAL A 633 32.05 35.56 9.60
C VAL A 633 31.40 35.79 8.24
N GLU A 634 32.23 36.07 7.22
CA GLU A 634 31.69 36.36 5.89
C GLU A 634 31.01 35.14 5.29
N SER A 635 31.61 33.95 5.46
CA SER A 635 30.98 32.72 4.97
C SER A 635 29.64 32.50 5.66
N LEU A 636 29.59 32.68 6.98
CA LEU A 636 28.33 32.54 7.71
C LEU A 636 27.30 33.52 7.16
N LYS A 637 27.70 34.75 6.88
CA LYS A 637 26.75 35.73 6.37
C LYS A 637 26.40 35.47 4.91
N ARG A 638 27.20 34.68 4.20
CA ARG A 638 26.83 34.33 2.83
C ARG A 638 25.87 33.17 2.81
N VAL A 639 26.07 32.20 3.70
CA VAL A 639 25.27 30.98 3.67
C VAL A 639 24.04 31.14 4.53
N ILE A 640 24.25 31.45 5.81
CA ILE A 640 23.17 31.39 6.80
C ILE A 640 22.20 32.55 6.60
N LEU A 641 22.72 33.76 6.36
CA LEU A 641 21.87 34.96 6.31
C LEU A 641 20.76 34.82 5.27
N PRO A 642 21.03 34.46 4.00
CA PRO A 642 19.93 34.40 3.02
C PRO A 642 18.83 33.42 3.41
N SER A 643 19.12 32.44 4.24
CA SER A 643 18.13 31.45 4.61
C SER A 643 17.29 31.90 5.79
N LEU A 644 17.65 32.99 6.47
CA LEU A 644 16.92 33.39 7.66
C LEU A 644 15.85 34.41 7.30
N GLY A 645 14.84 34.51 8.17
CA GLY A 645 13.79 35.49 8.00
C GLY A 645 14.08 36.80 8.69
N ASP A 646 13.25 37.81 8.35
CA ASP A 646 13.43 39.17 8.86
C ASP A 646 13.51 39.15 10.38
N THR A 647 12.67 38.32 11.00
CA THR A 647 12.64 38.24 12.45
C THR A 647 13.93 37.64 12.97
N ASP A 648 14.57 36.78 12.16
CA ASP A 648 15.76 36.09 12.60
C ASP A 648 17.07 36.71 12.11
N GLU A 649 17.03 37.62 11.13
CA GLU A 649 18.26 38.27 10.68
C GLU A 649 18.87 39.11 11.80
N LEU A 650 18.04 39.83 12.54
CA LEU A 650 18.56 40.62 13.66
C LEU A 650 19.05 39.74 14.80
N VAL A 651 18.40 38.59 15.03
CA VAL A 651 18.91 37.62 16.00
C VAL A 651 20.31 37.15 15.59
N PHE A 652 20.46 36.80 14.31
CA PHE A 652 21.76 36.39 13.79
C PHE A 652 22.80 37.47 14.02
N LYS A 653 22.49 38.71 13.64
CA LYS A 653 23.43 39.81 13.81
C LYS A 653 23.82 39.98 15.27
N ASP A 654 22.83 39.97 16.17
CA ASP A 654 23.11 40.18 17.59
C ASP A 654 24.03 39.10 18.14
N GLU A 655 23.67 37.83 17.91
CA GLU A 655 24.46 36.72 18.43
C GLU A 655 25.84 36.69 17.79
N LEU A 656 25.93 37.06 16.50
CA LEU A 656 27.20 37.13 15.80
C LEU A 656 28.11 38.14 16.48
N SER A 657 27.65 39.38 16.61
CA SER A 657 28.42 40.43 17.26
C SER A 657 28.71 40.09 18.71
N LYS A 658 27.85 39.27 19.32
CA LYS A 658 28.03 38.89 20.71
C LYS A 658 29.22 37.94 20.85
N ILE A 659 29.16 36.76 20.21
CA ILE A 659 30.23 35.79 20.37
C ILE A 659 31.55 36.27 19.74
N PHE A 660 31.49 36.93 18.58
CA PHE A 660 32.72 37.41 17.95
C PHE A 660 32.38 38.48 16.92
N ASP A 661 33.00 39.65 17.01
CA ASP A 661 32.85 40.68 15.99
C ASP A 661 34.14 40.83 15.20
N SER A 662 34.02 40.80 13.86
CA SER A 662 35.21 40.71 13.02
C SER A 662 35.34 41.93 12.12
N ALA A 663 34.49 42.08 11.10
CA ALA A 663 34.68 43.12 10.11
C ALA A 663 33.41 43.96 9.98
N GLY A 664 33.46 44.94 9.07
CA GLY A 664 32.31 45.80 8.89
C GLY A 664 31.81 46.08 7.49
N THR A 665 32.71 46.20 6.52
CA THR A 665 32.34 46.54 5.15
C THR A 665 32.72 45.44 4.15
N PRO A 666 31.80 45.01 3.29
CA PRO A 666 32.14 44.00 2.31
C PRO A 666 32.72 44.57 1.01
N LEU A 667 33.33 43.67 0.25
CA LEU A 667 33.86 43.83 -1.10
C LEU A 667 32.76 43.67 -2.14
N ASN A 668 33.08 44.04 -3.40
CA ASN A 668 32.14 43.96 -4.52
C ASN A 668 30.80 44.63 -4.22
N SER A 669 30.89 45.87 -3.79
CA SER A 669 29.75 46.67 -3.37
C SER A 669 29.19 47.65 -4.42
N LYS A 670 29.75 47.75 -5.63
CA LYS A 670 29.32 48.84 -6.54
C LYS A 670 29.25 48.52 -8.03
N ALA A 671 30.20 47.78 -8.62
CA ALA A 671 30.05 47.46 -10.05
C ALA A 671 28.85 46.57 -10.30
N ILE A 672 28.62 45.62 -9.41
CA ILE A 672 27.49 44.70 -9.55
C ILE A 672 26.19 45.43 -9.25
N VAL A 673 26.23 46.31 -8.24
CA VAL A 673 25.11 47.19 -7.94
C VAL A 673 24.73 48.04 -9.15
N GLN A 674 25.72 48.57 -9.86
CA GLN A 674 25.41 49.32 -11.07
C GLN A 674 24.79 48.45 -12.14
N CYS A 675 25.40 47.28 -12.44
CA CYS A 675 24.86 46.41 -13.47
C CYS A 675 23.44 45.97 -13.15
N LEU A 676 23.17 45.70 -11.87
CA LEU A 676 21.83 45.32 -11.43
C LEU A 676 20.82 46.45 -11.67
N LYS A 677 21.17 47.67 -11.26
CA LYS A 677 20.28 48.81 -11.49
C LYS A 677 19.97 48.98 -12.96
N ASP A 678 20.98 48.83 -13.82
CA ASP A 678 20.75 48.86 -15.26
C ASP A 678 19.81 47.77 -15.72
N ALA A 679 20.02 46.53 -15.23
CA ALA A 679 19.13 45.42 -15.56
C ALA A 679 17.69 45.68 -15.13
N GLY A 680 17.51 46.22 -13.92
CA GLY A 680 16.18 46.53 -13.45
C GLY A 680 15.52 47.64 -14.24
N GLN A 681 16.31 48.64 -14.63
CA GLN A 681 15.79 49.69 -15.49
C GLN A 681 15.37 49.15 -16.85
N ARG A 682 16.17 48.25 -17.44
CA ARG A 682 15.76 47.60 -18.67
C ARG A 682 14.49 46.80 -18.48
N SER A 683 14.33 46.15 -17.34
CA SER A 683 13.10 45.43 -17.10
C SER A 683 11.99 46.38 -16.67
N GLY A 684 12.33 47.62 -16.36
CA GLY A 684 11.40 48.58 -15.84
C GLY A 684 11.10 48.42 -14.37
N PHE A 685 11.93 47.67 -13.66
CA PHE A 685 11.76 47.47 -12.23
C PHE A 685 12.27 48.63 -11.39
N SER A 686 11.64 48.78 -10.24
CA SER A 686 12.10 49.73 -9.24
C SER A 686 13.10 49.00 -8.34
N MET A 687 14.32 49.55 -8.26
CA MET A 687 15.44 48.97 -7.52
C MET A 687 15.30 49.28 -6.03
N SER A 688 14.29 48.67 -5.42
CA SER A 688 14.18 48.69 -3.97
C SER A 688 15.43 48.12 -3.30
N GLU A 689 15.73 48.66 -2.12
CA GLU A 689 16.86 48.20 -1.33
C GLU A 689 16.75 46.73 -1.00
N GLU A 690 15.55 46.24 -0.76
CA GLU A 690 15.36 44.82 -0.52
C GLU A 690 15.62 44.00 -1.77
N PHE A 691 15.16 44.49 -2.92
CA PHE A 691 15.40 43.79 -4.17
C PHE A 691 16.88 43.77 -4.52
N LEU A 692 17.53 44.91 -4.39
CA LEU A 692 18.97 45.03 -4.60
C LEU A 692 19.74 44.09 -3.69
N LYS A 693 19.45 44.16 -2.39
CA LYS A 693 20.06 43.28 -1.39
C LYS A 693 19.91 41.81 -1.75
N LYS A 694 18.72 41.38 -2.14
CA LYS A 694 18.53 39.98 -2.46
C LYS A 694 19.23 39.61 -3.77
N CYS A 695 19.21 40.50 -4.76
CA CYS A 695 19.94 40.24 -5.98
C CYS A 695 21.42 40.04 -5.72
N MET A 696 22.03 40.95 -4.96
CA MET A 696 23.44 40.81 -4.63
C MET A 696 23.72 39.55 -3.84
N GLN A 697 22.83 39.24 -2.89
CA GLN A 697 22.95 38.05 -2.08
C GLN A 697 22.98 36.79 -2.94
N PHE A 698 22.00 36.69 -3.83
CA PHE A 698 21.89 35.56 -4.74
C PHE A 698 23.08 35.48 -5.68
N TYR A 699 23.53 36.63 -6.16
CA TYR A 699 24.69 36.71 -7.02
C TYR A 699 25.91 36.16 -6.33
N TYR A 700 26.09 36.49 -5.06
CA TYR A 700 27.25 35.96 -4.36
C TYR A 700 27.08 34.47 -4.10
N MET A 701 25.87 34.05 -3.70
CA MET A 701 25.66 32.65 -3.34
C MET A 701 25.96 31.72 -4.51
N GLN A 702 25.48 32.06 -5.71
CA GLN A 702 25.63 31.20 -6.88
C GLN A 702 27.07 30.96 -7.33
N LYS A 703 28.03 31.72 -6.80
CA LYS A 703 29.43 31.57 -7.17
C LYS A 703 30.08 30.27 -6.73
N THR A 704 29.53 29.56 -5.75
CA THR A 704 30.24 28.43 -5.17
C THR A 704 29.37 27.19 -5.06
N GLN A 705 28.21 27.19 -5.69
CA GLN A 705 27.28 26.08 -5.65
C GLN A 705 26.56 26.09 -6.97
N GLN A 706 26.04 24.91 -7.32
CA GLN A 706 25.31 24.73 -8.56
C GLN A 706 23.83 24.49 -8.34
N ALA A 707 23.42 23.99 -7.18
CA ALA A 707 22.01 23.73 -6.90
C ALA A 707 21.44 24.81 -5.98
N LEU A 708 20.66 25.72 -6.55
CA LEU A 708 20.03 26.79 -5.80
C LEU A 708 18.56 26.49 -5.55
N ILE A 709 18.09 26.83 -4.36
CA ILE A 709 16.69 26.74 -3.97
C ILE A 709 16.21 28.13 -3.59
N LEU A 710 15.14 28.59 -4.21
CA LEU A 710 14.56 29.89 -3.91
C LEU A 710 13.16 29.66 -3.40
N VAL A 711 12.89 30.03 -2.15
CA VAL A 711 11.58 29.81 -1.56
C VAL A 711 10.97 31.15 -1.17
N GLY A 712 9.65 31.25 -1.31
CA GLY A 712 8.90 32.40 -0.85
C GLY A 712 7.44 32.20 -1.19
N LYS A 713 6.64 33.23 -0.89
CA LYS A 713 5.25 33.21 -1.30
C LYS A 713 5.14 33.37 -2.81
N ALA A 714 3.98 33.00 -3.33
CA ALA A 714 3.61 33.27 -4.71
C ALA A 714 3.50 34.75 -5.04
N GLY A 715 4.40 35.26 -5.88
CA GLY A 715 4.36 36.65 -6.25
C GLY A 715 5.39 37.48 -5.56
N CYS A 716 6.25 36.85 -4.76
CA CYS A 716 7.33 37.51 -4.06
C CYS A 716 8.26 38.29 -4.98
N GLY A 717 8.46 37.83 -6.20
CA GLY A 717 9.38 38.44 -7.14
C GLY A 717 10.60 37.61 -7.37
N LYS A 718 10.58 36.35 -7.00
CA LYS A 718 11.74 35.49 -7.12
C LYS A 718 12.16 35.25 -8.56
N THR A 719 11.21 35.05 -9.48
CA THR A 719 11.59 34.85 -10.87
C THR A 719 12.20 36.10 -11.50
N ALA A 720 11.65 37.27 -11.17
CA ALA A 720 12.22 38.54 -11.60
C ALA A 720 13.62 38.71 -11.07
N THR A 721 13.82 38.30 -9.82
CA THR A 721 15.11 38.40 -9.16
C THR A 721 16.16 37.62 -9.92
N TRP A 722 15.94 36.32 -10.10
CA TRP A 722 17.01 35.54 -10.70
C TRP A 722 17.23 35.88 -12.17
N LYS A 723 16.18 36.26 -12.90
CA LYS A 723 16.41 36.70 -14.27
C LYS A 723 17.19 38.01 -14.33
N THR A 724 16.93 38.93 -13.41
CA THR A 724 17.66 40.19 -13.41
C THR A 724 19.12 39.98 -13.06
N VAL A 725 19.39 39.03 -12.16
CA VAL A 725 20.78 38.72 -11.82
C VAL A 725 21.48 38.10 -13.03
N ILE A 726 20.80 37.20 -13.72
CA ILE A 726 21.33 36.60 -14.94
C ILE A 726 21.68 37.65 -15.99
N ASP A 727 20.78 38.61 -16.22
CA ASP A 727 21.06 39.66 -17.20
C ASP A 727 22.25 40.53 -16.76
N ALA A 728 22.31 40.86 -15.47
CA ALA A 728 23.43 41.61 -14.95
C ALA A 728 24.75 40.89 -15.18
N MET A 729 24.77 39.58 -14.93
CA MET A 729 25.96 38.80 -15.22
C MET A 729 26.30 38.81 -16.69
N ALA A 730 25.30 38.72 -17.55
CA ALA A 730 25.54 38.75 -18.98
C ALA A 730 26.21 40.04 -19.41
N ILE A 731 25.84 41.15 -18.77
CA ILE A 731 26.52 42.41 -19.00
C ILE A 731 27.94 42.40 -18.45
N PHE A 732 28.08 42.06 -17.16
CA PHE A 732 29.33 42.32 -16.47
C PHE A 732 30.41 41.34 -16.93
N ASP A 733 30.07 40.04 -16.99
CA ASP A 733 30.98 38.98 -17.38
C ASP A 733 31.16 38.91 -18.88
N GLY A 734 30.13 39.24 -19.64
CA GLY A 734 30.15 38.98 -21.06
C GLY A 734 29.87 37.55 -21.47
N HIS A 735 29.47 36.69 -20.53
CA HIS A 735 29.04 35.35 -20.89
C HIS A 735 27.55 35.33 -21.23
N ALA A 736 27.17 34.36 -22.04
CA ALA A 736 25.78 34.16 -22.42
C ALA A 736 25.01 33.42 -21.32
N ASN A 737 23.69 33.46 -21.42
CA ASN A 737 22.83 32.70 -20.53
C ASN A 737 21.81 31.94 -21.37
N VAL A 738 21.83 30.62 -21.29
CA VAL A 738 20.78 29.78 -21.84
C VAL A 738 19.91 29.34 -20.66
N VAL A 739 18.59 29.44 -20.80
CA VAL A 739 17.67 29.08 -19.73
C VAL A 739 16.68 28.04 -20.22
N TYR A 740 16.49 26.99 -19.43
CA TYR A 740 15.44 25.99 -19.63
C TYR A 740 14.54 25.99 -18.40
N VAL A 741 13.23 26.04 -18.62
CA VAL A 741 12.28 26.09 -17.52
C VAL A 741 11.38 24.86 -17.60
N ILE A 742 11.42 24.03 -16.56
CA ILE A 742 10.74 22.74 -16.53
C ILE A 742 9.83 22.71 -15.32
N ASP A 743 8.52 22.74 -15.56
CA ASP A 743 7.51 22.63 -14.50
C ASP A 743 7.36 21.18 -14.03
N THR A 744 8.42 20.69 -13.37
CA THR A 744 8.76 19.26 -13.32
C THR A 744 7.64 18.32 -12.87
N LYS A 745 6.75 18.74 -11.98
CA LYS A 745 5.78 17.76 -11.52
C LYS A 745 4.63 17.56 -12.49
N VAL A 746 4.54 18.34 -13.55
CA VAL A 746 3.65 17.96 -14.63
C VAL A 746 4.16 16.69 -15.29
N LEU A 747 5.48 16.54 -15.37
CA LEU A 747 6.11 15.39 -15.97
C LEU A 747 6.22 14.27 -14.96
N THR A 748 6.28 13.04 -15.45
CA THR A 748 6.64 11.90 -14.61
C THR A 748 8.16 11.81 -14.49
N LYS A 749 8.62 11.04 -13.49
CA LYS A 749 10.05 10.74 -13.36
C LYS A 749 10.56 10.10 -14.64
N GLU A 750 9.77 9.20 -15.20
CA GLU A 750 10.16 8.48 -16.40
C GLU A 750 10.28 9.42 -17.58
N SER A 751 9.45 10.46 -17.62
CA SER A 751 9.54 11.42 -18.72
C SER A 751 10.65 12.43 -18.49
N LEU A 752 11.25 12.45 -17.30
CA LEU A 752 12.25 13.44 -16.91
C LEU A 752 13.64 12.83 -16.92
N TYR A 753 13.74 11.65 -16.31
CA TYR A 753 14.88 10.79 -16.10
C TYR A 753 14.62 9.75 -17.18
N GLY A 754 15.46 8.76 -17.35
CA GLY A 754 15.11 7.76 -18.33
C GLY A 754 14.31 6.61 -17.78
N SER A 755 14.26 5.54 -18.58
CA SER A 755 13.51 4.34 -18.23
C SER A 755 13.93 3.19 -19.12
N MET A 756 13.31 2.04 -18.90
CA MET A 756 13.55 0.85 -19.69
C MET A 756 12.26 0.59 -20.44
N LEU A 757 12.34 0.03 -21.65
CA LEU A 757 11.08 -0.29 -22.30
C LEU A 757 10.54 -1.66 -21.87
N LYS A 758 9.63 -2.23 -22.66
CA LYS A 758 9.01 -3.51 -22.33
C LYS A 758 10.00 -4.66 -22.31
N ALA A 759 10.87 -4.72 -23.31
CA ALA A 759 11.86 -5.78 -23.41
C ALA A 759 13.08 -5.23 -24.11
N THR A 760 12.85 -4.29 -25.02
CA THR A 760 13.92 -3.61 -25.71
C THR A 760 14.72 -2.83 -24.67
N LEU A 761 16.02 -2.79 -24.86
CA LEU A 761 16.85 -2.12 -23.89
C LEU A 761 16.96 -0.63 -24.12
N GLU A 762 16.72 -0.17 -25.37
CA GLU A 762 16.80 1.21 -25.86
C GLU A 762 16.45 2.18 -24.76
N TRP A 763 17.27 3.19 -24.53
CA TRP A 763 17.03 4.07 -23.41
C TRP A 763 16.40 5.36 -23.87
N ARG A 764 15.25 5.67 -23.28
CA ARG A 764 14.61 6.96 -23.43
C ARG A 764 15.34 7.94 -22.54
N ASP A 765 15.89 9.00 -23.11
CA ASP A 765 16.81 9.82 -22.35
C ASP A 765 16.09 10.49 -21.18
N GLY A 766 14.89 10.99 -21.41
CA GLY A 766 14.18 11.82 -20.46
C GLY A 766 14.72 13.22 -20.57
N LEU A 767 13.86 14.20 -20.27
CA LEU A 767 14.14 15.59 -20.60
C LEU A 767 15.43 16.11 -19.96
N PHE A 768 15.55 15.94 -18.64
CA PHE A 768 16.68 16.52 -17.92
C PHE A 768 17.99 15.86 -18.31
N THR A 769 17.96 14.58 -18.57
CA THR A 769 19.19 13.94 -19.00
C THR A 769 19.51 14.29 -20.44
N SER A 770 18.49 14.42 -21.30
CA SER A 770 18.73 14.77 -22.68
C SER A 770 19.36 16.15 -22.81
N ILE A 771 18.89 17.11 -22.00
CA ILE A 771 19.49 18.43 -22.04
C ILE A 771 20.90 18.39 -21.48
N LEU A 772 21.16 17.56 -20.44
CA LEU A 772 22.52 17.48 -19.91
C LEU A 772 23.48 16.86 -20.95
N ARG A 773 23.01 15.85 -21.69
CA ARG A 773 23.75 15.29 -22.82
C ARG A 773 24.12 16.39 -23.79
N ARG A 774 23.15 17.23 -24.12
CA ARG A 774 23.42 18.30 -25.07
C ARG A 774 24.43 19.29 -24.48
N VAL A 775 24.32 19.59 -23.19
CA VAL A 775 25.24 20.52 -22.55
C VAL A 775 26.69 20.02 -22.57
N ASN A 776 26.90 18.69 -22.53
CA ASN A 776 28.26 18.18 -22.55
C ASN A 776 28.78 17.71 -23.92
N ASP A 777 28.06 16.82 -24.59
CA ASP A 777 28.53 16.22 -25.84
C ASP A 777 28.57 17.16 -27.05
N ASP A 778 27.62 18.10 -27.17
CA ASP A 778 27.48 19.07 -28.26
C ASP A 778 28.75 19.49 -28.98
N ILE A 779 29.66 20.17 -28.26
CA ILE A 779 30.94 20.64 -28.76
C ILE A 779 30.77 21.43 -30.06
N THR A 780 29.71 22.23 -30.09
CA THR A 780 29.30 23.11 -31.16
C THR A 780 28.26 24.01 -30.50
N GLY A 781 28.61 25.27 -30.42
CA GLY A 781 27.86 26.31 -29.75
C GLY A 781 28.63 26.82 -28.55
N THR A 782 28.24 27.99 -28.08
CA THR A 782 29.01 28.55 -26.96
C THR A 782 28.45 28.16 -25.60
N PHE A 783 28.23 26.87 -25.35
CA PHE A 783 27.75 26.46 -24.04
C PHE A 783 28.87 26.54 -23.01
N LYS A 784 30.10 26.30 -23.45
CA LYS A 784 31.25 26.49 -22.58
C LYS A 784 31.44 27.96 -22.24
N ASN A 785 30.97 28.85 -23.12
CA ASN A 785 31.04 30.29 -22.90
C ASN A 785 29.74 30.81 -22.34
N SER A 786 28.83 29.92 -21.97
CA SER A 786 27.52 30.31 -21.47
C SER A 786 27.35 29.82 -20.05
N ARG A 787 26.58 30.57 -19.28
CA ARG A 787 25.95 29.99 -18.11
C ARG A 787 24.69 29.27 -18.58
N ILE A 788 24.47 28.07 -18.06
CA ILE A 788 23.27 27.27 -18.36
C ILE A 788 22.39 27.17 -17.13
N TRP A 789 21.18 27.70 -17.23
CA TRP A 789 20.23 27.75 -16.11
C TRP A 789 19.04 26.82 -16.37
N VAL A 790 18.98 25.69 -15.69
CA VAL A 790 17.85 24.75 -15.77
C VAL A 790 16.95 24.92 -14.56
N VAL A 791 15.77 25.48 -14.76
CA VAL A 791 14.88 25.81 -13.65
C VAL A 791 13.83 24.74 -13.44
N PHE A 792 13.79 24.18 -12.24
CA PHE A 792 12.78 23.17 -11.87
C PHE A 792 11.72 23.89 -11.04
N ASP A 793 10.88 24.65 -11.74
CA ASP A 793 9.88 25.47 -11.08
C ASP A 793 8.63 24.66 -10.78
N SER A 794 8.59 24.10 -9.58
CA SER A 794 7.46 23.33 -9.08
C SER A 794 7.74 22.93 -7.65
N ASP A 795 6.73 22.41 -7.00
CA ASP A 795 6.90 21.85 -5.67
C ASP A 795 7.72 20.58 -5.83
N LEU A 796 8.71 20.40 -4.96
CA LEU A 796 9.63 19.28 -5.08
C LEU A 796 9.31 18.27 -3.98
N ASP A 797 9.72 17.04 -4.22
CA ASP A 797 9.37 15.94 -3.35
C ASP A 797 10.60 15.06 -3.11
N PRO A 798 10.56 14.06 -2.21
CA PRO A 798 11.73 13.19 -2.07
C PRO A 798 12.07 12.33 -3.26
N GLU A 799 11.08 11.76 -3.92
CA GLU A 799 11.32 10.74 -4.93
C GLU A 799 12.15 11.26 -6.11
N TYR A 800 11.83 12.45 -6.56
CA TYR A 800 12.51 12.99 -7.73
C TYR A 800 13.93 13.39 -7.40
N VAL A 801 14.13 14.09 -6.28
CA VAL A 801 15.48 14.49 -5.88
C VAL A 801 16.31 13.29 -5.48
N GLU A 802 15.70 12.23 -4.95
CA GLU A 802 16.44 11.02 -4.68
C GLU A 802 16.98 10.42 -5.96
N ALA A 803 16.18 10.43 -7.03
CA ALA A 803 16.67 9.90 -8.30
C ALA A 803 17.84 10.68 -8.89
N MET A 804 18.21 11.83 -8.32
CA MET A 804 19.34 12.66 -8.73
C MET A 804 20.22 13.12 -7.57
N ASN A 805 20.16 12.43 -6.44
CA ASN A 805 20.87 12.80 -5.20
C ASN A 805 22.38 13.01 -5.37
N SER A 806 23.03 12.20 -6.21
CA SER A 806 24.47 12.35 -6.44
C SER A 806 24.86 13.67 -7.10
N VAL A 807 23.91 14.45 -7.58
CA VAL A 807 24.25 15.77 -8.10
C VAL A 807 24.38 16.75 -6.95
N LEU A 808 23.66 16.51 -5.85
CA LEU A 808 23.77 17.40 -4.71
C LEU A 808 24.98 17.05 -3.89
N ASP A 809 25.35 15.78 -3.91
CA ASP A 809 26.57 15.34 -3.28
C ASP A 809 27.79 15.93 -3.98
N ASP A 810 28.91 15.87 -3.28
CA ASP A 810 30.22 16.30 -3.75
C ASP A 810 30.66 15.57 -5.02
N ASN A 811 30.02 14.43 -5.34
CA ASN A 811 30.21 13.76 -6.61
C ASN A 811 29.91 14.67 -7.80
N LYS A 812 28.87 15.52 -7.70
CA LYS A 812 28.44 16.43 -8.78
C LYS A 812 28.21 15.64 -10.07
N ILE A 813 27.55 14.51 -9.92
CA ILE A 813 27.31 13.53 -10.96
C ILE A 813 25.82 13.22 -11.00
N LEU A 814 25.25 13.17 -12.19
CA LEU A 814 23.91 12.61 -12.33
C LEU A 814 23.98 11.11 -12.60
N THR A 815 23.52 10.33 -11.60
CA THR A 815 23.42 8.89 -11.71
C THR A 815 22.03 8.51 -12.22
N LEU A 816 22.02 7.51 -13.10
CA LEU A 816 20.88 7.09 -13.88
C LEU A 816 20.63 5.62 -13.65
N PRO A 817 19.36 5.17 -13.59
CA PRO A 817 19.06 3.72 -13.61
C PRO A 817 19.72 2.94 -14.75
N ASN A 818 20.14 3.65 -15.81
CA ASN A 818 20.81 3.06 -16.95
C ASN A 818 22.27 2.71 -16.63
N GLY A 819 22.74 3.02 -15.43
CA GLY A 819 24.10 2.68 -15.06
C GLY A 819 25.18 3.62 -15.53
N GLU A 820 24.84 4.79 -16.08
CA GLU A 820 25.85 5.72 -16.54
C GLU A 820 25.84 6.95 -15.64
N ARG A 821 27.01 7.53 -15.49
CA ARG A 821 27.23 8.72 -14.68
C ARG A 821 27.56 9.89 -15.57
N LEU A 822 26.82 10.98 -15.42
CA LEU A 822 27.01 12.16 -16.23
C LEU A 822 27.63 13.24 -15.38
N PRO A 823 28.92 13.53 -15.58
CA PRO A 823 29.57 14.63 -14.86
C PRO A 823 29.07 15.96 -15.36
N ILE A 824 28.62 16.79 -14.42
CA ILE A 824 28.18 18.15 -14.70
C ILE A 824 29.30 19.19 -14.71
N PRO A 825 29.41 19.99 -15.77
CA PRO A 825 30.45 21.02 -15.82
C PRO A 825 30.10 22.19 -14.91
N PRO A 826 31.06 23.07 -14.61
CA PRO A 826 30.74 24.30 -13.87
C PRO A 826 29.69 25.23 -14.49
N ASN A 827 29.56 25.28 -15.82
CA ASN A 827 28.52 26.09 -16.45
C ASN A 827 27.10 25.75 -16.02
N PHE A 828 26.87 24.52 -15.61
CA PHE A 828 25.52 24.05 -15.34
C PHE A 828 25.09 24.35 -13.91
N ARG A 829 24.02 25.12 -13.75
CA ARG A 829 23.50 25.41 -12.42
C ARG A 829 22.00 25.12 -12.41
N ILE A 830 21.47 24.77 -11.24
CA ILE A 830 20.09 24.29 -11.12
C ILE A 830 19.35 25.12 -10.09
N LEU A 831 18.15 25.58 -10.45
CA LEU A 831 17.30 26.32 -9.54
C LEU A 831 16.02 25.54 -9.29
N PHE A 832 15.80 25.16 -8.04
CA PHE A 832 14.51 24.65 -7.60
C PHE A 832 13.71 25.85 -7.11
N GLU A 833 12.94 26.44 -8.00
CA GLU A 833 12.04 27.51 -7.58
C GLU A 833 10.75 26.86 -7.08
N THR A 834 10.34 27.23 -5.88
CA THR A 834 9.19 26.64 -5.22
C THR A 834 8.67 27.62 -4.17
N ASP A 835 7.69 27.16 -3.41
CA ASP A 835 7.08 27.93 -2.35
C ASP A 835 7.15 27.23 -0.99
N ASN A 836 7.55 25.96 -0.95
CA ASN A 836 7.61 25.21 0.29
C ASN A 836 8.64 24.10 0.18
N LEU A 837 9.18 23.72 1.33
CA LEU A 837 10.13 22.63 1.50
C LEU A 837 9.65 21.51 2.43
N ASP A 838 8.35 21.46 2.74
CA ASP A 838 7.76 20.49 3.65
C ASP A 838 8.20 19.05 3.41
N HIS A 839 8.29 18.62 2.16
CA HIS A 839 8.65 17.24 1.83
C HIS A 839 10.06 17.12 1.26
N THR A 840 10.89 18.10 1.54
CA THR A 840 12.30 18.09 1.18
C THR A 840 13.12 17.64 2.40
N THR A 841 14.28 16.90 2.14
CA THR A 841 15.06 16.42 3.27
C THR A 841 16.08 17.46 3.68
N PRO A 842 16.49 17.49 4.95
CA PRO A 842 17.69 18.26 5.34
C PRO A 842 18.93 17.87 4.57
N ALA A 843 19.03 16.60 4.17
CA ALA A 843 20.18 16.11 3.42
C ALA A 843 20.33 16.88 2.13
N THR A 844 19.22 17.13 1.47
CA THR A 844 19.21 17.94 0.26
C THR A 844 19.39 19.43 0.56
N ILE A 845 18.67 19.96 1.57
CA ILE A 845 18.73 21.40 1.88
C ILE A 845 20.16 21.86 2.16
N THR A 846 20.90 21.09 2.93
CA THR A 846 22.28 21.39 3.28
C THR A 846 23.27 21.28 2.12
N ARG A 847 22.90 20.67 1.00
CA ARG A 847 23.73 20.66 -0.19
C ARG A 847 23.38 21.73 -1.19
N CYS A 848 22.34 22.51 -0.94
CA CYS A 848 21.83 23.50 -1.87
C CYS A 848 22.02 24.89 -1.25
N GLY A 849 21.89 25.93 -2.07
CA GLY A 849 21.81 27.25 -1.49
C GLY A 849 20.37 27.68 -1.29
N LEU A 850 19.97 27.96 -0.06
CA LEU A 850 18.59 28.29 0.26
C LEU A 850 18.40 29.79 0.38
N LEU A 851 17.35 30.30 -0.28
CA LEU A 851 17.02 31.71 -0.20
C LEU A 851 15.57 31.96 0.19
N TRP A 852 15.36 32.44 1.40
CA TRP A 852 14.02 32.65 1.95
C TRP A 852 13.62 34.10 1.80
N PHE A 853 12.75 34.33 0.83
CA PHE A 853 12.13 35.61 0.55
C PHE A 853 11.12 36.02 1.62
N SER A 854 11.56 36.64 2.68
CA SER A 854 10.72 36.92 3.83
C SER A 854 9.75 38.11 3.63
N THR A 855 9.59 38.62 2.42
CA THR A 855 8.77 39.81 2.17
C THR A 855 8.59 39.97 0.66
N ASP A 856 7.65 40.84 0.29
CA ASP A 856 7.57 41.32 -1.08
C ASP A 856 8.72 42.25 -1.44
N VAL A 857 9.22 42.10 -2.67
CA VAL A 857 10.39 42.84 -3.12
C VAL A 857 10.13 44.28 -3.53
N CYS A 858 8.88 44.68 -3.75
CA CYS A 858 8.66 45.99 -4.33
C CYS A 858 7.47 46.64 -3.67
N SER A 859 7.28 47.92 -3.96
CA SER A 859 6.10 48.53 -3.39
C SER A 859 4.93 48.26 -4.31
N ILE A 860 3.74 48.38 -3.74
CA ILE A 860 2.50 48.33 -4.52
C ILE A 860 2.52 49.39 -5.61
N SER A 861 2.94 50.60 -5.24
CA SER A 861 3.01 51.71 -6.18
C SER A 861 3.97 51.44 -7.33
N SER A 862 5.16 50.94 -7.01
CA SER A 862 6.12 50.61 -8.06
C SER A 862 5.65 49.47 -8.94
N LYS A 863 4.90 48.51 -8.39
CA LYS A 863 4.35 47.46 -9.22
C LYS A 863 3.32 48.01 -10.18
N ILE A 864 2.50 48.95 -9.71
CA ILE A 864 1.55 49.65 -10.58
C ILE A 864 2.27 50.37 -11.71
N ASP A 865 3.32 51.12 -11.37
CA ASP A 865 4.10 51.83 -12.37
C ASP A 865 4.69 50.88 -13.39
N HIS A 866 5.23 49.76 -12.93
CA HIS A 866 5.76 48.74 -13.82
C HIS A 866 4.70 48.20 -14.76
N LEU A 867 3.53 47.84 -14.22
CA LEU A 867 2.46 47.31 -15.05
C LEU A 867 2.02 48.33 -16.09
N LEU A 868 1.93 49.59 -15.71
CA LEU A 868 1.58 50.65 -16.65
C LEU A 868 2.56 50.66 -17.79
N ASN A 869 3.85 50.74 -17.47
CA ASN A 869 4.87 50.78 -18.50
C ASN A 869 4.85 49.52 -19.36
N LYS A 870 4.57 48.38 -18.73
CA LYS A 870 4.47 47.11 -19.44
C LYS A 870 3.36 47.14 -20.49
N SER A 871 2.21 47.70 -20.16
CA SER A 871 1.14 47.74 -21.16
C SER A 871 1.39 48.83 -22.19
N TYR A 872 2.05 49.89 -21.76
CA TYR A 872 2.49 50.93 -22.68
C TYR A 872 3.42 50.35 -23.75
N GLU A 873 4.26 49.37 -23.38
CA GLU A 873 5.13 48.71 -24.35
C GLU A 873 4.37 48.16 -25.54
N ALA A 874 3.18 47.62 -25.29
CA ALA A 874 2.35 47.09 -26.35
C ALA A 874 1.61 48.18 -27.13
N LEU A 875 0.80 48.95 -26.41
CA LEU A 875 -0.06 50.00 -26.99
C LEU A 875 0.64 51.23 -27.59
N ASP A 876 1.76 51.71 -27.03
CA ASP A 876 2.39 52.94 -27.52
C ASP A 876 2.81 52.92 -28.98
N ASN A 877 3.35 51.81 -29.49
CA ASN A 877 3.78 51.81 -30.88
C ASN A 877 2.61 52.02 -31.86
N LYS A 878 1.47 51.37 -31.61
CA LYS A 878 0.33 51.57 -32.50
C LYS A 878 -0.23 52.99 -32.45
N LEU A 879 -0.33 53.57 -31.25
CA LEU A 879 -0.89 54.90 -31.10
C LEU A 879 0.07 56.00 -31.53
N SER A 880 -0.49 57.05 -32.12
CA SER A 880 0.29 58.20 -32.54
C SER A 880 0.68 59.05 -31.34
N MET A 881 1.91 59.58 -31.39
CA MET A 881 2.58 60.18 -30.23
C MET A 881 1.74 61.28 -29.59
N PHE A 882 1.14 62.15 -30.43
CA PHE A 882 0.30 63.25 -29.97
C PHE A 882 -0.85 62.77 -29.09
N GLU A 883 -1.45 61.64 -29.45
CA GLU A 883 -2.50 61.07 -28.60
C GLU A 883 -1.86 60.36 -27.42
N LEU A 884 -0.79 59.64 -27.72
CA LEU A 884 -0.10 58.74 -26.80
C LEU A 884 0.35 59.40 -25.51
N ASP A 885 1.08 60.51 -25.61
CA ASP A 885 1.62 61.16 -24.43
C ASP A 885 0.51 61.69 -23.54
N LYS A 886 -0.44 62.41 -24.14
CA LYS A 886 -1.57 62.96 -23.40
C LYS A 886 -2.34 61.86 -22.71
N LEU A 887 -2.49 60.72 -23.37
CA LEU A 887 -3.19 59.63 -22.74
C LEU A 887 -2.38 59.07 -21.58
N LYS A 888 -1.09 58.86 -21.80
CA LYS A 888 -0.33 58.08 -20.83
C LYS A 888 -0.01 58.88 -19.58
N ASP A 889 0.15 60.20 -19.69
CA ASP A 889 0.24 60.94 -18.43
C ASP A 889 -1.13 61.13 -17.85
N LEU A 890 -2.15 61.21 -18.72
CA LEU A 890 -3.52 61.38 -18.27
C LEU A 890 -3.95 60.18 -17.45
N ILE A 891 -3.29 59.04 -17.61
CA ILE A 891 -3.65 57.89 -16.82
C ILE A 891 -2.73 57.79 -15.63
N SER A 892 -1.44 58.10 -15.86
CA SER A 892 -0.45 57.82 -14.84
C SER A 892 -0.74 58.63 -13.60
N ASP A 893 -0.97 59.95 -13.80
CA ASP A 893 -1.15 60.85 -12.66
C ASP A 893 -2.43 60.55 -11.88
N SER A 894 -3.54 60.40 -12.58
CA SER A 894 -4.83 60.16 -11.97
C SER A 894 -4.89 58.83 -11.22
N PHE A 895 -4.39 57.81 -11.88
CA PHE A 895 -4.28 56.45 -11.38
C PHE A 895 -3.34 56.33 -10.17
N ASP A 896 -2.29 57.14 -10.07
CA ASP A 896 -1.31 57.04 -8.99
C ASP A 896 -1.74 57.75 -7.69
N MET A 897 -2.95 58.31 -7.58
CA MET A 897 -3.27 59.02 -6.35
C MET A 897 -3.39 58.11 -5.10
N ALA A 898 -3.23 58.78 -3.96
CA ALA A 898 -3.23 58.22 -2.60
C ALA A 898 -4.55 57.58 -2.20
N SER A 899 -5.67 58.12 -2.68
CA SER A 899 -6.97 57.57 -2.32
C SER A 899 -7.07 56.12 -2.71
N LEU A 900 -6.49 55.76 -3.85
CA LEU A 900 -6.53 54.36 -4.26
C LEU A 900 -5.84 53.49 -3.20
N THR A 901 -4.74 53.99 -2.63
CA THR A 901 -4.06 53.24 -1.58
C THR A 901 -5.00 53.08 -0.38
N ASN A 902 -5.69 54.18 -0.03
CA ASN A 902 -6.71 54.16 1.02
C ASN A 902 -7.70 53.03 0.78
N ILE A 903 -8.10 52.87 -0.49
CA ILE A 903 -9.02 51.83 -0.92
C ILE A 903 -8.43 50.45 -0.67
N PHE A 904 -7.16 50.25 -1.02
CA PHE A 904 -6.52 48.95 -0.74
C PHE A 904 -6.55 48.60 0.72
N THR A 905 -6.24 49.57 1.59
CA THR A 905 -6.33 49.28 3.01
C THR A 905 -7.75 48.91 3.43
N CYS A 906 -8.75 49.49 2.78
CA CYS A 906 -10.16 49.14 2.95
C CYS A 906 -10.61 47.91 2.19
N SER A 907 -9.75 47.24 1.42
CA SER A 907 -10.12 45.95 0.82
C SER A 907 -9.98 44.75 1.75
N ASN A 908 -8.97 44.76 2.60
CA ASN A 908 -8.55 43.56 3.32
C ASN A 908 -9.57 43.05 4.33
N ASP A 909 -10.56 43.84 4.69
CA ASP A 909 -11.60 43.35 5.58
C ASP A 909 -12.83 42.81 4.86
N LEU A 910 -12.85 42.85 3.53
CA LEU A 910 -14.02 42.41 2.77
C LEU A 910 -13.92 40.90 2.53
N VAL A 911 -15.07 40.24 2.42
CA VAL A 911 -15.08 38.78 2.34
C VAL A 911 -14.83 38.30 0.91
N HIS A 912 -13.56 38.20 0.54
CA HIS A 912 -13.18 37.63 -0.76
C HIS A 912 -13.32 36.13 -0.74
N ILE A 913 -13.85 35.61 -1.82
CA ILE A 913 -13.70 34.19 -2.10
C ILE A 913 -12.32 33.94 -2.69
N LEU A 914 -11.77 32.78 -2.36
CA LEU A 914 -10.45 32.26 -2.72
C LEU A 914 -9.26 33.02 -2.14
N GLY A 915 -9.42 34.27 -1.76
CA GLY A 915 -8.50 34.86 -0.81
C GLY A 915 -7.18 35.31 -1.39
N VAL A 916 -7.10 35.58 -2.69
CA VAL A 916 -5.87 36.08 -3.29
C VAL A 916 -5.51 37.42 -2.67
N ARG A 917 -4.26 37.55 -2.24
CA ARG A 917 -3.80 38.77 -1.57
C ARG A 917 -3.74 39.94 -2.54
N THR A 918 -4.02 41.13 -1.99
CA THR A 918 -4.14 42.36 -2.76
C THR A 918 -2.94 42.62 -3.65
N PHE A 919 -1.74 42.25 -3.21
CA PHE A 919 -0.56 42.41 -4.05
C PHE A 919 -0.70 41.67 -5.38
N ASN A 920 -1.46 40.58 -5.39
CA ASN A 920 -1.57 39.77 -6.58
C ASN A 920 -2.81 40.08 -7.38
N LYS A 921 -3.42 41.23 -7.15
CA LYS A 921 -4.61 41.60 -7.88
C LYS A 921 -4.41 42.80 -8.78
N LEU A 922 -3.25 43.45 -8.70
CA LEU A 922 -2.98 44.67 -9.47
C LEU A 922 -3.01 44.44 -10.97
N GLU A 923 -2.52 43.28 -11.42
CA GLU A 923 -2.56 42.93 -12.84
C GLU A 923 -3.94 43.09 -13.43
N THR A 924 -4.94 42.54 -12.76
CA THR A 924 -6.31 42.65 -13.26
C THR A 924 -6.75 44.09 -13.37
N ALA A 925 -6.42 44.90 -12.36
CA ALA A 925 -6.85 46.28 -12.36
C ALA A 925 -6.21 47.06 -13.48
N VAL A 926 -4.90 46.90 -13.62
CA VAL A 926 -4.15 47.69 -14.57
C VAL A 926 -4.48 47.28 -16.00
N GLN A 927 -4.48 45.98 -16.25
CA GLN A 927 -4.74 45.51 -17.61
C GLN A 927 -6.14 45.86 -18.06
N LEU A 928 -7.12 45.66 -17.18
CA LEU A 928 -8.48 45.99 -17.57
C LEU A 928 -8.66 47.49 -17.78
N ALA A 929 -8.07 48.30 -16.90
CA ALA A 929 -8.14 49.74 -17.07
C ALA A 929 -7.52 50.19 -18.38
N VAL A 930 -6.28 49.78 -18.63
CA VAL A 930 -5.56 50.22 -19.81
C VAL A 930 -6.22 49.74 -21.10
N HIS A 931 -6.71 48.50 -21.10
CA HIS A 931 -7.46 48.00 -22.23
C HIS A 931 -8.71 48.83 -22.52
N LEU A 932 -9.50 49.08 -21.46
CA LEU A 932 -10.71 49.88 -21.61
C LEU A 932 -10.41 51.26 -22.15
N ILE A 933 -9.49 51.98 -21.51
CA ILE A 933 -9.15 53.34 -21.96
C ILE A 933 -8.71 53.31 -23.41
N SER A 934 -7.83 52.37 -23.74
CA SER A 934 -7.33 52.28 -25.09
C SER A 934 -8.40 51.88 -26.08
N SER A 935 -9.53 51.34 -25.62
CA SER A 935 -10.57 50.99 -26.56
C SER A 935 -11.33 52.20 -27.10
N TYR A 936 -11.23 53.35 -26.45
CA TYR A 936 -11.99 54.52 -26.88
C TYR A 936 -11.16 55.56 -27.61
N ARG A 937 -9.91 55.23 -27.92
CA ARG A 937 -8.95 56.18 -28.49
C ARG A 937 -9.50 56.89 -29.73
N GLN A 938 -10.29 56.19 -30.54
CA GLN A 938 -10.81 56.80 -31.75
C GLN A 938 -11.83 57.87 -31.44
N TRP A 939 -12.43 57.80 -30.26
CA TRP A 939 -13.39 58.82 -29.92
C TRP A 939 -12.73 59.98 -29.19
N PHE A 940 -11.88 59.63 -28.21
CA PHE A 940 -11.23 60.60 -27.32
C PHE A 940 -10.62 61.82 -27.99
N GLN A 941 -10.12 61.66 -29.21
CA GLN A 941 -9.43 62.73 -29.94
C GLN A 941 -10.17 64.05 -30.08
N ASN A 942 -11.49 64.05 -30.07
CA ASN A 942 -12.23 65.29 -30.22
C ASN A 942 -12.58 65.99 -28.91
N LEU A 943 -12.44 65.34 -27.77
CA LEU A 943 -13.03 65.82 -26.52
C LEU A 943 -12.33 67.00 -25.90
N ASP A 944 -13.09 67.74 -25.11
CA ASP A 944 -12.50 68.65 -24.16
C ASP A 944 -11.90 67.85 -23.00
N ASP A 945 -10.93 68.48 -22.33
CA ASP A 945 -10.26 67.95 -21.15
C ASP A 945 -11.22 67.50 -20.05
N LYS A 946 -12.20 68.34 -19.73
CA LYS A 946 -13.18 68.02 -18.69
C LYS A 946 -13.89 66.69 -18.94
N SER A 947 -14.54 66.55 -20.09
CA SER A 947 -15.25 65.32 -20.41
C SER A 947 -14.33 64.12 -20.51
N LEU A 948 -13.11 64.35 -20.99
CA LEU A 948 -12.14 63.27 -21.08
C LEU A 948 -11.70 62.77 -19.73
N LYS A 949 -11.31 63.67 -18.84
CA LYS A 949 -11.02 63.33 -17.45
C LYS A 949 -12.15 62.58 -16.78
N ASP A 950 -13.39 63.04 -16.99
CA ASP A 950 -14.56 62.37 -16.44
C ASP A 950 -14.64 60.91 -16.85
N VAL A 951 -14.50 60.66 -18.15
CA VAL A 951 -14.59 59.31 -18.68
C VAL A 951 -13.46 58.44 -18.12
N ILE A 952 -12.25 58.97 -18.12
CA ILE A 952 -11.08 58.27 -17.60
C ILE A 952 -11.29 57.86 -16.16
N THR A 953 -11.73 58.80 -15.34
CA THR A 953 -12.03 58.51 -13.94
C THR A 953 -13.04 57.40 -13.83
N LEU A 954 -14.16 57.51 -14.56
CA LEU A 954 -15.25 56.55 -14.40
C LEU A 954 -14.82 55.13 -14.78
N LEU A 955 -14.01 55.02 -15.83
CA LEU A 955 -13.49 53.71 -16.22
C LEU A 955 -12.53 53.15 -15.17
N ILE A 956 -11.66 53.99 -14.62
CA ILE A 956 -10.73 53.50 -13.62
C ILE A 956 -11.47 53.05 -12.38
N LYS A 957 -12.51 53.78 -12.00
CA LYS A 957 -13.31 53.39 -10.84
C LYS A 957 -14.02 52.07 -11.07
N ARG A 958 -14.58 51.87 -12.25
CA ARG A 958 -15.27 50.63 -12.57
C ARG A 958 -14.31 49.43 -12.56
N SER A 959 -13.10 49.63 -13.09
CA SER A 959 -12.09 48.58 -13.12
C SER A 959 -11.60 48.24 -11.73
N LEU A 960 -11.36 49.26 -10.91
CA LEU A 960 -10.99 49.04 -9.51
C LEU A 960 -12.06 48.23 -8.79
N LEU A 961 -13.31 48.61 -8.98
CA LEU A 961 -14.45 47.91 -8.43
C LEU A 961 -14.38 46.43 -8.71
N TYR A 962 -14.35 46.06 -9.98
CA TYR A 962 -14.39 44.65 -10.30
C TYR A 962 -13.08 43.91 -10.03
N ALA A 963 -11.94 44.60 -10.04
CA ALA A 963 -10.70 43.95 -9.65
C ALA A 963 -10.71 43.58 -8.19
N LEU A 964 -11.33 44.41 -7.36
CA LEU A 964 -11.23 44.23 -5.93
C LEU A 964 -12.44 43.56 -5.31
N ALA A 965 -13.61 43.76 -5.87
CA ALA A 965 -14.84 43.26 -5.30
C ALA A 965 -15.61 42.30 -6.17
N GLY A 966 -15.09 41.91 -7.34
CA GLY A 966 -15.87 41.02 -8.16
C GLY A 966 -16.05 39.65 -7.54
N ASP A 967 -15.17 39.27 -6.62
CA ASP A 967 -15.33 38.06 -5.83
C ASP A 967 -16.18 38.26 -4.59
N SER A 968 -16.83 39.41 -4.45
CA SER A 968 -17.66 39.65 -3.28
C SER A 968 -19.12 39.48 -3.64
N THR A 969 -19.92 39.18 -2.63
CA THR A 969 -21.32 38.81 -2.86
C THR A 969 -22.30 39.99 -2.97
N GLY A 970 -22.14 40.75 -4.04
CA GLY A 970 -23.14 41.75 -4.40
C GLY A 970 -23.36 42.95 -3.50
N GLU A 971 -23.82 42.68 -2.27
CA GLU A 971 -24.08 43.76 -1.33
C GLU A 971 -22.79 44.43 -0.96
N SER A 972 -21.75 43.62 -0.77
CA SER A 972 -20.42 44.12 -0.47
C SER A 972 -19.98 45.08 -1.56
N GLN A 973 -20.30 44.74 -2.81
CA GLN A 973 -19.90 45.57 -3.94
C GLN A 973 -20.64 46.90 -3.96
N ARG A 974 -21.95 46.88 -3.77
CA ARG A 974 -22.71 48.12 -3.70
C ARG A 974 -22.30 48.98 -2.52
N ALA A 975 -21.83 48.34 -1.45
CA ALA A 975 -21.36 49.08 -0.29
C ALA A 975 -19.99 49.64 -0.56
N PHE A 976 -19.22 48.93 -1.36
CA PHE A 976 -17.86 49.30 -1.73
C PHE A 976 -17.88 50.46 -2.73
N ILE A 977 -18.91 50.50 -3.57
CA ILE A 977 -19.14 51.63 -4.49
C ILE A 977 -19.15 52.94 -3.74
N GLN A 978 -19.77 52.97 -2.56
CA GLN A 978 -19.79 54.16 -1.73
C GLN A 978 -18.38 54.60 -1.36
N THR A 979 -17.52 53.64 -1.00
CA THR A 979 -16.14 53.97 -0.64
C THR A 979 -15.38 54.50 -1.83
N ILE A 980 -15.57 53.88 -2.99
CA ILE A 980 -14.91 54.34 -4.20
C ILE A 980 -15.34 55.76 -4.53
N ASN A 981 -16.64 56.01 -4.46
CA ASN A 981 -17.16 57.36 -4.68
C ASN A 981 -16.75 58.32 -3.58
N THR A 982 -16.32 57.81 -2.44
CA THR A 982 -15.90 58.71 -1.39
C THR A 982 -14.43 59.09 -1.43
N TYR A 983 -13.54 58.14 -1.74
CA TYR A 983 -12.13 58.52 -1.67
C TYR A 983 -11.61 59.20 -2.91
N PHE A 984 -12.20 58.95 -4.07
CA PHE A 984 -12.01 59.90 -5.15
C PHE A 984 -12.78 61.19 -4.92
N GLY A 985 -12.28 62.24 -5.56
CA GLY A 985 -12.89 63.56 -5.45
C GLY A 985 -14.27 63.61 -6.06
N HIS A 986 -15.16 64.33 -5.37
CA HIS A 986 -16.57 64.42 -5.73
C HIS A 986 -16.79 64.99 -7.13
N ASP A 987 -15.84 65.78 -7.65
CA ASP A 987 -16.00 66.29 -9.00
C ASP A 987 -15.88 65.16 -10.01
N SER A 988 -15.10 64.14 -9.69
CA SER A 988 -14.89 63.04 -10.60
C SER A 988 -16.19 62.24 -10.69
N GLN A 989 -16.49 61.76 -11.91
CA GLN A 989 -17.77 61.13 -12.22
C GLN A 989 -18.17 60.03 -11.25
N GLU A 990 -19.41 60.08 -10.77
CA GLU A 990 -19.84 59.15 -9.75
C GLU A 990 -20.07 57.79 -10.37
N LEU A 991 -19.72 56.74 -9.64
CA LEU A 991 -19.87 55.39 -10.13
C LEU A 991 -21.12 54.77 -9.49
N SER A 992 -21.98 54.20 -10.32
CA SER A 992 -23.19 53.52 -9.86
C SER A 992 -23.15 52.11 -10.45
N ASP A 993 -23.71 51.16 -9.69
CA ASP A 993 -23.72 49.77 -10.12
C ASP A 993 -24.44 49.57 -11.45
N TYR A 994 -25.51 50.30 -11.68
CA TYR A 994 -26.20 50.12 -12.94
C TYR A 994 -25.52 50.80 -14.13
N SER A 995 -24.74 51.86 -13.89
CA SER A 995 -24.17 52.70 -14.94
C SER A 995 -23.42 51.94 -16.02
N THR A 996 -23.77 52.17 -17.28
CA THR A 996 -23.07 51.55 -18.39
C THR A 996 -22.82 52.65 -19.41
N ILE A 997 -21.77 52.55 -20.21
CA ILE A 997 -21.52 53.60 -21.20
C ILE A 997 -21.78 53.06 -22.59
N VAL A 998 -22.66 53.75 -23.32
CA VAL A 998 -23.11 53.39 -24.66
C VAL A 998 -22.84 54.51 -25.65
N ILE A 999 -22.32 54.16 -26.83
CA ILE A 999 -21.93 55.18 -27.80
C ILE A 999 -23.27 55.60 -28.40
N ALA A 1000 -23.77 56.76 -28.02
CA ALA A 1000 -25.05 57.27 -28.46
C ALA A 1000 -24.88 58.28 -29.58
N ASN A 1001 -25.70 58.11 -30.63
CA ASN A 1001 -25.77 58.94 -31.84
C ASN A 1001 -24.36 59.06 -32.40
N ASP A 1002 -23.85 60.26 -32.64
CA ASP A 1002 -22.52 60.36 -33.21
C ASP A 1002 -21.46 60.06 -32.16
N LYS A 1003 -20.24 59.89 -32.68
CA LYS A 1003 -19.07 59.58 -31.89
C LYS A 1003 -18.86 60.67 -30.85
N LEU A 1004 -18.68 60.26 -29.59
CA LEU A 1004 -18.48 61.06 -28.36
C LEU A 1004 -19.71 61.46 -27.57
N SER A 1005 -20.91 61.04 -27.93
CA SER A 1005 -22.03 61.38 -27.07
C SER A 1005 -22.32 60.06 -26.37
N PHE A 1006 -21.46 59.77 -25.40
CA PHE A 1006 -21.61 58.57 -24.61
C PHE A 1006 -22.71 58.78 -23.59
N SER A 1007 -23.52 57.76 -23.41
CA SER A 1007 -24.63 57.79 -22.48
C SER A 1007 -24.35 56.79 -21.38
N SER A 1008 -24.52 57.20 -20.13
CA SER A 1008 -24.32 56.28 -19.02
C SER A 1008 -25.71 55.85 -18.61
N PHE A 1009 -26.18 54.77 -19.25
CA PHE A 1009 -27.51 54.25 -19.01
C PHE A 1009 -27.50 52.80 -18.53
N CYS A 1010 -28.66 52.41 -18.01
CA CYS A 1010 -28.93 51.09 -17.47
C CYS A 1010 -30.27 50.51 -17.91
N SER A 1011 -30.35 49.17 -17.85
CA SER A 1011 -31.55 48.39 -18.17
C SER A 1011 -32.04 48.45 -19.61
N GLU A 1012 -31.16 48.64 -20.59
CA GLU A 1012 -31.58 48.58 -21.99
C GLU A 1012 -31.95 47.18 -22.47
N ILE A 1013 -32.82 46.48 -21.73
CA ILE A 1013 -33.22 45.09 -21.95
C ILE A 1013 -34.09 44.85 -23.19
N PRO A 1014 -33.60 44.11 -24.17
CA PRO A 1014 -34.44 43.71 -25.30
C PRO A 1014 -35.50 42.73 -24.84
N SER A 1015 -36.68 42.78 -25.47
CA SER A 1015 -37.77 41.88 -25.11
C SER A 1015 -37.79 40.72 -26.09
N VAL A 1016 -37.55 39.53 -25.55
CA VAL A 1016 -37.46 38.29 -26.31
C VAL A 1016 -38.84 37.69 -26.63
N SER A 1017 -39.08 37.46 -27.92
CA SER A 1017 -40.33 36.84 -28.42
C SER A 1017 -40.11 35.34 -28.70
N LEU A 1018 -40.00 34.57 -27.62
CA LEU A 1018 -39.78 33.12 -27.71
C LEU A 1018 -40.94 32.39 -28.36
N GLU A 1019 -40.66 31.57 -29.38
CA GLU A 1019 -41.64 30.57 -29.76
C GLU A 1019 -41.62 29.40 -28.79
N ALA A 1020 -42.76 28.71 -28.72
CA ALA A 1020 -42.99 27.64 -27.74
C ALA A 1020 -41.91 26.56 -27.73
N HIS A 1021 -41.56 26.03 -28.92
CA HIS A 1021 -40.57 24.97 -29.03
C HIS A 1021 -39.18 25.39 -28.60
N GLU A 1022 -38.92 26.68 -28.61
CA GLU A 1022 -37.61 27.17 -28.24
C GLU A 1022 -37.40 27.09 -26.76
N VAL A 1023 -38.41 26.66 -26.01
CA VAL A 1023 -38.23 26.28 -24.61
C VAL A 1023 -37.16 25.22 -24.48
N MET A 1024 -36.94 24.39 -25.49
CA MET A 1024 -35.93 23.35 -25.34
C MET A 1024 -34.79 23.53 -26.30
N ARG A 1025 -34.53 24.76 -26.64
CA ARG A 1025 -33.23 25.12 -27.18
C ARG A 1025 -32.29 25.27 -26.00
N PRO A 1026 -31.24 24.45 -25.89
CA PRO A 1026 -30.32 24.57 -24.76
C PRO A 1026 -29.45 25.80 -24.81
N ASP A 1027 -29.33 26.44 -25.96
CA ASP A 1027 -28.52 27.64 -26.09
C ASP A 1027 -29.27 28.90 -25.68
N ILE A 1028 -30.52 28.79 -25.30
CA ILE A 1028 -31.31 29.99 -25.03
C ILE A 1028 -30.97 30.54 -23.66
N VAL A 1029 -31.26 31.83 -23.47
CA VAL A 1029 -31.17 32.45 -22.15
C VAL A 1029 -32.01 33.72 -22.15
N ILE A 1030 -32.50 34.11 -21.00
CA ILE A 1030 -33.33 35.30 -20.86
C ILE A 1030 -32.47 36.54 -20.60
N PRO A 1031 -32.62 37.59 -21.38
CA PRO A 1031 -31.86 38.82 -21.14
C PRO A 1031 -32.21 39.58 -19.87
N THR A 1032 -31.41 39.38 -18.82
CA THR A 1032 -31.62 39.95 -17.50
C THR A 1032 -30.42 40.82 -17.17
N ILE A 1033 -30.65 41.90 -16.40
CA ILE A 1033 -29.62 42.91 -16.07
C ILE A 1033 -28.36 42.25 -15.53
N ASP A 1034 -28.53 41.30 -14.62
CA ASP A 1034 -27.41 40.57 -14.04
C ASP A 1034 -26.61 39.90 -15.13
N THR A 1035 -27.31 39.15 -15.97
CA THR A 1035 -26.65 38.43 -17.03
C THR A 1035 -26.00 39.41 -18.01
N ILE A 1036 -26.67 40.51 -18.30
CA ILE A 1036 -26.11 41.52 -19.20
C ILE A 1036 -24.77 42.03 -18.69
N LYS A 1037 -24.70 42.40 -17.41
CA LYS A 1037 -23.44 42.92 -16.90
C LYS A 1037 -22.38 41.84 -16.76
N HIS A 1038 -22.78 40.61 -16.44
CA HIS A 1038 -21.81 39.54 -16.38
C HIS A 1038 -21.23 39.24 -17.75
N GLU A 1039 -22.09 39.09 -18.76
CA GLU A 1039 -21.59 38.87 -20.10
C GLU A 1039 -20.68 39.98 -20.54
N LYS A 1040 -21.04 41.22 -20.21
CA LYS A 1040 -20.22 42.39 -20.48
C LYS A 1040 -18.83 42.24 -19.90
N ILE A 1041 -18.76 42.17 -18.56
CA ILE A 1041 -17.47 42.12 -17.88
C ILE A 1041 -16.67 40.90 -18.27
N PHE A 1042 -17.33 39.77 -18.48
CA PHE A 1042 -16.67 38.58 -18.96
C PHE A 1042 -15.96 38.86 -20.25
N TYR A 1043 -16.66 39.45 -21.19
CA TYR A 1043 -16.06 39.64 -22.48
C TYR A 1043 -14.97 40.68 -22.41
N ASP A 1044 -15.12 41.72 -21.59
CA ASP A 1044 -14.02 42.65 -21.33
C ASP A 1044 -12.78 41.97 -20.77
N LEU A 1045 -12.96 41.08 -19.79
CA LEU A 1045 -11.82 40.37 -19.21
C LEU A 1045 -11.17 39.47 -20.22
N LEU A 1046 -11.99 38.83 -21.03
CA LEU A 1046 -11.48 38.02 -22.11
C LEU A 1046 -10.67 38.87 -23.08
N ASN A 1047 -11.24 40.00 -23.48
CA ASN A 1047 -10.56 40.89 -24.40
C ASN A 1047 -9.27 41.47 -23.83
N SER A 1048 -9.12 41.52 -22.51
CA SER A 1048 -7.84 41.90 -21.95
C SER A 1048 -6.79 40.80 -21.98
N LYS A 1049 -7.15 39.60 -22.41
CA LYS A 1049 -6.24 38.44 -22.51
C LYS A 1049 -5.71 38.03 -21.15
N ARG A 1050 -6.59 38.02 -20.16
CA ARG A 1050 -6.30 37.51 -18.83
C ARG A 1050 -7.11 36.24 -18.63
N GLY A 1051 -6.57 35.29 -17.85
CA GLY A 1051 -7.36 34.13 -17.50
C GLY A 1051 -8.43 34.43 -16.48
N ILE A 1052 -9.47 33.60 -16.47
CA ILE A 1052 -10.65 33.86 -15.63
C ILE A 1052 -10.99 32.58 -14.88
N ILE A 1053 -11.50 32.72 -13.67
CA ILE A 1053 -12.10 31.62 -12.92
C ILE A 1053 -13.48 32.03 -12.45
N LEU A 1054 -14.50 31.43 -13.01
CA LEU A 1054 -15.89 31.65 -12.62
C LEU A 1054 -16.30 30.73 -11.48
N CYS A 1055 -16.03 31.14 -10.25
CA CYS A 1055 -16.49 30.33 -9.14
C CYS A 1055 -17.90 30.75 -8.77
N GLY A 1056 -18.68 29.80 -8.29
CA GLY A 1056 -20.04 30.04 -7.87
C GLY A 1056 -20.77 28.75 -7.51
N PRO A 1057 -21.83 28.86 -6.72
CA PRO A 1057 -22.63 27.70 -6.33
C PRO A 1057 -23.14 26.90 -7.52
N PRO A 1058 -23.54 25.64 -7.28
CA PRO A 1058 -24.01 24.79 -8.38
C PRO A 1058 -25.32 25.21 -9.01
N GLY A 1059 -25.27 25.76 -10.21
CA GLY A 1059 -26.49 26.26 -10.80
C GLY A 1059 -26.63 27.76 -10.82
N SER A 1060 -25.52 28.47 -10.78
CA SER A 1060 -25.55 29.93 -10.83
C SER A 1060 -25.35 30.46 -12.25
N GLY A 1061 -25.73 29.71 -13.27
CA GLY A 1061 -25.57 30.15 -14.65
C GLY A 1061 -24.15 30.47 -15.02
N LYS A 1062 -23.21 29.66 -14.54
CA LYS A 1062 -21.80 29.85 -14.82
C LYS A 1062 -21.46 29.52 -16.26
N THR A 1063 -22.03 28.46 -16.79
CA THR A 1063 -21.72 28.10 -18.15
C THR A 1063 -22.60 28.84 -19.12
N MET A 1064 -23.87 29.00 -18.75
CA MET A 1064 -24.83 29.68 -19.60
C MET A 1064 -24.38 31.08 -19.99
N ILE A 1065 -23.81 31.83 -19.05
CA ILE A 1065 -23.29 33.16 -19.38
C ILE A 1065 -22.17 33.10 -20.40
N MET A 1066 -21.21 32.20 -20.21
CA MET A 1066 -20.14 32.05 -21.20
C MET A 1066 -20.69 31.68 -22.56
N ASN A 1067 -21.53 30.66 -22.60
CA ASN A 1067 -22.07 30.17 -23.86
C ASN A 1067 -22.83 31.25 -24.58
N ASN A 1068 -23.64 32.02 -23.86
CA ASN A 1068 -24.35 33.11 -24.50
C ASN A 1068 -23.42 34.17 -25.03
N ALA A 1069 -22.50 34.64 -24.17
CA ALA A 1069 -21.57 35.69 -24.58
C ALA A 1069 -20.80 35.30 -25.82
N LEU A 1070 -20.34 34.06 -25.88
CA LEU A 1070 -19.51 33.67 -26.99
C LEU A 1070 -20.26 33.13 -28.20
N ARG A 1071 -21.48 32.62 -28.03
CA ARG A 1071 -22.24 32.09 -29.15
C ARG A 1071 -22.50 33.17 -30.18
N ASN A 1072 -22.84 34.36 -29.71
CA ASN A 1072 -23.08 35.48 -30.60
C ASN A 1072 -21.80 35.83 -31.32
N SER A 1073 -20.68 35.78 -30.59
CA SER A 1073 -19.37 36.11 -31.11
C SER A 1073 -18.93 35.09 -32.14
N SER A 1074 -18.19 35.57 -33.11
CA SER A 1074 -17.66 34.76 -34.19
C SER A 1074 -16.18 34.53 -34.01
N LEU A 1075 -15.61 35.06 -32.94
CA LEU A 1075 -14.17 35.02 -32.74
C LEU A 1075 -13.73 33.97 -31.74
N TYR A 1076 -14.53 33.70 -30.73
CA TYR A 1076 -14.09 32.88 -29.62
C TYR A 1076 -14.88 31.56 -29.57
N ASP A 1077 -14.34 30.51 -30.19
CA ASP A 1077 -15.00 29.23 -30.07
C ASP A 1077 -14.65 28.56 -28.75
N VAL A 1078 -15.45 27.56 -28.36
CA VAL A 1078 -15.38 26.97 -27.03
C VAL A 1078 -15.05 25.50 -27.13
N VAL A 1079 -14.16 25.01 -26.25
CA VAL A 1079 -14.08 23.59 -25.93
C VAL A 1079 -14.48 23.42 -24.48
N GLY A 1080 -15.32 22.44 -24.20
CA GLY A 1080 -15.71 22.09 -22.83
C GLY A 1080 -15.00 20.87 -22.31
N ILE A 1081 -14.39 20.99 -21.13
CA ILE A 1081 -13.70 19.87 -20.50
C ILE A 1081 -14.15 19.73 -19.06
N ASN A 1082 -15.00 18.75 -18.79
CA ASN A 1082 -15.58 18.56 -17.46
C ASN A 1082 -14.69 17.62 -16.67
N PHE A 1083 -14.04 18.15 -15.65
CA PHE A 1083 -13.10 17.39 -14.83
C PHE A 1083 -13.83 16.48 -13.86
N SER A 1084 -13.07 15.58 -13.25
CA SER A 1084 -13.58 14.70 -12.22
C SER A 1084 -12.47 14.45 -11.22
N LYS A 1085 -12.59 13.33 -10.50
CA LYS A 1085 -11.61 12.93 -9.51
C LYS A 1085 -10.25 12.63 -10.11
N ASP A 1086 -10.19 11.93 -11.23
CA ASP A 1086 -8.86 11.64 -11.75
C ASP A 1086 -8.72 11.90 -13.24
N THR A 1087 -8.73 13.17 -13.61
CA THR A 1087 -8.51 13.54 -14.99
C THR A 1087 -7.01 13.60 -15.21
N THR A 1088 -6.57 13.32 -16.42
CA THR A 1088 -5.14 13.42 -16.69
C THR A 1088 -4.89 14.55 -17.66
N THR A 1089 -3.62 14.97 -17.74
CA THR A 1089 -3.19 15.95 -18.74
C THR A 1089 -3.33 15.42 -20.16
N GLU A 1090 -3.21 14.13 -20.33
CA GLU A 1090 -3.44 13.48 -21.62
C GLU A 1090 -4.87 13.66 -22.08
N HIS A 1091 -5.83 13.68 -21.16
CA HIS A 1091 -7.20 13.93 -21.54
C HIS A 1091 -7.35 15.34 -22.07
N ILE A 1092 -6.62 16.27 -21.48
CA ILE A 1092 -6.65 17.64 -21.95
C ILE A 1092 -6.05 17.73 -23.34
N LEU A 1093 -4.93 17.04 -23.56
CA LEU A 1093 -4.32 17.11 -24.89
C LEU A 1093 -5.16 16.40 -25.93
N SER A 1094 -5.81 15.31 -25.55
CA SER A 1094 -6.69 14.59 -26.45
C SER A 1094 -7.92 15.42 -26.82
N ALA A 1095 -8.47 16.17 -25.86
CA ALA A 1095 -9.50 17.13 -26.17
C ALA A 1095 -9.02 18.15 -27.19
N LEU A 1096 -7.84 18.73 -26.94
CA LEU A 1096 -7.29 19.76 -27.81
C LEU A 1096 -6.98 19.25 -29.20
N HIS A 1097 -6.65 17.97 -29.32
CA HIS A 1097 -6.21 17.43 -30.61
C HIS A 1097 -7.24 17.62 -31.72
N ARG A 1098 -8.53 17.49 -31.43
CA ARG A 1098 -9.54 17.64 -32.47
C ARG A 1098 -9.64 19.06 -33.06
N HIS A 1099 -9.43 20.09 -32.25
CA HIS A 1099 -9.53 21.48 -32.67
C HIS A 1099 -8.24 22.15 -33.06
N THR A 1100 -7.10 21.56 -32.74
CA THR A 1100 -5.83 22.25 -32.82
C THR A 1100 -4.91 21.61 -33.84
N ASN A 1101 -3.87 22.36 -34.15
CA ASN A 1101 -2.86 21.97 -35.12
C ASN A 1101 -1.48 22.35 -34.60
N TYR A 1102 -0.48 21.60 -35.04
CA TYR A 1102 0.90 21.83 -34.61
C TYR A 1102 1.80 22.20 -35.78
N VAL A 1103 2.60 23.25 -35.62
CA VAL A 1103 3.53 23.66 -36.66
C VAL A 1103 4.90 23.77 -36.01
N THR A 1104 5.92 23.34 -36.73
CA THR A 1104 7.32 23.46 -36.30
C THR A 1104 7.99 24.75 -36.78
N THR A 1105 8.68 25.45 -35.87
CA THR A 1105 9.43 26.66 -36.18
C THR A 1105 10.67 26.65 -35.32
N SER A 1106 11.79 27.09 -35.87
CA SER A 1106 13.03 27.14 -35.08
C SER A 1106 12.95 28.15 -33.93
N LYS A 1107 12.39 29.33 -34.22
CA LYS A 1107 12.23 30.43 -33.27
C LYS A 1107 11.30 30.10 -32.10
N GLY A 1108 10.20 29.40 -32.36
CA GLY A 1108 9.21 29.08 -31.36
C GLY A 1108 9.03 27.62 -31.06
N LEU A 1109 9.98 26.81 -31.52
CA LEU A 1109 9.98 25.35 -31.44
C LEU A 1109 8.65 24.78 -31.93
N THR A 1110 7.85 24.09 -31.12
CA THR A 1110 6.59 23.64 -31.69
C THR A 1110 5.46 24.56 -31.29
N LEU A 1111 5.02 25.38 -32.24
CA LEU A 1111 3.86 26.22 -32.04
C LEU A 1111 2.61 25.36 -32.14
N LEU A 1112 1.67 25.59 -31.24
CA LEU A 1112 0.35 24.99 -31.34
C LEU A 1112 -0.66 26.10 -31.60
N PRO A 1113 -0.95 26.44 -32.85
CA PRO A 1113 -2.12 27.27 -33.12
C PRO A 1113 -3.38 26.41 -33.15
N LYS A 1114 -4.52 27.03 -32.93
CA LYS A 1114 -5.77 26.41 -33.34
C LYS A 1114 -5.89 26.25 -34.85
N SER A 1115 -6.70 25.27 -35.25
CA SER A 1115 -6.87 24.87 -36.65
C SER A 1115 -7.69 25.83 -37.51
N ASP A 1116 -7.73 27.12 -37.16
CA ASP A 1116 -8.43 28.11 -37.96
C ASP A 1116 -7.92 29.50 -37.58
N ILE A 1117 -8.73 30.53 -37.87
CA ILE A 1117 -8.33 31.91 -37.66
C ILE A 1117 -8.88 32.46 -36.33
N LYS A 1118 -9.88 31.82 -35.75
CA LYS A 1118 -10.57 32.35 -34.56
C LYS A 1118 -9.65 32.33 -33.33
N ASN A 1119 -10.22 32.66 -32.17
CA ASN A 1119 -9.66 32.37 -30.87
C ASN A 1119 -10.38 31.20 -30.22
N LEU A 1120 -9.69 30.51 -29.30
CA LEU A 1120 -10.27 29.33 -28.67
C LEU A 1120 -10.23 29.45 -27.15
N VAL A 1121 -11.36 29.15 -26.53
CA VAL A 1121 -11.55 29.22 -25.09
C VAL A 1121 -11.68 27.81 -24.54
N LEU A 1122 -10.80 27.43 -23.63
CA LEU A 1122 -10.94 26.16 -22.94
C LEU A 1122 -11.72 26.32 -21.66
N PHE A 1123 -12.99 25.95 -21.68
CA PHE A 1123 -13.78 26.02 -20.48
C PHE A 1123 -13.55 24.75 -19.69
N CYS A 1124 -12.69 24.83 -18.69
CA CYS A 1124 -12.29 23.69 -17.88
C CYS A 1124 -13.15 23.67 -16.63
N ASP A 1125 -14.32 23.04 -16.72
CA ASP A 1125 -15.24 23.01 -15.60
C ASP A 1125 -14.90 22.01 -14.51
N GLU A 1126 -15.15 22.42 -13.26
CA GLU A 1126 -14.90 21.63 -12.05
C GLU A 1126 -13.43 21.41 -11.77
N ILE A 1127 -12.62 22.43 -12.07
CA ILE A 1127 -11.18 22.39 -12.00
C ILE A 1127 -10.57 22.07 -10.65
N ASN A 1128 -11.31 22.13 -9.56
CA ASN A 1128 -10.71 21.88 -8.26
C ASN A 1128 -11.05 20.51 -7.69
N LEU A 1129 -11.60 19.63 -8.48
CA LEU A 1129 -11.71 18.26 -8.00
C LEU A 1129 -10.57 17.27 -8.18
N PRO A 1130 -9.68 17.32 -9.27
CA PRO A 1130 -8.65 16.28 -9.42
C PRO A 1130 -7.84 16.01 -8.16
N LYS A 1131 -7.97 14.77 -7.68
CA LYS A 1131 -7.33 14.31 -6.47
C LYS A 1131 -5.83 14.48 -6.47
N LEU A 1132 -5.35 15.31 -5.56
CA LEU A 1132 -3.92 15.52 -5.38
C LEU A 1132 -3.28 14.26 -4.82
N ASP A 1133 -1.99 14.13 -5.05
CA ASP A 1133 -1.18 13.16 -4.33
C ASP A 1133 -1.05 13.53 -2.85
N LYS A 1134 -0.53 12.58 -2.08
CA LYS A 1134 -0.29 12.74 -0.66
C LYS A 1134 0.57 13.95 -0.31
N TYR A 1135 1.39 14.46 -1.22
CA TYR A 1135 2.10 15.69 -0.91
C TYR A 1135 1.23 16.91 -1.16
N GLY A 1136 0.04 16.73 -1.73
CA GLY A 1136 -0.83 17.82 -2.04
C GLY A 1136 -0.71 18.36 -3.45
N SER A 1137 0.19 17.80 -4.26
CA SER A 1137 0.37 18.24 -5.64
C SER A 1137 -0.72 17.66 -6.54
N GLN A 1138 -1.54 18.51 -7.15
CA GLN A 1138 -2.47 18.08 -8.19
C GLN A 1138 -1.90 18.50 -9.54
N ASN A 1139 -1.26 17.57 -10.23
CA ASN A 1139 -0.40 17.91 -11.36
C ASN A 1139 -1.12 18.64 -12.49
N VAL A 1140 -2.41 18.37 -12.72
CA VAL A 1140 -3.13 19.06 -13.79
C VAL A 1140 -3.32 20.54 -13.52
N VAL A 1141 -3.47 20.94 -12.27
CA VAL A 1141 -3.60 22.36 -11.98
C VAL A 1141 -2.28 23.06 -12.23
N LEU A 1142 -1.19 22.36 -11.96
CA LEU A 1142 0.12 22.91 -12.27
C LEU A 1142 0.33 23.00 -13.77
N PHE A 1143 -0.17 22.03 -14.52
CA PHE A 1143 -0.11 22.08 -15.97
C PHE A 1143 -0.86 23.29 -16.50
N LEU A 1144 -2.06 23.54 -15.99
CA LEU A 1144 -2.80 24.74 -16.39
C LEU A 1144 -2.11 26.03 -15.97
N ARG A 1145 -1.45 26.02 -14.82
CA ARG A 1145 -0.61 27.16 -14.45
C ARG A 1145 0.47 27.36 -15.48
N GLN A 1146 1.11 26.27 -15.91
CA GLN A 1146 2.12 26.36 -16.94
C GLN A 1146 1.57 26.95 -18.21
N LEU A 1147 0.39 26.50 -18.64
CA LEU A 1147 -0.21 27.05 -19.84
C LEU A 1147 -0.45 28.55 -19.75
N MET A 1148 -0.91 29.04 -18.59
CA MET A 1148 -1.07 30.49 -18.53
C MET A 1148 0.26 31.23 -18.38
N GLU A 1149 0.99 30.93 -17.31
CA GLU A 1149 2.22 31.63 -16.99
C GLU A 1149 3.32 31.49 -18.02
N LYS A 1150 3.46 30.32 -18.62
CA LYS A 1150 4.57 30.09 -19.51
C LYS A 1150 4.22 30.10 -20.97
N GLN A 1151 2.93 30.04 -21.30
CA GLN A 1151 2.44 29.98 -22.68
C GLN A 1151 2.95 28.75 -23.41
N GLY A 1152 3.09 27.64 -22.69
CA GLY A 1152 3.60 26.45 -23.33
C GLY A 1152 3.70 25.31 -22.34
N PHE A 1153 4.32 24.24 -22.81
CA PHE A 1153 4.51 23.02 -22.04
C PHE A 1153 5.55 22.17 -22.75
N TRP A 1154 6.02 21.15 -22.07
CA TRP A 1154 6.96 20.23 -22.69
C TRP A 1154 6.24 19.04 -23.28
N LYS A 1155 6.65 18.66 -24.47
CA LYS A 1155 6.22 17.46 -25.15
C LYS A 1155 7.26 16.40 -24.86
N THR A 1156 6.92 15.53 -23.92
CA THR A 1156 7.83 14.52 -23.39
C THR A 1156 8.14 13.29 -24.24
N PRO A 1157 7.32 12.84 -25.20
CA PRO A 1157 7.89 11.84 -26.14
C PRO A 1157 8.90 12.45 -27.07
N GLU A 1158 8.73 13.73 -27.41
CA GLU A 1158 9.68 14.42 -28.26
C GLU A 1158 10.72 15.18 -27.46
N ASN A 1159 10.35 15.58 -26.23
CA ASN A 1159 11.21 16.32 -25.31
C ASN A 1159 11.46 17.73 -25.82
N LYS A 1160 10.53 18.25 -26.62
CA LYS A 1160 10.62 19.61 -27.12
C LYS A 1160 9.54 20.52 -26.55
N TRP A 1161 9.86 21.81 -26.50
CA TRP A 1161 8.92 22.80 -26.00
C TRP A 1161 7.84 23.14 -27.01
N VAL A 1162 6.65 23.35 -26.48
CA VAL A 1162 5.46 23.76 -27.22
C VAL A 1162 5.02 25.12 -26.73
N THR A 1163 4.97 26.08 -27.64
CA THR A 1163 4.37 27.37 -27.36
C THR A 1163 2.93 27.32 -27.85
N ILE A 1164 2.01 27.81 -27.05
CA ILE A 1164 0.61 27.90 -27.39
C ILE A 1164 0.28 29.24 -28.04
N GLU A 1165 -0.64 29.21 -29.01
CA GLU A 1165 -0.98 30.38 -29.82
C GLU A 1165 -2.48 30.64 -29.73
N ARG A 1166 -2.86 31.74 -29.09
CA ARG A 1166 -4.23 32.28 -29.02
C ARG A 1166 -5.18 31.51 -28.14
N ILE A 1167 -4.76 30.46 -27.49
CA ILE A 1167 -5.69 29.70 -26.66
C ILE A 1167 -5.84 30.39 -25.32
N HIS A 1168 -7.08 30.45 -24.85
CA HIS A 1168 -7.44 31.11 -23.61
C HIS A 1168 -7.95 30.06 -22.63
N ILE A 1169 -7.80 30.33 -21.34
CA ILE A 1169 -8.26 29.42 -20.30
C ILE A 1169 -9.40 30.06 -19.54
N VAL A 1170 -10.47 29.33 -19.33
CA VAL A 1170 -11.53 29.74 -18.44
C VAL A 1170 -11.79 28.60 -17.48
N GLY A 1171 -11.74 28.88 -16.21
CA GLY A 1171 -12.11 27.93 -15.19
C GLY A 1171 -13.51 28.14 -14.71
N ALA A 1172 -14.09 27.11 -14.13
CA ALA A 1172 -15.31 27.28 -13.39
C ALA A 1172 -15.27 26.35 -12.18
N CYS A 1173 -15.83 26.80 -11.08
CA CYS A 1173 -15.67 26.05 -9.85
C CYS A 1173 -16.86 26.25 -8.92
N ASN A 1174 -17.15 25.25 -8.11
CA ASN A 1174 -17.98 25.37 -6.91
C ASN A 1174 -17.12 25.63 -5.68
N PRO A 1175 -17.50 26.61 -4.84
CA PRO A 1175 -16.65 27.12 -3.72
C PRO A 1175 -15.92 26.03 -2.95
N PRO A 1176 -14.70 26.32 -2.48
CA PRO A 1176 -13.87 25.30 -1.82
C PRO A 1176 -14.40 24.79 -0.50
N THR A 1177 -15.41 25.42 0.08
CA THR A 1177 -15.97 24.90 1.31
C THR A 1177 -16.95 23.75 1.10
N ASP A 1178 -17.37 23.49 -0.13
CA ASP A 1178 -18.30 22.40 -0.37
C ASP A 1178 -17.60 21.05 -0.23
N PRO A 1179 -18.34 20.01 0.18
CA PRO A 1179 -17.79 18.65 0.32
C PRO A 1179 -16.94 18.15 -0.85
N GLY A 1180 -15.74 17.67 -0.54
CA GLY A 1180 -14.93 17.06 -1.57
C GLY A 1180 -14.14 17.99 -2.43
N ARG A 1181 -14.17 19.29 -2.18
CA ARG A 1181 -13.44 20.24 -2.97
C ARG A 1181 -12.03 20.40 -2.43
N ILE A 1182 -11.09 20.67 -3.33
CA ILE A 1182 -9.68 20.81 -2.98
C ILE A 1182 -9.30 22.28 -3.09
N PRO A 1183 -8.72 22.88 -2.06
CA PRO A 1183 -8.07 24.20 -2.18
C PRO A 1183 -6.98 24.24 -3.23
N MET A 1184 -7.18 25.04 -4.27
CA MET A 1184 -6.16 25.14 -5.31
C MET A 1184 -4.96 25.97 -4.83
N SER A 1185 -3.84 25.79 -5.52
CA SER A 1185 -2.65 26.59 -5.22
C SER A 1185 -2.87 28.05 -5.52
N GLU A 1186 -2.40 28.92 -4.62
CA GLU A 1186 -2.45 30.35 -4.90
C GLU A 1186 -1.58 30.71 -6.10
N ARG A 1187 -0.46 30.01 -6.33
CA ARG A 1187 0.42 30.32 -7.46
C ARG A 1187 -0.32 30.21 -8.79
N PHE A 1188 -1.27 29.30 -8.88
CA PHE A 1188 -2.09 29.15 -10.08
C PHE A 1188 -3.15 30.25 -10.13
N THR A 1189 -3.94 30.38 -9.06
CA THR A 1189 -5.12 31.25 -9.00
C THR A 1189 -4.74 32.72 -9.13
N ARG A 1190 -3.53 33.07 -8.73
CA ARG A 1190 -3.00 34.42 -8.88
C ARG A 1190 -3.08 34.91 -10.30
N HIS A 1191 -3.03 34.01 -11.27
CA HIS A 1191 -3.09 34.44 -12.65
C HIS A 1191 -4.50 34.74 -13.14
N ALA A 1192 -5.55 34.42 -12.40
CA ALA A 1192 -6.88 34.62 -12.96
C ALA A 1192 -7.67 35.72 -12.31
N ALA A 1193 -8.51 36.35 -13.12
CA ALA A 1193 -9.56 37.24 -12.67
C ALA A 1193 -10.74 36.41 -12.17
N ILE A 1194 -10.79 36.20 -10.88
CA ILE A 1194 -11.85 35.47 -10.23
C ILE A 1194 -13.12 36.31 -10.12
N LEU A 1195 -14.26 35.70 -10.43
CA LEU A 1195 -15.56 36.32 -10.17
C LEU A 1195 -16.44 35.34 -9.41
N TYR A 1196 -17.41 35.92 -8.71
CA TYR A 1196 -18.43 35.18 -8.01
C TYR A 1196 -19.79 35.42 -8.65
N LEU A 1197 -20.55 34.36 -8.86
CA LEU A 1197 -21.94 34.43 -9.29
C LEU A 1197 -22.82 33.81 -8.22
N GLY A 1198 -24.02 34.37 -8.02
CA GLY A 1198 -24.92 33.86 -7.02
C GLY A 1198 -26.29 33.65 -7.64
N TYR A 1199 -27.15 32.96 -6.90
CA TYR A 1199 -28.47 32.68 -7.41
C TYR A 1199 -29.24 33.98 -7.65
N PRO A 1200 -29.99 34.06 -8.66
CA PRO A 1200 -30.54 35.35 -9.08
C PRO A 1200 -31.75 35.90 -8.33
N SER A 1201 -31.63 36.02 -7.01
CA SER A 1201 -32.57 36.70 -6.12
C SER A 1201 -33.99 36.15 -6.07
N GLY A 1202 -34.28 34.98 -6.61
CA GLY A 1202 -35.68 34.56 -6.51
C GLY A 1202 -36.65 35.32 -7.41
N LYS A 1203 -36.76 36.64 -7.24
CA LYS A 1203 -37.69 37.41 -8.06
C LYS A 1203 -37.30 37.37 -9.52
N SER A 1204 -36.02 37.50 -9.82
CA SER A 1204 -35.60 37.43 -11.21
C SER A 1204 -35.88 36.06 -11.80
N LEU A 1205 -35.85 35.02 -10.97
CA LEU A 1205 -36.27 33.71 -11.40
C LEU A 1205 -37.75 33.70 -11.75
N SER A 1206 -38.54 34.44 -10.97
CA SER A 1206 -39.95 34.60 -11.29
C SER A 1206 -40.15 35.33 -12.60
N GLN A 1207 -39.26 36.25 -12.95
CA GLN A 1207 -39.40 36.92 -14.24
C GLN A 1207 -39.04 35.99 -15.40
N ILE A 1208 -37.90 35.30 -15.27
CA ILE A 1208 -37.45 34.37 -16.29
C ILE A 1208 -38.51 33.31 -16.56
N TYR A 1209 -39.00 32.69 -15.50
CA TYR A 1209 -40.00 31.67 -15.69
C TYR A 1209 -41.36 32.20 -16.07
N GLU A 1210 -41.69 33.44 -15.74
CA GLU A 1210 -42.90 34.01 -16.28
C GLU A 1210 -42.83 34.08 -17.80
N ILE A 1211 -41.65 34.41 -18.32
CA ILE A 1211 -41.44 34.37 -19.76
C ILE A 1211 -41.60 32.96 -20.30
N TYR A 1212 -40.97 32.00 -19.64
CA TYR A 1212 -41.11 30.60 -20.09
C TYR A 1212 -42.55 30.12 -20.12
N TYR A 1213 -43.28 30.34 -19.03
CA TYR A 1213 -44.70 29.94 -19.02
C TYR A 1213 -45.48 30.64 -20.11
N LYS A 1214 -45.24 31.91 -20.37
CA LYS A 1214 -45.98 32.58 -21.44
C LYS A 1214 -45.66 31.97 -22.79
N ALA A 1215 -44.38 31.65 -23.01
CA ALA A 1215 -43.98 30.99 -24.24
C ALA A 1215 -44.68 29.67 -24.42
N ILE A 1216 -44.64 28.81 -23.40
CA ILE A 1216 -45.26 27.50 -23.59
C ILE A 1216 -46.79 27.58 -23.60
N PHE A 1217 -47.40 28.50 -22.86
CA PHE A 1217 -48.84 28.71 -22.96
C PHE A 1217 -49.28 29.39 -24.21
N LYS A 1218 -48.37 29.74 -25.11
CA LYS A 1218 -48.85 30.04 -26.44
C LYS A 1218 -49.54 28.85 -27.10
N LEU A 1219 -49.27 27.62 -26.65
CA LEU A 1219 -50.04 26.48 -27.16
C LEU A 1219 -51.44 26.37 -26.57
N VAL A 1220 -51.74 27.07 -25.49
CA VAL A 1220 -53.04 26.96 -24.83
C VAL A 1220 -53.52 28.36 -24.47
N PRO A 1221 -53.73 29.23 -25.45
CA PRO A 1221 -53.68 30.68 -25.21
C PRO A 1221 -54.66 31.22 -24.18
N GLU A 1222 -55.82 30.60 -24.03
CA GLU A 1222 -56.80 31.01 -23.02
C GLU A 1222 -56.28 30.98 -21.59
N PHE A 1223 -55.29 30.16 -21.30
CA PHE A 1223 -54.78 30.06 -19.94
C PHE A 1223 -53.55 30.93 -19.71
N ARG A 1224 -53.27 31.87 -20.63
CA ARG A 1224 -52.07 32.71 -20.51
C ARG A 1224 -52.05 33.52 -19.22
N SER A 1225 -53.21 33.94 -18.72
CA SER A 1225 -53.21 34.76 -17.51
C SER A 1225 -52.55 34.02 -16.38
N TYR A 1226 -52.82 32.72 -16.25
CA TYR A 1226 -52.21 31.93 -15.18
C TYR A 1226 -50.69 31.78 -15.23
N THR A 1227 -50.00 32.40 -16.18
CA THR A 1227 -48.56 32.20 -16.26
C THR A 1227 -47.80 32.77 -15.08
N GLU A 1228 -48.24 33.90 -14.57
CA GLU A 1228 -47.68 34.44 -13.33
C GLU A 1228 -47.79 33.51 -12.12
N PRO A 1229 -48.97 33.07 -11.66
CA PRO A 1229 -49.00 32.19 -10.48
C PRO A 1229 -48.25 30.89 -10.63
N PHE A 1230 -48.22 30.30 -11.83
CA PHE A 1230 -47.39 29.12 -12.05
C PHE A 1230 -45.93 29.39 -11.80
N ALA A 1231 -45.42 30.50 -12.33
CA ALA A 1231 -44.02 30.82 -12.11
C ALA A 1231 -43.78 31.10 -10.64
N ARG A 1232 -44.69 31.84 -10.02
CA ARG A 1232 -44.53 32.12 -8.61
C ARG A 1232 -44.63 30.85 -7.78
N ALA A 1233 -45.56 29.97 -8.15
CA ALA A 1233 -45.64 28.67 -7.51
C ALA A 1233 -44.39 27.86 -7.69
N SER A 1234 -43.85 27.90 -8.90
CA SER A 1234 -42.63 27.17 -9.18
C SER A 1234 -41.48 27.62 -8.32
N VAL A 1235 -41.26 28.92 -8.21
CA VAL A 1235 -40.13 29.31 -7.36
C VAL A 1235 -40.41 29.11 -5.88
N HIS A 1236 -41.65 29.28 -5.47
CA HIS A 1236 -41.99 29.09 -4.06
C HIS A 1236 -41.80 27.67 -3.58
N LEU A 1237 -42.26 26.73 -4.37
CA LEU A 1237 -42.03 25.32 -4.09
C LEU A 1237 -40.56 25.01 -4.02
N TYR A 1238 -39.81 25.47 -5.02
CA TYR A 1238 -38.37 25.30 -5.06
C TYR A 1238 -37.73 25.80 -3.78
N ASN A 1239 -38.03 27.04 -3.39
CA ASN A 1239 -37.40 27.61 -2.19
C ASN A 1239 -37.68 26.78 -0.96
N GLU A 1240 -38.95 26.40 -0.76
CA GLU A 1240 -39.25 25.62 0.42
C GLU A 1240 -38.64 24.24 0.33
N CYS A 1241 -38.66 23.65 -0.87
CA CYS A 1241 -37.96 22.39 -1.06
C CYS A 1241 -36.51 22.53 -0.67
N LYS A 1242 -35.86 23.56 -1.20
CA LYS A 1242 -34.45 23.79 -0.93
C LYS A 1242 -34.23 23.99 0.56
N ALA A 1243 -35.20 24.62 1.21
CA ALA A 1243 -35.12 24.85 2.64
C ALA A 1243 -35.34 23.56 3.43
N ARG A 1244 -36.45 22.87 3.18
CA ARG A 1244 -36.77 21.81 4.13
C ARG A 1244 -36.00 20.51 3.92
N TYR A 1245 -35.64 20.17 2.70
CA TYR A 1245 -34.89 18.95 2.43
C TYR A 1245 -33.43 19.31 2.19
N SER A 1246 -32.73 19.56 3.28
CA SER A 1246 -31.36 19.97 3.09
C SER A 1246 -30.45 18.76 2.95
N THR A 1247 -29.21 19.04 2.58
CA THR A 1247 -28.11 18.08 2.51
C THR A 1247 -27.78 17.42 3.83
N GLY A 1248 -28.34 17.87 4.95
CA GLY A 1248 -28.03 17.22 6.20
C GLY A 1248 -28.76 15.92 6.39
N LEU A 1249 -29.84 15.71 5.64
CA LEU A 1249 -30.51 14.44 5.70
C LEU A 1249 -29.82 13.41 4.81
N GLN A 1250 -29.65 13.74 3.53
CA GLN A 1250 -28.90 12.90 2.61
C GLN A 1250 -28.08 13.76 1.67
N SER A 1251 -26.87 13.30 1.38
CA SER A 1251 -25.91 14.06 0.60
C SER A 1251 -26.33 14.28 -0.85
N HIS A 1252 -27.34 13.58 -1.34
CA HIS A 1252 -27.79 13.81 -2.71
C HIS A 1252 -28.94 14.81 -2.80
N TYR A 1253 -29.36 15.42 -1.70
CA TYR A 1253 -30.41 16.46 -1.71
C TYR A 1253 -29.84 17.81 -2.11
N LEU A 1254 -29.51 17.93 -3.38
CA LEU A 1254 -29.08 19.22 -3.91
C LEU A 1254 -30.12 19.74 -4.89
N PHE A 1255 -30.38 21.04 -4.86
CA PHE A 1255 -31.41 21.64 -5.70
C PHE A 1255 -30.92 22.94 -6.31
N SER A 1256 -30.70 22.93 -7.59
CA SER A 1256 -30.36 24.10 -8.37
C SER A 1256 -31.58 24.64 -9.08
N PRO A 1257 -31.52 25.84 -9.63
CA PRO A 1257 -32.52 26.28 -10.60
C PRO A 1257 -32.68 25.38 -11.82
N ARG A 1258 -31.75 24.48 -12.10
CA ARG A 1258 -31.94 23.54 -13.20
C ARG A 1258 -33.09 22.59 -12.95
N GLU A 1259 -33.50 22.42 -11.70
CA GLU A 1259 -34.68 21.63 -11.41
C GLU A 1259 -35.89 22.28 -12.00
N LEU A 1260 -35.92 23.59 -12.02
CA LEU A 1260 -37.07 24.19 -12.65
C LEU A 1260 -37.01 24.14 -14.17
N THR A 1261 -35.83 24.17 -14.77
CA THR A 1261 -35.77 24.11 -16.23
C THR A 1261 -36.14 22.76 -16.82
N ARG A 1262 -35.72 21.67 -16.18
CA ARG A 1262 -36.21 20.34 -16.53
C ARG A 1262 -37.72 20.32 -16.45
N LEU A 1263 -38.23 20.98 -15.41
CA LEU A 1263 -39.65 21.07 -15.18
C LEU A 1263 -40.38 21.69 -16.35
N VAL A 1264 -39.98 22.88 -16.76
CA VAL A 1264 -40.73 23.49 -17.85
C VAL A 1264 -40.58 22.74 -19.15
N ARG A 1265 -39.41 22.14 -19.40
CA ARG A 1265 -39.31 21.31 -20.60
C ARG A 1265 -40.19 20.10 -20.53
N GLY A 1266 -40.32 19.52 -19.35
CA GLY A 1266 -41.18 18.37 -19.23
C GLY A 1266 -42.62 18.77 -19.43
N VAL A 1267 -43.04 19.86 -18.78
CA VAL A 1267 -44.38 20.37 -18.95
C VAL A 1267 -44.68 20.67 -20.39
N TYR A 1268 -43.71 21.29 -21.08
CA TYR A 1268 -43.82 21.50 -22.52
C TYR A 1268 -44.10 20.21 -23.24
N THR A 1269 -43.24 19.21 -23.02
CA THR A 1269 -43.39 17.95 -23.73
C THR A 1269 -44.74 17.35 -23.46
N ALA A 1270 -45.14 17.36 -22.18
CA ALA A 1270 -46.45 16.83 -21.81
C ALA A 1270 -47.56 17.54 -22.56
N ILE A 1271 -47.46 18.85 -22.68
CA ILE A 1271 -48.47 19.57 -23.43
C ILE A 1271 -48.34 19.28 -24.92
N ASN A 1272 -47.12 19.33 -25.45
CA ASN A 1272 -46.92 19.16 -26.90
C ASN A 1272 -47.48 17.86 -27.42
N THR A 1273 -47.27 16.77 -26.72
CA THR A 1273 -47.79 15.47 -27.13
C THR A 1273 -49.08 15.09 -26.44
N GLY A 1274 -49.82 16.06 -25.89
CA GLY A 1274 -51.06 15.72 -25.25
C GLY A 1274 -52.33 16.10 -25.99
N PRO A 1275 -53.46 15.67 -25.44
CA PRO A 1275 -54.77 16.10 -25.92
C PRO A 1275 -55.19 17.50 -25.49
N ARG A 1276 -56.46 17.82 -25.76
CA ARG A 1276 -57.09 19.01 -25.22
C ARG A 1276 -57.05 19.01 -23.71
N GLN A 1277 -56.56 20.09 -23.13
CA GLN A 1277 -56.47 20.19 -21.69
C GLN A 1277 -57.66 20.98 -21.15
N THR A 1278 -57.99 20.73 -19.90
CA THR A 1278 -58.69 21.71 -19.07
C THR A 1278 -57.77 22.13 -17.96
N LEU A 1279 -58.22 23.12 -17.18
CA LEU A 1279 -57.39 23.62 -16.09
C LEU A 1279 -57.13 22.55 -15.05
N ARG A 1280 -58.09 21.64 -14.88
CA ARG A 1280 -57.89 20.53 -13.96
C ARG A 1280 -56.77 19.66 -14.45
N SER A 1281 -56.74 19.41 -15.75
CA SER A 1281 -55.68 18.62 -16.36
C SER A 1281 -54.35 19.31 -16.24
N LEU A 1282 -54.31 20.60 -16.53
CA LEU A 1282 -53.07 21.35 -16.42
C LEU A 1282 -52.48 21.23 -15.02
N ILE A 1283 -53.31 21.39 -13.99
CA ILE A 1283 -52.82 21.26 -12.63
C ILE A 1283 -52.35 19.84 -12.34
N ARG A 1284 -53.11 18.82 -12.77
CA ARG A 1284 -52.70 17.43 -12.55
C ARG A 1284 -51.34 17.17 -13.18
N LEU A 1285 -51.20 17.54 -14.45
CA LEU A 1285 -49.97 17.37 -15.20
C LEU A 1285 -48.82 18.05 -14.48
N TRP A 1286 -49.04 19.29 -14.05
CA TRP A 1286 -48.03 20.04 -13.34
C TRP A 1286 -47.63 19.36 -12.05
N ALA A 1287 -48.60 18.78 -11.36
CA ALA A 1287 -48.31 17.99 -10.16
C ALA A 1287 -47.45 16.78 -10.49
N TYR A 1288 -47.77 16.08 -11.58
CA TYR A 1288 -46.97 14.94 -12.01
C TYR A 1288 -45.53 15.33 -12.25
N GLU A 1289 -45.33 16.40 -13.00
CA GLU A 1289 -43.98 16.90 -13.23
C GLU A 1289 -43.27 17.23 -11.94
N ALA A 1290 -43.94 17.95 -11.05
CA ALA A 1290 -43.36 18.28 -9.75
C ALA A 1290 -42.94 17.05 -8.98
N TRP A 1291 -43.79 16.02 -8.96
CA TRP A 1291 -43.43 14.75 -8.38
C TRP A 1291 -42.14 14.20 -8.96
N ARG A 1292 -42.11 14.03 -10.29
CA ARG A 1292 -40.99 13.36 -10.92
C ARG A 1292 -39.70 14.17 -10.91
N ILE A 1293 -39.78 15.47 -10.70
CA ILE A 1293 -38.59 16.27 -10.50
C ILE A 1293 -38.12 16.15 -9.07
N PHE A 1294 -38.93 16.68 -8.16
CA PHE A 1294 -38.48 16.95 -6.82
C PHE A 1294 -38.43 15.70 -5.95
N ALA A 1295 -39.45 14.85 -5.98
CA ALA A 1295 -39.66 13.94 -4.87
C ALA A 1295 -39.07 12.56 -5.08
N ASP A 1296 -38.77 12.17 -6.31
CA ASP A 1296 -38.13 10.89 -6.58
C ASP A 1296 -36.81 10.68 -5.85
N ARG A 1297 -36.11 11.72 -5.51
CA ARG A 1297 -34.84 11.55 -4.81
C ARG A 1297 -35.02 11.34 -3.32
N LEU A 1298 -36.19 11.59 -2.78
CA LEU A 1298 -36.42 11.61 -1.34
C LEU A 1298 -36.49 10.20 -0.80
N VAL A 1299 -35.89 10.00 0.37
CA VAL A 1299 -36.08 8.73 1.06
C VAL A 1299 -36.78 8.95 2.39
N GLY A 1300 -37.57 7.97 2.79
CA GLY A 1300 -38.36 8.23 3.95
C GLY A 1300 -39.79 8.58 3.60
N VAL A 1301 -40.73 7.79 4.09
CA VAL A 1301 -42.14 8.03 3.77
C VAL A 1301 -42.62 9.35 4.38
N LYS A 1302 -42.04 9.74 5.53
CA LYS A 1302 -42.38 11.03 6.12
C LYS A 1302 -41.98 12.19 5.22
N GLU A 1303 -40.90 12.04 4.46
CA GLU A 1303 -40.49 13.11 3.56
C GLU A 1303 -41.42 13.22 2.38
N LYS A 1304 -41.86 12.08 1.84
CA LYS A 1304 -42.82 12.13 0.77
C LYS A 1304 -44.16 12.67 1.25
N ASN A 1305 -44.58 12.31 2.46
CA ASN A 1305 -45.82 12.84 3.02
C ASN A 1305 -45.73 14.35 3.22
N SER A 1306 -44.59 14.82 3.72
CA SER A 1306 -44.42 16.25 3.89
C SER A 1306 -44.35 16.93 2.54
N PHE A 1307 -43.86 16.24 1.53
CA PHE A 1307 -43.86 16.77 0.18
C PHE A 1307 -45.27 16.90 -0.36
N GLU A 1308 -46.12 15.92 -0.08
CA GLU A 1308 -47.53 16.04 -0.41
C GLU A 1308 -48.16 17.25 0.24
N GLN A 1309 -47.94 17.40 1.55
CA GLN A 1309 -48.46 18.56 2.26
C GLN A 1309 -47.96 19.87 1.68
N LEU A 1310 -46.68 19.92 1.31
CA LEU A 1310 -46.13 21.10 0.67
C LEU A 1310 -46.80 21.40 -0.65
N LEU A 1311 -47.02 20.38 -1.45
CA LEU A 1311 -47.67 20.55 -2.72
C LEU A 1311 -49.07 21.10 -2.57
N TYR A 1312 -49.87 20.48 -1.69
CA TYR A 1312 -51.23 20.97 -1.42
C TYR A 1312 -51.24 22.43 -1.00
N GLU A 1313 -50.34 22.79 -0.08
CA GLU A 1313 -50.24 24.18 0.36
C GLU A 1313 -49.91 25.12 -0.79
N THR A 1314 -48.91 24.78 -1.59
CA THR A 1314 -48.50 25.62 -2.70
C THR A 1314 -49.63 25.86 -3.68
N VAL A 1315 -50.34 24.79 -4.04
CA VAL A 1315 -51.43 24.95 -5.00
C VAL A 1315 -52.59 25.70 -4.38
N ASP A 1316 -52.86 25.47 -3.11
CA ASP A 1316 -53.91 26.21 -2.42
C ASP A 1316 -53.59 27.69 -2.39
N LYS A 1317 -52.32 28.02 -2.18
CA LYS A 1317 -51.87 29.40 -2.20
C LYS A 1317 -52.06 30.03 -3.56
N TYR A 1318 -51.72 29.31 -4.63
CA TYR A 1318 -51.56 29.96 -5.92
C TYR A 1318 -52.58 29.57 -6.97
N LEU A 1319 -53.05 28.33 -6.98
CA LEU A 1319 -54.04 27.85 -7.95
C LEU A 1319 -55.19 27.23 -7.18
N PRO A 1320 -56.11 28.03 -6.74
CA PRO A 1320 -57.25 27.56 -5.94
C PRO A 1320 -58.39 27.02 -6.80
N ASN A 1321 -58.22 25.83 -7.38
CA ASN A 1321 -59.31 25.30 -8.16
C ASN A 1321 -60.03 24.16 -7.42
N GLN A 1322 -61.25 23.94 -7.89
CA GLN A 1322 -62.26 23.04 -7.31
C GLN A 1322 -62.15 21.55 -7.57
N ASP A 1323 -61.55 21.06 -8.65
CA ASP A 1323 -61.59 19.61 -8.79
C ASP A 1323 -60.28 18.86 -8.73
N LEU A 1324 -59.43 19.20 -7.78
CA LEU A 1324 -58.21 18.46 -7.60
C LEU A 1324 -58.54 17.33 -6.64
N GLY A 1325 -58.01 16.15 -6.91
CA GLY A 1325 -58.30 15.07 -6.01
C GLY A 1325 -57.03 14.66 -5.33
N ASN A 1326 -56.86 13.39 -5.00
CA ASN A 1326 -55.63 12.97 -4.36
C ASN A 1326 -54.46 13.20 -5.30
N ILE A 1327 -53.38 13.70 -4.73
CA ILE A 1327 -52.18 13.99 -5.51
C ILE A 1327 -51.10 12.95 -5.21
N SER A 1328 -51.51 11.82 -4.65
CA SER A 1328 -50.56 10.77 -4.33
C SER A 1328 -49.90 10.27 -5.61
N SER A 1329 -48.58 10.04 -5.52
CA SER A 1329 -47.74 9.54 -6.61
C SER A 1329 -48.31 8.36 -7.37
N THR A 1330 -49.22 7.60 -6.74
CA THR A 1330 -49.80 6.39 -7.30
C THR A 1330 -51.25 6.62 -7.68
N SER A 1331 -51.69 7.86 -7.62
CA SER A 1331 -53.06 8.22 -7.96
C SER A 1331 -53.14 9.11 -9.18
N LEU A 1332 -52.03 9.36 -9.88
CA LEU A 1332 -52.00 10.24 -11.02
C LEU A 1332 -51.10 9.67 -12.12
N LEU A 1333 -51.46 8.48 -12.57
CA LEU A 1333 -50.70 7.74 -13.58
C LEU A 1333 -50.95 8.29 -14.98
N PHE A 1334 -50.28 9.41 -15.27
CA PHE A 1334 -50.17 9.87 -16.64
C PHE A 1334 -49.31 8.93 -17.47
N SER A 1335 -49.84 8.44 -18.58
CA SER A 1335 -49.15 7.48 -19.41
C SER A 1335 -49.15 7.93 -20.85
N GLY A 1336 -48.22 7.38 -21.62
CA GLY A 1336 -48.25 7.44 -23.05
C GLY A 1336 -48.12 6.10 -23.73
N LEU A 1337 -48.37 5.01 -23.01
CA LEU A 1337 -48.23 3.70 -23.61
C LEU A 1337 -49.47 3.18 -24.32
N LEU A 1338 -50.55 3.00 -23.58
CA LEU A 1338 -51.79 2.47 -24.14
C LEU A 1338 -52.38 3.40 -25.19
N SER A 1339 -52.31 4.68 -24.97
CA SER A 1339 -52.85 5.65 -25.89
C SER A 1339 -51.75 6.32 -26.69
N LEU A 1340 -52.11 6.73 -27.90
CA LEU A 1340 -51.17 7.39 -28.79
C LEU A 1340 -50.70 8.71 -28.19
N ASP A 1341 -51.59 9.43 -27.51
CA ASP A 1341 -51.20 10.68 -26.89
C ASP A 1341 -51.11 10.52 -25.37
N PHE A 1342 -50.16 11.24 -24.80
CA PHE A 1342 -49.82 11.24 -23.39
C PHE A 1342 -50.98 11.77 -22.55
N LYS A 1343 -51.58 10.93 -21.71
CA LYS A 1343 -52.70 11.37 -20.88
C LYS A 1343 -52.83 10.47 -19.67
N GLU A 1344 -53.52 10.97 -18.64
CA GLU A 1344 -53.77 10.19 -17.43
C GLU A 1344 -54.71 9.01 -17.68
N VAL A 1345 -54.16 7.80 -17.69
CA VAL A 1345 -54.89 6.59 -18.05
C VAL A 1345 -55.27 5.88 -16.75
N ASN A 1346 -56.12 4.85 -16.83
CA ASN A 1346 -56.66 4.12 -15.68
C ASN A 1346 -55.77 2.94 -15.32
N LYS A 1347 -55.52 2.82 -14.01
CA LYS A 1347 -54.66 1.80 -13.40
C LYS A 1347 -54.95 0.37 -13.81
N THR A 1348 -56.22 0.00 -13.89
CA THR A 1348 -56.62 -1.35 -14.30
C THR A 1348 -56.12 -1.69 -15.69
N ASP A 1349 -56.28 -0.77 -16.63
CA ASP A 1349 -55.90 -1.06 -18.00
C ASP A 1349 -54.39 -1.18 -18.14
N LEU A 1350 -53.64 -0.33 -17.43
CA LEU A 1350 -52.20 -0.47 -17.36
C LEU A 1350 -51.80 -1.84 -16.84
N VAL A 1351 -52.44 -2.25 -15.74
CA VAL A 1351 -52.17 -3.56 -15.16
C VAL A 1351 -52.34 -4.65 -16.19
N ASN A 1352 -53.49 -4.67 -16.85
CA ASN A 1352 -53.77 -5.74 -17.80
C ASN A 1352 -52.83 -5.71 -19.00
N PHE A 1353 -52.52 -4.51 -19.47
CA PHE A 1353 -51.55 -4.35 -20.53
C PHE A 1353 -50.17 -4.86 -20.15
N ILE A 1354 -49.66 -4.45 -18.99
CA ILE A 1354 -48.34 -4.89 -18.57
C ILE A 1354 -48.30 -6.39 -18.36
N GLU A 1355 -49.35 -6.96 -17.77
CA GLU A 1355 -49.44 -8.40 -17.61
C GLU A 1355 -49.31 -9.13 -18.92
N GLU A 1356 -50.14 -8.77 -19.90
CA GLU A 1356 -50.11 -9.47 -21.18
C GLU A 1356 -48.79 -9.25 -21.92
N ARG A 1357 -48.26 -8.04 -21.90
CA ARG A 1357 -47.02 -7.74 -22.61
C ARG A 1357 -45.84 -8.42 -21.95
N PHE A 1358 -45.80 -8.41 -20.61
CA PHE A 1358 -44.72 -9.02 -19.87
C PHE A 1358 -44.75 -10.52 -20.02
N LYS A 1359 -45.94 -11.09 -20.07
CA LYS A 1359 -46.09 -12.50 -20.38
C LYS A 1359 -45.51 -12.80 -21.74
N THR A 1360 -45.88 -11.98 -22.72
CA THR A 1360 -45.35 -12.13 -24.06
C THR A 1360 -43.83 -11.99 -24.10
N PHE A 1361 -43.30 -11.01 -23.38
CA PHE A 1361 -41.86 -10.82 -23.27
C PHE A 1361 -41.16 -12.04 -22.67
N CYS A 1362 -41.69 -12.57 -21.58
CA CYS A 1362 -41.12 -13.77 -20.99
C CYS A 1362 -41.25 -14.97 -21.92
N ASP A 1363 -42.36 -15.08 -22.63
CA ASP A 1363 -42.47 -16.18 -23.58
C ASP A 1363 -41.46 -16.05 -24.70
N GLU A 1364 -41.32 -14.85 -25.24
CA GLU A 1364 -40.36 -14.63 -26.32
C GLU A 1364 -38.93 -14.74 -25.83
N GLU A 1365 -38.66 -14.23 -24.64
CA GLU A 1365 -37.27 -14.27 -24.21
C GLU A 1365 -36.85 -15.39 -23.28
N LEU A 1366 -36.97 -15.18 -21.97
CA LEU A 1366 -36.52 -16.23 -21.08
C LEU A 1366 -37.56 -16.58 -20.03
N GLU A 1367 -37.21 -17.47 -19.13
CA GLU A 1367 -38.19 -17.89 -18.14
C GLU A 1367 -37.92 -17.36 -16.75
N VAL A 1368 -38.45 -16.17 -16.47
CA VAL A 1368 -38.32 -15.57 -15.15
C VAL A 1368 -39.72 -15.42 -14.57
N PRO A 1369 -39.99 -15.89 -13.38
CA PRO A 1369 -41.33 -15.75 -12.84
C PRO A 1369 -41.46 -14.47 -12.02
N MET A 1370 -42.20 -13.47 -12.49
CA MET A 1370 -42.37 -12.22 -11.75
C MET A 1370 -43.82 -11.84 -11.63
N VAL A 1371 -44.25 -11.48 -10.45
CA VAL A 1371 -45.64 -11.09 -10.25
C VAL A 1371 -45.82 -9.58 -10.15
N ILE A 1372 -46.64 -9.06 -11.04
CA ILE A 1372 -46.96 -7.64 -11.14
C ILE A 1372 -47.51 -7.09 -9.82
N HIS A 1373 -47.06 -5.89 -9.44
CA HIS A 1373 -47.48 -5.23 -8.22
C HIS A 1373 -47.36 -3.74 -8.47
N GLU A 1374 -48.11 -2.95 -7.70
CA GLU A 1374 -48.36 -1.55 -8.05
C GLU A 1374 -47.10 -0.69 -8.03
N SER A 1375 -46.11 -1.04 -7.21
CA SER A 1375 -44.87 -0.30 -7.25
C SER A 1375 -44.15 -0.55 -8.56
N MET A 1376 -44.22 -1.78 -9.04
CA MET A 1376 -43.59 -2.14 -10.30
C MET A 1376 -44.15 -1.31 -11.44
N VAL A 1377 -45.46 -1.14 -11.50
CA VAL A 1377 -46.02 -0.38 -12.61
C VAL A 1377 -45.68 1.08 -12.47
N ASP A 1378 -45.57 1.59 -11.24
CA ASP A 1378 -45.14 2.98 -11.07
C ASP A 1378 -43.73 3.16 -11.62
N HIS A 1379 -42.81 2.32 -11.17
CA HIS A 1379 -41.44 2.42 -11.64
C HIS A 1379 -41.31 2.21 -13.14
N ILE A 1380 -42.12 1.33 -13.70
CA ILE A 1380 -42.19 1.20 -15.16
C ILE A 1380 -42.49 2.55 -15.78
N LEU A 1381 -43.50 3.25 -15.27
CA LEU A 1381 -43.82 4.55 -15.85
C LEU A 1381 -42.69 5.55 -15.69
N ARG A 1382 -41.98 5.51 -14.57
CA ARG A 1382 -40.84 6.43 -14.43
C ARG A 1382 -39.74 6.13 -15.42
N ILE A 1383 -39.44 4.86 -15.63
CA ILE A 1383 -38.41 4.50 -16.60
C ILE A 1383 -38.85 4.88 -17.99
N ASP A 1384 -40.12 4.73 -18.31
CA ASP A 1384 -40.61 5.14 -19.61
C ASP A 1384 -40.42 6.63 -19.81
N ARG A 1385 -40.78 7.41 -18.81
CA ARG A 1385 -40.53 8.85 -18.79
C ARG A 1385 -39.07 9.19 -19.00
N ALA A 1386 -38.19 8.40 -18.42
CA ALA A 1386 -36.77 8.67 -18.64
C ALA A 1386 -36.37 8.39 -20.07
N LEU A 1387 -36.60 7.17 -20.52
CA LEU A 1387 -36.14 6.72 -21.82
C LEU A 1387 -36.75 7.48 -22.99
N LYS A 1388 -37.91 8.08 -22.82
CA LYS A 1388 -38.42 8.83 -23.95
C LYS A 1388 -37.85 10.23 -24.05
N GLN A 1389 -37.12 10.72 -23.06
CA GLN A 1389 -36.47 12.00 -23.25
C GLN A 1389 -35.27 11.92 -24.17
N VAL A 1390 -34.96 13.08 -24.75
CA VAL A 1390 -33.93 13.22 -25.77
C VAL A 1390 -32.58 12.81 -25.21
N GLN A 1391 -32.27 13.26 -24.03
CA GLN A 1391 -31.05 12.84 -23.42
C GLN A 1391 -31.38 12.50 -21.98
N GLY A 1392 -32.07 11.37 -21.78
CA GLY A 1392 -32.43 10.92 -20.46
C GLY A 1392 -31.55 9.78 -20.00
N HIS A 1393 -30.83 10.03 -18.93
CA HIS A 1393 -29.95 9.07 -18.31
C HIS A 1393 -30.56 8.72 -16.96
N MET A 1394 -30.72 7.45 -16.63
CA MET A 1394 -31.40 7.18 -15.37
C MET A 1394 -30.46 6.54 -14.37
N MET A 1395 -30.74 6.74 -13.09
CA MET A 1395 -30.03 6.05 -12.03
C MET A 1395 -31.04 5.49 -11.05
N LEU A 1396 -30.91 4.22 -10.75
CA LEU A 1396 -31.85 3.44 -9.98
C LEU A 1396 -31.20 2.98 -8.70
N ILE A 1397 -31.41 3.67 -7.68
CA ILE A 1397 -30.82 3.32 -6.39
C ILE A 1397 -31.81 2.38 -5.70
N GLY A 1398 -31.32 1.47 -4.88
CA GLY A 1398 -32.24 0.68 -4.09
C GLY A 1398 -31.59 -0.60 -3.64
N ALA A 1399 -32.40 -1.60 -3.29
CA ALA A 1399 -31.83 -2.83 -2.76
C ALA A 1399 -31.49 -3.84 -3.85
N SER A 1400 -31.03 -5.01 -3.45
CA SER A 1400 -30.95 -6.12 -4.38
C SER A 1400 -32.27 -6.87 -4.40
N ARG A 1401 -32.41 -7.79 -5.37
CA ARG A 1401 -33.60 -8.64 -5.50
C ARG A 1401 -34.85 -7.81 -5.62
N THR A 1402 -34.81 -6.76 -6.42
CA THR A 1402 -35.97 -5.90 -6.54
C THR A 1402 -36.10 -5.35 -7.95
N GLY A 1403 -35.89 -6.21 -8.92
CA GLY A 1403 -36.39 -6.04 -10.25
C GLY A 1403 -35.76 -5.00 -11.13
N LYS A 1404 -34.83 -4.18 -10.62
CA LYS A 1404 -34.21 -3.11 -11.40
C LYS A 1404 -33.80 -3.58 -12.79
N THR A 1405 -32.90 -4.56 -12.82
CA THR A 1405 -32.27 -4.98 -14.06
C THR A 1405 -33.22 -5.71 -14.97
N ILE A 1406 -34.29 -6.25 -14.44
CA ILE A 1406 -35.25 -6.85 -15.34
C ILE A 1406 -36.31 -5.85 -15.79
N LEU A 1407 -36.67 -4.89 -14.94
CA LEU A 1407 -37.59 -3.83 -15.36
C LEU A 1407 -36.99 -2.98 -16.47
N THR A 1408 -35.72 -2.65 -16.37
CA THR A 1408 -35.10 -1.86 -17.43
C THR A 1408 -35.06 -2.61 -18.75
N ARG A 1409 -34.74 -3.89 -18.72
CA ARG A 1409 -34.80 -4.71 -19.93
C ARG A 1409 -36.20 -4.74 -20.48
N PHE A 1410 -37.19 -4.90 -19.61
CA PHE A 1410 -38.58 -4.92 -20.05
C PHE A 1410 -38.98 -3.63 -20.74
N VAL A 1411 -38.67 -2.50 -20.13
CA VAL A 1411 -39.08 -1.23 -20.72
C VAL A 1411 -38.29 -0.90 -21.98
N ALA A 1412 -37.04 -1.33 -22.04
CA ALA A 1412 -36.28 -1.25 -23.28
C ALA A 1412 -36.93 -2.06 -24.39
N TRP A 1413 -37.30 -3.29 -24.06
CA TRP A 1413 -38.00 -4.14 -25.03
C TRP A 1413 -39.26 -3.46 -25.52
N LEU A 1414 -40.03 -2.88 -24.60
CA LEU A 1414 -41.21 -2.12 -25.00
C LEU A 1414 -40.87 -1.01 -25.96
N ASN A 1415 -39.77 -0.32 -25.74
CA ASN A 1415 -39.40 0.76 -26.63
C ASN A 1415 -38.63 0.32 -27.85
N GLY A 1416 -38.36 -0.98 -27.99
CA GLY A 1416 -37.60 -1.42 -29.12
C GLY A 1416 -36.15 -0.97 -29.13
N LEU A 1417 -35.60 -0.72 -27.96
CA LEU A 1417 -34.20 -0.39 -27.85
C LEU A 1417 -33.36 -1.65 -27.93
N LYS A 1418 -32.13 -1.52 -28.39
CA LYS A 1418 -31.17 -2.59 -28.16
C LYS A 1418 -30.73 -2.48 -26.72
N ILE A 1419 -30.37 -3.60 -26.11
CA ILE A 1419 -29.86 -3.62 -24.75
C ILE A 1419 -28.38 -3.95 -24.84
N VAL A 1420 -27.58 -3.34 -23.98
CA VAL A 1420 -26.19 -3.73 -23.81
C VAL A 1420 -25.91 -3.89 -22.33
N GLN A 1421 -25.21 -4.95 -21.99
CA GLN A 1421 -24.76 -5.24 -20.64
C GLN A 1421 -23.32 -5.65 -20.79
N PRO A 1422 -22.36 -4.89 -20.28
CA PRO A 1422 -20.96 -5.27 -20.42
C PRO A 1422 -20.69 -6.61 -19.76
N LYS A 1423 -20.00 -7.46 -20.50
CA LYS A 1423 -19.59 -8.80 -20.08
C LYS A 1423 -18.19 -8.77 -19.50
N ILE A 1424 -18.06 -8.15 -18.34
CA ILE A 1424 -16.76 -7.95 -17.72
C ILE A 1424 -16.59 -8.91 -16.55
N HIS A 1425 -15.38 -9.44 -16.37
CA HIS A 1425 -15.14 -10.34 -15.27
C HIS A 1425 -13.87 -9.95 -14.51
N ARG A 1426 -13.29 -10.91 -13.77
CA ARG A 1426 -12.09 -10.67 -12.96
C ARG A 1426 -10.85 -10.23 -13.71
N HIS A 1427 -10.88 -10.17 -15.02
CA HIS A 1427 -9.69 -9.80 -15.73
C HIS A 1427 -9.92 -8.77 -16.81
N SER A 1428 -11.18 -8.40 -17.06
CA SER A 1428 -11.46 -7.41 -18.09
C SER A 1428 -10.75 -6.14 -17.68
N ASN A 1429 -10.20 -5.43 -18.64
CA ASN A 1429 -9.51 -4.21 -18.26
C ASN A 1429 -10.09 -3.01 -18.98
N LEU A 1430 -9.37 -1.89 -18.85
CA LEU A 1430 -9.82 -0.67 -19.48
C LEU A 1430 -9.86 -0.81 -21.00
N SER A 1431 -8.86 -1.47 -21.57
CA SER A 1431 -8.80 -1.68 -23.03
C SER A 1431 -10.03 -2.44 -23.54
N ASP A 1432 -10.50 -3.40 -22.75
CA ASP A 1432 -11.66 -4.17 -23.16
C ASP A 1432 -12.92 -3.35 -23.01
N PHE A 1433 -13.02 -2.59 -21.94
CA PHE A 1433 -14.18 -1.77 -21.72
C PHE A 1433 -14.22 -0.64 -22.72
N ASP A 1434 -13.05 -0.32 -23.27
CA ASP A 1434 -12.90 0.65 -24.34
C ASP A 1434 -13.44 0.06 -25.62
N MET A 1435 -13.17 -1.22 -25.85
CA MET A 1435 -13.69 -1.84 -27.07
C MET A 1435 -15.20 -1.97 -27.00
N ILE A 1436 -15.71 -2.26 -25.80
CA ILE A 1436 -17.15 -2.31 -25.58
C ILE A 1436 -17.78 -0.98 -25.92
N LEU A 1437 -17.23 0.09 -25.36
CA LEU A 1437 -17.83 1.40 -25.57
C LEU A 1437 -17.73 1.85 -27.01
N LYS A 1438 -16.59 1.59 -27.68
CA LYS A 1438 -16.48 1.95 -29.09
C LYS A 1438 -17.48 1.20 -29.94
N LYS A 1439 -17.69 -0.07 -29.62
CA LYS A 1439 -18.71 -0.85 -30.28
C LYS A 1439 -20.08 -0.23 -30.08
N ALA A 1440 -20.45 0.02 -28.82
CA ALA A 1440 -21.74 0.60 -28.48
C ALA A 1440 -22.00 1.91 -29.19
N ILE A 1441 -21.05 2.83 -29.10
CA ILE A 1441 -21.17 4.15 -29.73
C ILE A 1441 -21.27 4.04 -31.24
N SER A 1442 -20.55 3.09 -31.83
CA SER A 1442 -20.65 2.91 -33.26
C SER A 1442 -22.01 2.36 -33.67
N ASP A 1443 -22.56 1.44 -32.88
CA ASP A 1443 -23.93 1.00 -33.13
C ASP A 1443 -24.95 2.11 -32.97
N CYS A 1444 -24.83 2.92 -31.92
CA CYS A 1444 -25.78 4.00 -31.68
C CYS A 1444 -25.75 5.04 -32.77
N SER A 1445 -24.59 5.28 -33.35
CA SER A 1445 -24.47 6.32 -34.36
C SER A 1445 -24.66 5.77 -35.76
N LEU A 1446 -23.79 4.83 -36.14
CA LEU A 1446 -23.72 4.37 -37.51
C LEU A 1446 -24.89 3.46 -37.85
N LYS A 1447 -25.31 2.64 -36.89
CA LYS A 1447 -26.45 1.75 -37.07
C LYS A 1447 -27.73 2.36 -36.54
N GLU A 1448 -27.61 3.49 -35.84
CA GLU A 1448 -28.73 4.22 -35.25
C GLU A 1448 -29.56 3.39 -34.29
N SER A 1449 -28.89 2.49 -33.56
CA SER A 1449 -29.59 1.35 -33.02
C SER A 1449 -30.32 1.66 -31.72
N ARG A 1450 -30.06 2.81 -31.10
CA ARG A 1450 -30.75 3.25 -29.89
C ARG A 1450 -30.62 2.27 -28.73
N THR A 1451 -29.43 2.25 -28.14
CA THR A 1451 -29.08 1.23 -27.15
C THR A 1451 -29.25 1.80 -25.75
N CYS A 1452 -29.99 1.08 -24.91
CA CYS A 1452 -30.00 1.28 -23.46
C CYS A 1452 -28.83 0.54 -22.83
N LEU A 1453 -27.74 1.26 -22.57
CA LEU A 1453 -26.58 0.69 -21.91
C LEU A 1453 -26.74 0.62 -20.41
N ILE A 1454 -26.97 -0.57 -19.88
CA ILE A 1454 -27.19 -0.78 -18.46
C ILE A 1454 -25.88 -1.11 -17.77
N ILE A 1455 -25.54 -0.35 -16.74
CA ILE A 1455 -24.31 -0.53 -16.00
C ILE A 1455 -24.69 -0.79 -14.56
N ASP A 1456 -23.99 -1.69 -13.89
CA ASP A 1456 -24.10 -1.85 -12.45
C ASP A 1456 -22.81 -1.43 -11.81
N GLU A 1457 -22.88 -0.97 -10.55
CA GLU A 1457 -21.65 -0.61 -9.82
C GLU A 1457 -20.63 -1.72 -9.78
N SER A 1458 -21.05 -2.99 -9.74
CA SER A 1458 -20.08 -4.07 -9.76
C SER A 1458 -19.21 -4.02 -11.00
N ASN A 1459 -19.73 -3.48 -12.10
CA ASN A 1459 -18.95 -3.44 -13.32
C ASN A 1459 -17.78 -2.46 -13.24
N ILE A 1460 -17.89 -1.39 -12.45
CA ILE A 1460 -16.78 -0.47 -12.40
C ILE A 1460 -15.73 -0.83 -11.35
N LEU A 1461 -15.08 -1.97 -11.56
CA LEU A 1461 -14.10 -2.45 -10.59
C LEU A 1461 -12.84 -1.60 -10.51
N GLU A 1462 -12.59 -0.68 -11.42
CA GLU A 1462 -11.60 0.37 -11.18
C GLU A 1462 -12.17 1.73 -11.58
N THR A 1463 -11.58 2.78 -11.03
CA THR A 1463 -12.04 4.13 -11.26
C THR A 1463 -11.87 4.65 -12.69
N ALA A 1464 -11.01 4.04 -13.50
CA ALA A 1464 -10.90 4.49 -14.89
C ALA A 1464 -12.22 4.36 -15.63
N PHE A 1465 -12.97 3.29 -15.36
CA PHE A 1465 -14.28 3.14 -15.97
C PHE A 1465 -15.22 4.25 -15.55
N LEU A 1466 -15.13 4.67 -14.30
CA LEU A 1466 -16.00 5.72 -13.81
C LEU A 1466 -15.65 7.07 -14.41
N GLU A 1467 -14.35 7.36 -14.51
CA GLU A 1467 -13.92 8.58 -15.20
C GLU A 1467 -14.41 8.63 -16.63
N ARG A 1468 -14.33 7.51 -17.35
CA ARG A 1468 -14.87 7.48 -18.69
C ARG A 1468 -16.36 7.71 -18.72
N MET A 1469 -17.11 7.14 -17.79
CA MET A 1469 -18.54 7.39 -17.81
C MET A 1469 -18.86 8.84 -17.47
N ASN A 1470 -18.05 9.49 -16.64
CA ASN A 1470 -18.19 10.92 -16.43
C ASN A 1470 -17.98 11.70 -17.70
N THR A 1471 -16.91 11.39 -18.43
CA THR A 1471 -16.66 12.04 -19.69
C THR A 1471 -17.77 11.82 -20.70
N LEU A 1472 -18.34 10.63 -20.71
CA LEU A 1472 -19.44 10.33 -21.60
C LEU A 1472 -20.66 11.18 -21.31
N LEU A 1473 -21.17 11.09 -20.09
CA LEU A 1473 -22.42 11.77 -19.77
C LEU A 1473 -22.26 13.29 -19.72
N ALA A 1474 -21.07 13.77 -19.42
CA ALA A 1474 -20.79 15.20 -19.47
C ALA A 1474 -20.81 15.74 -20.89
N ASN A 1475 -20.59 14.90 -21.87
CA ASN A 1475 -20.51 15.33 -23.24
C ASN A 1475 -21.43 14.43 -24.04
N ALA A 1476 -20.98 13.98 -25.19
CA ALA A 1476 -21.62 12.84 -25.79
C ALA A 1476 -20.61 12.07 -26.64
N ASP A 1477 -19.45 11.81 -26.04
CA ASP A 1477 -18.34 11.19 -26.73
C ASP A 1477 -17.26 10.92 -25.71
N ILE A 1478 -16.30 10.09 -26.10
CA ILE A 1478 -15.00 9.98 -25.47
C ILE A 1478 -13.97 10.29 -26.56
N PRO A 1479 -13.27 11.41 -26.53
CA PRO A 1479 -12.22 11.67 -27.52
C PRO A 1479 -11.17 10.58 -27.66
N ASP A 1480 -10.71 10.00 -26.55
CA ASP A 1480 -9.70 8.94 -26.54
C ASP A 1480 -10.10 7.73 -27.36
N LEU A 1481 -11.39 7.52 -27.56
CA LEU A 1481 -11.89 6.38 -28.30
C LEU A 1481 -11.76 6.58 -29.79
N PHE A 1482 -11.57 7.81 -30.21
CA PHE A 1482 -11.61 8.21 -31.60
C PHE A 1482 -10.39 9.03 -31.91
N GLN A 1483 -9.27 8.69 -31.28
CA GLN A 1483 -8.04 9.43 -31.46
C GLN A 1483 -7.23 8.98 -32.68
N GLY A 1484 -6.43 9.91 -33.16
CA GLY A 1484 -5.48 9.65 -34.24
C GLY A 1484 -6.09 9.21 -35.54
N GLU A 1485 -5.49 8.15 -36.08
CA GLU A 1485 -5.93 7.49 -37.30
C GLU A 1485 -7.36 7.00 -37.22
N GLU A 1486 -7.82 6.69 -36.01
CA GLU A 1486 -9.19 6.27 -35.83
C GLU A 1486 -10.14 7.41 -36.01
N TYR A 1487 -9.67 8.63 -35.76
CA TYR A 1487 -10.46 9.80 -36.08
C TYR A 1487 -10.63 9.98 -37.57
N ASP A 1488 -9.55 9.78 -38.32
CA ASP A 1488 -9.62 9.92 -39.76
C ASP A 1488 -10.51 8.87 -40.40
N LYS A 1489 -10.36 7.63 -39.92
CA LYS A 1489 -11.23 6.53 -40.34
C LYS A 1489 -12.67 6.88 -40.04
N LEU A 1490 -12.92 7.28 -38.79
CA LEU A 1490 -14.25 7.67 -38.35
C LEU A 1490 -14.82 8.74 -39.25
N LEU A 1491 -14.00 9.76 -39.55
CA LEU A 1491 -14.38 10.82 -40.46
C LEU A 1491 -14.83 10.30 -41.81
N ASN A 1492 -14.07 9.35 -42.35
CA ASN A 1492 -14.44 8.75 -43.62
C ASN A 1492 -15.79 8.07 -43.52
N ASN A 1493 -15.97 7.27 -42.46
CA ASN A 1493 -17.23 6.58 -42.27
C ASN A 1493 -18.38 7.55 -42.16
N LEU A 1494 -18.18 8.63 -41.40
CA LEU A 1494 -19.24 9.62 -41.26
C LEU A 1494 -19.56 10.31 -42.56
N ARG A 1495 -18.52 10.63 -43.34
CA ARG A 1495 -18.77 11.20 -44.66
C ARG A 1495 -19.64 10.27 -45.47
N ASN A 1496 -19.27 8.99 -45.45
CA ASN A 1496 -19.99 7.97 -46.21
C ASN A 1496 -21.40 7.85 -45.67
N LYS A 1497 -21.50 7.79 -44.34
CA LYS A 1497 -22.78 7.67 -43.66
C LYS A 1497 -23.68 8.84 -44.04
N THR A 1498 -23.18 10.06 -43.86
CA THR A 1498 -23.99 11.23 -44.19
C THR A 1498 -24.37 11.20 -45.65
N ARG A 1499 -23.38 10.96 -46.51
CA ARG A 1499 -23.62 10.93 -47.94
C ARG A 1499 -24.53 9.76 -48.30
N SER A 1500 -24.49 8.69 -47.51
CA SER A 1500 -25.47 7.61 -47.70
C SER A 1500 -26.88 8.07 -47.36
N LEU A 1501 -27.02 9.06 -46.48
CA LEU A 1501 -28.32 9.64 -46.21
C LEU A 1501 -28.58 10.92 -46.98
N GLY A 1502 -27.65 11.35 -47.83
CA GLY A 1502 -27.94 12.43 -48.75
C GLY A 1502 -27.75 13.82 -48.19
N LEU A 1503 -27.48 13.96 -46.91
CA LEU A 1503 -27.04 15.24 -46.39
C LEU A 1503 -25.53 15.28 -46.49
N LEU A 1504 -25.00 16.41 -46.97
CA LEU A 1504 -23.56 16.53 -47.18
C LEU A 1504 -23.01 17.67 -46.32
N LEU A 1505 -21.97 17.35 -45.59
CA LEU A 1505 -21.20 18.23 -44.72
C LEU A 1505 -19.74 18.07 -45.11
N ASP A 1506 -19.01 19.17 -45.17
CA ASP A 1506 -17.63 19.11 -45.65
C ASP A 1506 -16.63 19.11 -44.51
N THR A 1507 -16.63 20.15 -43.68
CA THR A 1507 -15.55 20.29 -42.72
C THR A 1507 -15.86 19.49 -41.46
N GLU A 1508 -14.80 18.91 -40.89
CA GLU A 1508 -14.78 17.96 -39.79
C GLU A 1508 -15.71 18.31 -38.63
N GLN A 1509 -15.77 19.60 -38.35
CA GLN A 1509 -16.59 20.11 -37.27
C GLN A 1509 -18.06 19.79 -37.50
N GLU A 1510 -18.58 20.07 -38.69
CA GLU A 1510 -19.99 19.86 -38.99
C GLU A 1510 -20.41 18.41 -38.77
N LEU A 1511 -19.59 17.49 -39.25
CA LEU A 1511 -19.86 16.07 -39.11
C LEU A 1511 -19.72 15.62 -37.68
N TYR A 1512 -18.76 16.18 -36.96
CA TYR A 1512 -18.61 15.79 -35.57
C TYR A 1512 -19.75 16.29 -34.71
N ASP A 1513 -20.25 17.48 -35.00
CA ASP A 1513 -21.45 17.97 -34.34
C ASP A 1513 -22.63 17.08 -34.63
N TRP A 1514 -22.83 16.71 -35.89
CA TRP A 1514 -23.88 15.77 -36.26
C TRP A 1514 -23.77 14.47 -35.50
N PHE A 1515 -22.57 13.90 -35.51
CA PHE A 1515 -22.22 12.68 -34.81
C PHE A 1515 -22.65 12.75 -33.34
N VAL A 1516 -22.11 13.74 -32.65
CA VAL A 1516 -22.37 13.92 -31.22
C VAL A 1516 -23.85 14.14 -30.95
N GLY A 1517 -24.55 14.85 -31.82
CA GLY A 1517 -25.98 15.02 -31.62
C GLY A 1517 -26.74 13.72 -31.80
N GLU A 1518 -26.31 12.90 -32.74
CA GLU A 1518 -26.95 11.62 -32.97
C GLU A 1518 -26.74 10.70 -31.78
N ILE A 1519 -25.55 10.72 -31.19
CA ILE A 1519 -25.31 9.98 -29.96
C ILE A 1519 -26.18 10.51 -28.85
N ALA A 1520 -26.21 11.83 -28.71
CA ALA A 1520 -26.91 12.52 -27.64
C ALA A 1520 -28.38 12.21 -27.67
N LYS A 1521 -28.90 11.73 -28.78
CA LYS A 1521 -30.29 11.37 -28.82
C LYS A 1521 -30.49 9.87 -28.93
N ASN A 1522 -29.44 9.09 -29.17
CA ASN A 1522 -29.60 7.66 -29.38
C ASN A 1522 -28.91 6.80 -28.33
N LEU A 1523 -28.39 7.39 -27.25
CA LEU A 1523 -27.72 6.61 -26.20
C LEU A 1523 -28.36 6.91 -24.86
N HIS A 1524 -28.84 5.87 -24.19
CA HIS A 1524 -29.47 5.98 -22.88
C HIS A 1524 -28.75 5.12 -21.86
N VAL A 1525 -28.07 5.74 -20.90
CA VAL A 1525 -27.32 5.04 -19.87
C VAL A 1525 -28.09 4.92 -18.56
N VAL A 1526 -28.21 3.70 -18.04
CA VAL A 1526 -28.96 3.42 -16.81
C VAL A 1526 -28.07 2.76 -15.77
N PHE A 1527 -27.90 3.39 -14.62
CA PHE A 1527 -27.09 2.92 -13.50
C PHE A 1527 -27.98 2.30 -12.44
N THR A 1528 -27.83 1.02 -12.20
CA THR A 1528 -28.34 0.40 -10.98
C THR A 1528 -27.32 0.51 -9.86
N ILE A 1529 -27.76 0.85 -8.66
CA ILE A 1529 -26.84 0.79 -7.53
C ILE A 1529 -27.46 0.12 -6.29
N CYS A 1530 -26.85 -1.00 -5.90
CA CYS A 1530 -27.40 -1.90 -4.89
C CYS A 1530 -27.27 -1.35 -3.47
N ASP A 1531 -26.11 -0.84 -3.08
CA ASP A 1531 -26.00 -0.24 -1.74
C ASP A 1531 -25.36 1.13 -1.78
N PRO A 1532 -26.12 2.20 -1.56
CA PRO A 1532 -25.55 3.54 -1.69
C PRO A 1532 -24.39 3.85 -0.76
N THR A 1533 -24.32 3.20 0.40
CA THR A 1533 -23.28 3.51 1.37
C THR A 1533 -21.90 2.92 1.05
N ASN A 1534 -21.78 2.06 0.07
CA ASN A 1534 -20.47 1.63 -0.37
C ASN A 1534 -19.70 2.80 -0.94
N ASN A 1535 -18.39 2.82 -0.69
CA ASN A 1535 -17.54 3.93 -1.12
C ASN A 1535 -17.59 4.14 -2.64
N LYS A 1536 -17.64 3.06 -3.42
CA LYS A 1536 -17.79 3.20 -4.86
C LYS A 1536 -19.14 3.81 -5.22
N SER A 1537 -20.20 3.30 -4.61
CA SER A 1537 -21.54 3.86 -4.82
C SER A 1537 -21.56 5.32 -4.43
N SER A 1538 -20.95 5.64 -3.30
CA SER A 1538 -20.86 7.03 -2.86
C SER A 1538 -20.12 7.88 -3.86
N ALA A 1539 -19.06 7.34 -4.46
CA ALA A 1539 -18.36 8.10 -5.49
C ALA A 1539 -19.23 8.31 -6.73
N MET A 1540 -19.97 7.29 -7.15
CA MET A 1540 -20.88 7.47 -8.28
C MET A 1540 -21.97 8.49 -7.99
N ILE A 1541 -22.57 8.45 -6.81
CA ILE A 1541 -23.58 9.46 -6.50
C ILE A 1541 -22.96 10.84 -6.44
N SER A 1542 -21.77 10.94 -5.87
CA SER A 1542 -21.16 12.25 -5.68
C SER A 1542 -20.52 12.82 -6.94
N SER A 1543 -20.27 12.01 -7.95
CA SER A 1543 -19.69 12.50 -9.19
C SER A 1543 -20.60 13.54 -9.83
N PRO A 1544 -20.14 14.76 -10.06
CA PRO A 1544 -20.98 15.79 -10.69
C PRO A 1544 -21.40 15.55 -12.12
N ALA A 1545 -20.57 14.91 -12.95
CA ALA A 1545 -20.99 14.62 -14.31
C ALA A 1545 -22.18 13.66 -14.32
N LEU A 1546 -22.16 12.69 -13.42
CA LEU A 1546 -23.30 11.79 -13.32
C LEU A 1546 -24.47 12.50 -12.67
N PHE A 1547 -24.22 13.14 -11.54
CA PHE A 1547 -25.27 13.77 -10.76
C PHE A 1547 -26.04 14.81 -11.56
N ASN A 1548 -25.35 15.60 -12.39
CA ASN A 1548 -26.04 16.64 -13.14
C ASN A 1548 -26.57 16.16 -14.47
N ARG A 1549 -26.76 14.91 -14.64
CA ARG A 1549 -27.44 14.38 -15.82
C ARG A 1549 -28.47 13.34 -15.46
N CYS A 1550 -28.13 12.44 -14.55
CA CYS A 1550 -28.98 11.30 -14.27
C CYS A 1550 -30.22 11.71 -13.51
N ILE A 1551 -31.37 11.36 -14.05
CA ILE A 1551 -32.60 11.45 -13.30
C ILE A 1551 -32.51 10.41 -12.21
N ILE A 1552 -32.17 10.88 -11.03
CA ILE A 1552 -32.04 10.04 -9.85
C ILE A 1552 -33.42 9.58 -9.42
N ASN A 1553 -33.55 8.28 -9.21
CA ASN A 1553 -34.81 7.70 -8.80
C ASN A 1553 -34.42 6.68 -7.75
N TRP A 1554 -35.22 6.60 -6.71
CA TRP A 1554 -34.95 5.69 -5.63
C TRP A 1554 -35.93 4.53 -5.74
N MET A 1555 -35.43 3.35 -6.05
CA MET A 1555 -36.20 2.10 -5.93
C MET A 1555 -35.85 1.35 -4.67
N GLY A 1556 -36.03 2.00 -3.54
CA GLY A 1556 -35.39 1.64 -2.29
C GLY A 1556 -35.61 0.27 -1.72
N ASP A 1557 -36.81 0.00 -1.24
CA ASP A 1557 -37.03 -1.24 -0.54
C ASP A 1557 -38.51 -1.52 -0.59
N TRP A 1558 -38.88 -2.75 -0.30
CA TRP A 1558 -40.28 -3.13 -0.38
C TRP A 1558 -41.02 -2.84 0.89
N ASP A 1559 -42.20 -2.31 0.72
CA ASP A 1559 -43.07 -1.96 1.82
C ASP A 1559 -43.92 -3.16 2.18
N THR A 1560 -44.61 -3.02 3.30
CA THR A 1560 -45.46 -4.09 3.81
C THR A 1560 -46.57 -4.43 2.82
N LYS A 1561 -47.19 -3.41 2.23
CA LYS A 1561 -48.27 -3.65 1.27
C LYS A 1561 -47.79 -4.41 0.05
N THR A 1562 -46.63 -4.03 -0.50
CA THR A 1562 -46.09 -4.72 -1.66
C THR A 1562 -45.77 -6.17 -1.35
N MET A 1563 -45.20 -6.41 -0.17
CA MET A 1563 -44.89 -7.77 0.22
C MET A 1563 -46.16 -8.58 0.34
N SER A 1564 -47.18 -7.97 0.92
CA SER A 1564 -48.45 -8.65 1.08
C SER A 1564 -49.09 -8.99 -0.25
N GLN A 1565 -49.04 -8.07 -1.20
CA GLN A 1565 -49.63 -8.33 -2.51
C GLN A 1565 -48.91 -9.46 -3.23
N VAL A 1566 -47.57 -9.43 -3.21
CA VAL A 1566 -46.78 -10.46 -3.89
C VAL A 1566 -47.00 -11.81 -3.24
N ALA A 1567 -47.01 -11.83 -1.92
CA ALA A 1567 -47.21 -13.06 -1.18
C ALA A 1567 -48.57 -13.64 -1.46
N ASN A 1568 -49.60 -12.79 -1.47
CA ASN A 1568 -50.94 -13.28 -1.73
C ASN A 1568 -51.04 -13.90 -3.10
N ASN A 1569 -50.41 -13.27 -4.08
CA ASN A 1569 -50.43 -13.79 -5.44
C ASN A 1569 -49.76 -15.17 -5.52
N MET A 1570 -48.58 -15.32 -4.91
CA MET A 1570 -47.91 -16.63 -4.94
C MET A 1570 -48.69 -17.70 -4.18
N VAL A 1571 -49.24 -17.36 -3.02
CA VAL A 1571 -49.99 -18.26 -2.16
C VAL A 1571 -51.30 -18.72 -2.78
N ASP A 1572 -51.96 -17.86 -3.56
CA ASP A 1572 -53.29 -18.15 -4.09
C ASP A 1572 -53.36 -19.43 -4.93
N VAL A 1573 -52.36 -19.71 -5.75
CA VAL A 1573 -52.38 -20.89 -6.63
C VAL A 1573 -52.45 -22.21 -5.83
N ILE A 1574 -51.75 -22.30 -4.72
CA ILE A 1574 -51.67 -23.54 -3.94
C ILE A 1574 -53.02 -23.89 -3.32
N PRO A 1575 -53.38 -25.18 -3.32
CA PRO A 1575 -54.64 -25.62 -2.70
C PRO A 1575 -54.52 -25.52 -1.20
N MET A 1576 -55.66 -25.26 -0.58
CA MET A 1576 -55.69 -25.09 0.87
C MET A 1576 -56.88 -25.84 1.42
N GLU A 1577 -56.59 -26.92 2.13
CA GLU A 1577 -57.58 -27.78 2.76
C GLU A 1577 -58.30 -27.01 3.84
N PHE A 1578 -59.61 -27.24 3.96
CA PHE A 1578 -60.35 -26.53 4.98
C PHE A 1578 -59.88 -26.97 6.36
N THR A 1579 -59.72 -26.00 7.27
CA THR A 1579 -59.30 -26.26 8.64
C THR A 1579 -60.23 -25.49 9.56
N ASP A 1580 -61.14 -26.20 10.25
CA ASP A 1580 -62.15 -25.64 11.15
C ASP A 1580 -61.79 -24.52 12.13
N PHE A 1581 -60.60 -24.56 12.71
CA PHE A 1581 -60.17 -23.62 13.75
C PHE A 1581 -59.70 -22.24 13.26
N ILE A 1582 -59.44 -22.05 11.96
CA ILE A 1582 -58.94 -20.78 11.44
C ILE A 1582 -59.86 -19.57 11.63
N VAL A 1583 -61.13 -19.76 11.96
CA VAL A 1583 -61.98 -18.57 12.06
C VAL A 1583 -61.99 -17.95 13.46
N PRO A 1584 -62.12 -18.65 14.61
CA PRO A 1584 -62.36 -17.92 15.86
C PRO A 1584 -61.18 -17.07 16.33
N GLU A 1585 -60.00 -17.22 15.69
CA GLU A 1585 -58.78 -16.56 16.14
C GLU A 1585 -58.83 -15.07 15.81
N VAL A 1586 -59.34 -14.73 14.63
CA VAL A 1586 -59.59 -13.40 14.07
C VAL A 1586 -60.03 -12.32 15.06
N ASN A 1587 -61.04 -12.66 15.88
CA ASN A 1587 -61.54 -11.76 16.92
C ASN A 1587 -60.44 -11.22 17.83
N LYS A 1588 -59.51 -12.05 18.22
CA LYS A 1588 -58.59 -11.75 19.31
C LYS A 1588 -57.56 -10.61 19.14
N GLU A 1589 -56.50 -10.87 18.37
CA GLU A 1589 -55.28 -10.06 18.39
C GLU A 1589 -55.45 -8.61 17.92
N LEU A 1590 -55.96 -8.41 16.69
CA LEU A 1590 -56.15 -7.07 16.07
C LEU A 1590 -54.85 -6.31 15.83
N VAL A 1591 -53.71 -6.97 15.59
CA VAL A 1591 -52.46 -6.23 15.31
C VAL A 1591 -52.56 -5.24 14.13
N PHE A 1592 -53.58 -5.39 13.30
CA PHE A 1592 -53.86 -4.59 12.10
C PHE A 1592 -52.71 -4.66 11.09
N THR A 1593 -52.37 -5.87 10.66
CA THR A 1593 -51.26 -5.97 9.71
C THR A 1593 -51.64 -6.42 8.31
N GLU A 1594 -52.94 -6.62 8.01
CA GLU A 1594 -53.52 -7.05 6.73
C GLU A 1594 -55.01 -7.24 6.94
N PRO A 1595 -55.88 -7.01 5.95
CA PRO A 1595 -57.31 -7.28 6.17
C PRO A 1595 -57.60 -8.72 6.60
N ILE A 1596 -58.45 -8.85 7.61
CA ILE A 1596 -58.81 -10.17 8.18
C ILE A 1596 -59.48 -11.02 7.12
N GLN A 1597 -59.06 -12.28 7.01
CA GLN A 1597 -59.64 -13.13 5.97
C GLN A 1597 -59.62 -14.61 6.27
N THR A 1598 -58.63 -15.30 5.73
CA THR A 1598 -58.54 -16.74 5.81
C THR A 1598 -57.09 -17.12 6.10
N ILE A 1599 -56.76 -18.35 5.78
CA ILE A 1599 -55.43 -18.87 6.02
C ILE A 1599 -54.42 -18.08 5.21
N ARG A 1600 -54.83 -17.66 4.00
CA ARG A 1600 -53.94 -16.98 3.07
C ARG A 1600 -53.34 -15.72 3.69
N ASP A 1601 -54.18 -14.94 4.34
CA ASP A 1601 -53.68 -13.75 5.01
C ASP A 1601 -52.93 -14.10 6.27
N ALA A 1602 -53.37 -15.14 6.97
CA ALA A 1602 -52.68 -15.52 8.18
C ALA A 1602 -51.24 -15.88 7.88
N VAL A 1603 -51.05 -16.66 6.81
CA VAL A 1603 -49.73 -17.07 6.36
C VAL A 1603 -48.91 -15.85 5.93
N VAL A 1604 -49.55 -14.94 5.20
CA VAL A 1604 -48.84 -13.75 4.74
C VAL A 1604 -48.33 -12.92 5.91
N ASN A 1605 -49.16 -12.72 6.92
CA ASN A 1605 -48.74 -11.97 8.09
C ASN A 1605 -47.61 -12.66 8.81
N ILE A 1606 -47.69 -13.98 8.93
CA ILE A 1606 -46.64 -14.71 9.62
C ILE A 1606 -45.31 -14.53 8.92
N LEU A 1607 -45.33 -14.63 7.60
CA LEU A 1607 -44.09 -14.47 6.84
C LEU A 1607 -43.52 -13.08 6.96
N ILE A 1608 -44.38 -12.06 6.85
CA ILE A 1608 -43.91 -10.69 6.93
C ILE A 1608 -43.34 -10.38 8.31
N HIS A 1609 -44.04 -10.80 9.36
CA HIS A 1609 -43.57 -10.52 10.70
C HIS A 1609 -42.24 -11.21 10.98
N PHE A 1610 -42.12 -12.46 10.56
CA PHE A 1610 -40.86 -13.16 10.80
C PHE A 1610 -39.73 -12.48 10.06
N ASP A 1611 -39.96 -12.07 8.81
CA ASP A 1611 -38.91 -11.43 8.04
C ASP A 1611 -38.47 -10.13 8.71
N ARG A 1612 -39.43 -9.34 9.21
CA ARG A 1612 -39.07 -8.09 9.88
C ARG A 1612 -38.27 -8.37 11.15
N ASN A 1613 -38.69 -9.38 11.90
CA ASN A 1613 -38.01 -9.71 13.15
C ASN A 1613 -36.60 -10.18 12.84
N PHE A 1614 -36.46 -10.94 11.77
CA PHE A 1614 -35.18 -11.52 11.43
C PHE A 1614 -34.23 -10.40 11.07
N TYR A 1615 -34.68 -9.46 10.24
CA TYR A 1615 -33.75 -8.36 9.99
C TYR A 1615 -33.56 -7.45 11.19
N GLN A 1616 -34.34 -7.58 12.26
CA GLN A 1616 -33.93 -6.86 13.47
C GLN A 1616 -32.84 -7.62 14.21
N LYS A 1617 -32.99 -8.95 14.30
CA LYS A 1617 -32.05 -9.72 15.10
C LYS A 1617 -30.71 -9.81 14.43
N MET A 1618 -30.70 -9.94 13.10
CA MET A 1618 -29.45 -10.11 12.40
C MET A 1618 -28.53 -8.89 12.54
N LYS A 1619 -29.05 -7.76 13.04
CA LYS A 1619 -28.39 -6.45 13.32
C LYS A 1619 -28.17 -5.59 12.07
N VAL A 1620 -28.73 -5.98 10.94
CA VAL A 1620 -28.64 -5.13 9.74
C VAL A 1620 -29.41 -3.82 9.89
N GLY A 1621 -28.68 -2.78 10.29
CA GLY A 1621 -29.18 -1.46 10.57
C GLY A 1621 -29.93 -0.62 9.55
N VAL A 1622 -29.35 -0.30 8.39
CA VAL A 1622 -30.04 0.59 7.46
C VAL A 1622 -30.79 -0.07 6.28
N ASN A 1623 -30.29 0.05 5.03
CA ASN A 1623 -30.96 -0.48 3.84
C ASN A 1623 -30.49 -1.78 3.19
N PRO A 1624 -29.47 -2.51 3.67
CA PRO A 1624 -29.21 -3.72 2.88
C PRO A 1624 -30.10 -4.89 3.29
N ARG A 1625 -31.42 -4.80 2.96
CA ARG A 1625 -32.32 -5.91 3.34
C ARG A 1625 -33.29 -6.23 2.21
N SER A 1626 -32.73 -6.91 1.21
CA SER A 1626 -33.48 -7.30 0.05
C SER A 1626 -34.56 -8.32 0.38
N PRO A 1627 -35.62 -8.38 -0.41
CA PRO A 1627 -36.66 -9.39 -0.17
C PRO A 1627 -36.27 -10.80 -0.56
N GLY A 1628 -34.99 -11.06 -0.80
CA GLY A 1628 -34.53 -12.36 -1.26
C GLY A 1628 -34.96 -13.57 -0.44
N TYR A 1629 -34.75 -13.51 0.88
CA TYR A 1629 -35.19 -14.61 1.70
C TYR A 1629 -36.68 -14.77 1.70
N PHE A 1630 -37.41 -13.68 1.60
CA PHE A 1630 -38.85 -13.76 1.58
C PHE A 1630 -39.35 -14.51 0.37
N ILE A 1631 -38.88 -14.12 -0.81
CA ILE A 1631 -39.28 -14.78 -2.05
C ILE A 1631 -38.89 -16.25 -2.06
N ASP A 1632 -37.66 -16.57 -1.66
CA ASP A 1632 -37.25 -17.97 -1.74
C ASP A 1632 -38.01 -18.85 -0.77
N GLY A 1633 -38.24 -18.38 0.45
CA GLY A 1633 -38.98 -19.20 1.38
C GLY A 1633 -40.42 -19.37 0.95
N LEU A 1634 -40.99 -18.33 0.35
CA LEU A 1634 -42.33 -18.45 -0.14
C LEU A 1634 -42.42 -19.47 -1.28
N ARG A 1635 -41.47 -19.46 -2.20
CA ARG A 1635 -41.52 -20.46 -3.27
C ARG A 1635 -41.33 -21.89 -2.77
N ALA A 1636 -40.38 -22.10 -1.85
CA ALA A 1636 -40.17 -23.43 -1.26
C ALA A 1636 -41.36 -23.95 -0.47
N LEU A 1637 -42.21 -23.06 0.03
CA LEU A 1637 -43.35 -23.53 0.79
C LEU A 1637 -44.46 -24.11 -0.07
N VAL A 1638 -44.52 -23.74 -1.32
CA VAL A 1638 -45.43 -24.39 -2.26
C VAL A 1638 -45.01 -25.82 -2.53
N LYS A 1639 -43.71 -26.03 -2.68
CA LYS A 1639 -43.18 -27.37 -2.97
C LYS A 1639 -43.48 -28.30 -1.82
N LEU A 1640 -43.12 -27.87 -0.61
CA LEU A 1640 -43.33 -28.71 0.56
C LEU A 1640 -44.80 -29.04 0.75
N VAL A 1641 -45.67 -28.03 0.77
CA VAL A 1641 -47.07 -28.30 1.01
C VAL A 1641 -47.65 -29.24 -0.05
N THR A 1642 -47.32 -29.03 -1.33
CA THR A 1642 -47.87 -29.93 -2.33
C THR A 1642 -47.41 -31.37 -2.13
N ALA A 1643 -46.12 -31.56 -1.84
CA ALA A 1643 -45.62 -32.91 -1.62
C ALA A 1643 -46.25 -33.58 -0.41
N LYS A 1644 -46.39 -32.82 0.68
CA LYS A 1644 -46.98 -33.34 1.90
C LYS A 1644 -48.42 -33.74 1.67
N TYR A 1645 -49.17 -32.91 0.95
CA TYR A 1645 -50.56 -33.21 0.68
C TYR A 1645 -50.70 -34.48 -0.12
N GLN A 1646 -49.84 -34.65 -1.13
CA GLN A 1646 -49.94 -35.88 -1.93
C GLN A 1646 -49.66 -37.08 -1.06
N ASP A 1647 -48.65 -37.00 -0.19
CA ASP A 1647 -48.33 -38.13 0.66
C ASP A 1647 -49.48 -38.44 1.60
N LEU A 1648 -50.09 -37.40 2.17
CA LEU A 1648 -51.21 -37.56 3.09
C LEU A 1648 -52.39 -38.22 2.42
N GLN A 1649 -52.69 -37.80 1.19
CA GLN A 1649 -53.82 -38.40 0.48
C GLN A 1649 -53.59 -39.87 0.28
N GLU A 1650 -52.37 -40.23 -0.13
CA GLU A 1650 -52.03 -41.61 -0.37
C GLU A 1650 -52.17 -42.43 0.89
N ASN A 1651 -51.68 -41.90 2.02
CA ASN A 1651 -51.75 -42.65 3.26
C ASN A 1651 -53.19 -42.89 3.69
N GLN A 1652 -54.05 -41.87 3.56
CA GLN A 1652 -55.44 -42.05 3.94
C GLN A 1652 -56.09 -43.08 3.04
N ARG A 1653 -55.76 -43.04 1.75
CA ARG A 1653 -56.30 -43.99 0.81
C ARG A 1653 -55.87 -45.39 1.19
N PHE A 1654 -54.59 -45.55 1.53
CA PHE A 1654 -54.07 -46.85 1.92
C PHE A 1654 -54.76 -47.38 3.16
N VAL A 1655 -54.97 -46.52 4.17
CA VAL A 1655 -55.62 -46.98 5.38
C VAL A 1655 -57.05 -47.40 5.06
N ASN A 1656 -57.73 -46.66 4.18
CA ASN A 1656 -59.10 -47.01 3.81
C ASN A 1656 -59.11 -48.37 3.13
N VAL A 1657 -58.14 -48.61 2.23
CA VAL A 1657 -58.06 -49.90 1.54
C VAL A 1657 -57.80 -51.03 2.54
N GLY A 1658 -56.92 -50.76 3.51
CA GLY A 1658 -56.62 -51.75 4.53
C GLY A 1658 -57.83 -52.09 5.36
N LEU A 1659 -58.62 -51.08 5.72
CA LEU A 1659 -59.82 -51.31 6.51
C LEU A 1659 -60.81 -52.17 5.75
N GLU A 1660 -60.96 -51.93 4.45
CA GLU A 1660 -61.85 -52.69 3.59
C GLU A 1660 -61.41 -54.15 3.49
N ARG A 1862 -59.99 -49.40 16.50
CA ARG A 1862 -58.57 -49.07 16.45
C ARG A 1862 -58.32 -48.22 15.21
N TRP A 1863 -58.97 -48.64 14.13
CA TRP A 1863 -58.87 -47.93 12.86
C TRP A 1863 -59.42 -46.53 12.99
N LEU A 1864 -60.54 -46.39 13.70
CA LEU A 1864 -61.16 -45.08 13.92
C LEU A 1864 -60.23 -44.15 14.70
N ASN A 1865 -59.55 -44.71 15.70
CA ASN A 1865 -58.62 -43.91 16.49
C ASN A 1865 -57.49 -43.41 15.59
N THR A 1866 -57.00 -44.28 14.70
CA THR A 1866 -55.94 -43.86 13.78
C THR A 1866 -56.42 -42.75 12.87
N THR A 1867 -57.67 -42.86 12.40
CA THR A 1867 -58.22 -41.83 11.53
C THR A 1867 -58.33 -40.49 12.24
N LYS A 1868 -58.74 -40.49 13.52
CA LYS A 1868 -58.82 -39.22 14.24
C LYS A 1868 -57.44 -38.60 14.36
N GLN A 1869 -56.44 -39.43 14.65
CA GLN A 1869 -55.06 -38.98 14.75
C GLN A 1869 -54.59 -38.45 13.41
N PHE A 1870 -55.00 -39.13 12.35
CA PHE A 1870 -54.65 -38.74 11.01
C PHE A 1870 -55.21 -37.37 10.68
N SER A 1871 -56.45 -37.08 11.09
CA SER A 1871 -57.01 -35.77 10.82
C SER A 1871 -56.22 -34.68 11.55
N LYS A 1872 -55.83 -34.97 12.80
CA LYS A 1872 -55.03 -34.04 13.57
C LYS A 1872 -53.69 -33.83 12.91
N THR A 1873 -53.13 -34.92 12.40
CA THR A 1873 -51.86 -34.86 11.70
C THR A 1873 -51.97 -34.00 10.47
N SER A 1874 -53.10 -34.10 9.77
CA SER A 1874 -53.30 -33.30 8.58
C SER A 1874 -53.29 -31.83 8.92
N GLN A 1875 -53.98 -31.47 10.00
CA GLN A 1875 -54.01 -30.07 10.41
C GLN A 1875 -52.62 -29.56 10.78
N GLU A 1876 -51.88 -30.37 11.52
CA GLU A 1876 -50.52 -30.09 11.98
C GLU A 1876 -49.50 -29.91 10.86
N LEU A 1877 -49.62 -30.71 9.80
CA LEU A 1877 -48.71 -30.65 8.67
C LEU A 1877 -48.71 -29.33 7.92
N ILE A 1878 -49.87 -28.72 7.70
CA ILE A 1878 -49.86 -27.43 7.01
C ILE A 1878 -49.09 -26.41 7.83
N GLY A 1879 -49.29 -26.41 9.13
CA GLY A 1879 -48.55 -25.51 9.99
C GLY A 1879 -47.06 -25.79 9.98
N ASN A 1880 -46.68 -27.06 9.92
CA ASN A 1880 -45.27 -27.45 10.00
C ASN A 1880 -44.49 -27.10 8.74
N CYS A 1881 -45.16 -27.09 7.60
CA CYS A 1881 -44.46 -26.78 6.35
C CYS A 1881 -43.84 -25.39 6.39
N ILE A 1882 -44.51 -24.45 7.05
CA ILE A 1882 -43.96 -23.12 7.33
C ILE A 1882 -42.61 -23.19 8.02
N ILE A 1883 -42.54 -23.95 9.11
CA ILE A 1883 -41.28 -24.10 9.84
C ILE A 1883 -40.19 -24.67 8.96
N SER A 1884 -40.51 -25.74 8.25
CA SER A 1884 -39.51 -26.39 7.40
C SER A 1884 -38.96 -25.41 6.36
N SER A 1885 -39.87 -24.67 5.70
CA SER A 1885 -39.45 -23.74 4.66
C SER A 1885 -38.60 -22.62 5.24
N ILE A 1886 -38.91 -22.21 6.47
CA ILE A 1886 -38.08 -21.19 7.09
C ILE A 1886 -36.69 -21.73 7.39
N TYR A 1887 -36.54 -22.96 7.90
CA TYR A 1887 -35.16 -23.43 8.09
C TYR A 1887 -34.38 -23.47 6.81
N GLU A 1888 -35.00 -23.97 5.75
CA GLU A 1888 -34.36 -23.94 4.44
C GLU A 1888 -33.92 -22.55 4.03
N THR A 1889 -34.75 -21.57 4.26
CA THR A 1889 -34.35 -20.32 3.62
C THR A 1889 -33.46 -19.47 4.50
N TYR A 1890 -33.71 -19.45 5.80
CA TYR A 1890 -33.08 -18.53 6.72
C TYR A 1890 -32.04 -19.12 7.65
N PHE A 1891 -32.10 -20.39 7.99
CA PHE A 1891 -31.31 -20.87 9.12
C PHE A 1891 -29.90 -21.27 8.77
N GLY A 1892 -29.58 -21.42 7.50
CA GLY A 1892 -28.31 -21.98 7.11
C GLY A 1892 -27.12 -21.21 7.63
N HIS A 1893 -27.23 -19.90 7.81
CA HIS A 1893 -26.08 -19.19 8.32
C HIS A 1893 -26.18 -18.81 9.78
N LEU A 1894 -27.24 -19.21 10.47
CA LEU A 1894 -27.38 -18.92 11.90
C LEU A 1894 -26.65 -19.92 12.79
N ASN A 1895 -26.02 -19.39 13.85
CA ASN A 1895 -25.55 -20.23 14.94
C ASN A 1895 -26.73 -20.91 15.68
N GLU A 1896 -26.42 -22.05 16.30
CA GLU A 1896 -27.37 -22.85 17.10
C GLU A 1896 -28.20 -22.07 18.12
N ARG A 1897 -27.60 -21.15 18.85
CA ARG A 1897 -28.41 -20.41 19.80
C ARG A 1897 -29.33 -19.44 19.10
N GLU A 1898 -28.84 -18.87 18.02
CA GLU A 1898 -29.65 -17.97 17.22
C GLU A 1898 -30.77 -18.73 16.54
N ARG A 1899 -30.51 -19.96 16.10
CA ARG A 1899 -31.58 -20.80 15.60
C ARG A 1899 -32.63 -21.05 16.65
N ALA A 1900 -32.21 -21.25 17.89
CA ALA A 1900 -33.18 -21.50 18.95
C ALA A 1900 -34.07 -20.28 19.18
N ASP A 1901 -33.45 -19.10 19.31
CA ASP A 1901 -34.23 -17.88 19.47
C ASP A 1901 -35.17 -17.62 18.31
N MET A 1902 -34.73 -17.89 17.08
CA MET A 1902 -35.63 -17.75 15.94
C MET A 1902 -36.79 -18.69 16.08
N LEU A 1903 -36.53 -19.92 16.48
CA LEU A 1903 -37.55 -20.93 16.55
C LEU A 1903 -38.62 -20.53 17.54
N VAL A 1904 -38.19 -20.07 18.71
CA VAL A 1904 -39.09 -19.48 19.70
C VAL A 1904 -39.93 -18.34 19.10
N ILE A 1905 -39.27 -17.31 18.57
CA ILE A 1905 -39.96 -16.12 18.11
C ILE A 1905 -40.81 -16.38 16.89
N LEU A 1906 -40.55 -17.46 16.18
CA LEU A 1906 -41.47 -17.92 15.16
C LEU A 1906 -42.66 -18.60 15.81
N LYS A 1907 -42.36 -19.58 16.65
CA LYS A 1907 -43.37 -20.43 17.28
C LYS A 1907 -44.46 -19.59 17.90
N ARG A 1908 -44.06 -18.52 18.59
CA ARG A 1908 -45.04 -17.62 19.17
C ARG A 1908 -45.89 -16.96 18.09
N LEU A 1909 -45.34 -16.73 16.90
CA LEU A 1909 -46.17 -16.12 15.86
C LEU A 1909 -47.21 -17.09 15.36
N LEU A 1910 -46.85 -18.37 15.29
CA LEU A 1910 -47.89 -19.31 14.88
C LEU A 1910 -48.98 -19.38 15.92
N GLY A 1911 -48.58 -19.52 17.19
CA GLY A 1911 -49.60 -19.56 18.21
C GLY A 1911 -50.27 -18.23 18.43
N LYS A 1912 -49.68 -17.16 17.92
CA LYS A 1912 -50.29 -15.85 17.86
C LYS A 1912 -51.42 -15.83 16.86
N PHE A 1913 -51.38 -16.72 15.88
CA PHE A 1913 -52.48 -16.83 14.93
C PHE A 1913 -53.11 -18.21 15.04
N ALA A 1914 -53.97 -18.51 14.09
CA ALA A 1914 -54.66 -19.79 14.01
C ALA A 1914 -53.83 -20.94 13.44
N VAL A 1915 -52.52 -20.81 13.31
CA VAL A 1915 -51.72 -21.85 12.67
C VAL A 1915 -51.24 -22.77 13.78
N LYS A 1916 -51.99 -23.84 14.02
CA LYS A 1916 -51.49 -24.85 14.94
C LYS A 1916 -50.41 -25.72 14.28
N TYR A 1917 -49.70 -26.50 15.10
CA TYR A 1917 -48.51 -27.22 14.65
C TYR A 1917 -48.33 -28.47 15.48
N ASP A 1918 -47.44 -29.34 15.03
CA ASP A 1918 -46.94 -30.41 15.89
C ASP A 1918 -46.08 -29.81 16.98
N VAL A 1919 -46.53 -29.95 18.22
CA VAL A 1919 -45.75 -29.44 19.35
C VAL A 1919 -44.39 -30.15 19.44
N ASN A 1920 -44.29 -31.39 18.97
CA ASN A 1920 -43.06 -32.13 19.08
C ASN A 1920 -42.24 -32.16 17.79
N TYR A 1921 -42.47 -31.22 16.89
CA TYR A 1921 -41.77 -31.17 15.61
C TYR A 1921 -40.26 -31.20 15.78
N ARG A 1922 -39.59 -31.94 14.91
CA ARG A 1922 -38.13 -31.90 14.78
C ARG A 1922 -37.84 -31.88 13.29
N PHE A 1923 -37.12 -30.84 12.86
CA PHE A 1923 -36.83 -30.64 11.45
C PHE A 1923 -36.12 -31.81 10.81
N ILE A 1924 -35.12 -32.37 11.49
CA ILE A 1924 -34.39 -33.52 10.95
C ILE A 1924 -35.33 -34.69 10.73
N ASP A 1925 -36.09 -35.02 11.77
CA ASP A 1925 -36.98 -36.18 11.71
C ASP A 1925 -38.14 -35.91 10.76
N TYR A 1926 -38.50 -34.65 10.60
CA TYR A 1926 -39.57 -34.32 9.66
C TYR A 1926 -39.11 -34.46 8.23
N LEU A 1927 -37.90 -34.02 7.93
CA LEU A 1927 -37.47 -33.93 6.54
C LEU A 1927 -36.63 -35.09 6.02
N VAL A 1928 -35.87 -35.78 6.87
CA VAL A 1928 -34.86 -36.71 6.38
C VAL A 1928 -35.24 -38.14 6.68
N THR A 1929 -35.37 -38.95 5.64
CA THR A 1929 -35.57 -40.38 5.83
C THR A 1929 -34.26 -41.04 6.27
N LEU A 1930 -34.39 -42.11 7.06
CA LEU A 1930 -33.26 -42.83 7.64
C LEU A 1930 -32.24 -43.32 6.64
N ASP A 1931 -32.65 -43.66 5.43
CA ASP A 1931 -31.68 -44.13 4.45
C ASP A 1931 -30.73 -43.03 4.03
N GLU A 1932 -31.26 -41.87 3.66
CA GLU A 1932 -30.39 -40.74 3.35
C GLU A 1932 -29.56 -40.36 4.58
N LYS A 1933 -30.21 -40.41 5.75
CA LYS A 1933 -29.59 -40.16 7.04
C LYS A 1933 -28.35 -41.01 7.29
N MET A 1934 -28.40 -42.27 6.90
CA MET A 1934 -27.24 -43.14 7.02
C MET A 1934 -26.28 -42.91 5.89
N LYS A 1935 -26.81 -42.79 4.67
CA LYS A 1935 -26.03 -42.65 3.45
C LYS A 1935 -25.01 -41.54 3.59
N TRP A 1936 -25.42 -40.42 4.17
CA TRP A 1936 -24.46 -39.35 4.43
C TRP A 1936 -23.33 -39.77 5.36
N LEU A 1937 -23.64 -40.52 6.41
CA LEU A 1937 -22.59 -40.90 7.36
C LEU A 1937 -21.64 -41.91 6.74
N GLU A 1938 -22.17 -42.79 5.91
CA GLU A 1938 -21.30 -43.66 5.11
C GLU A 1938 -20.40 -42.82 4.24
N CYS A 1939 -20.93 -41.74 3.69
CA CYS A 1939 -20.06 -40.81 2.99
C CYS A 1939 -19.17 -40.02 3.95
N GLY A 1940 -19.38 -40.12 5.25
CA GLY A 1940 -18.48 -39.55 6.21
C GLY A 1940 -18.88 -38.26 6.91
N LEU A 1941 -20.13 -37.87 6.84
CA LEU A 1941 -20.55 -36.70 7.61
C LEU A 1941 -20.39 -36.94 9.10
N ASP A 1942 -19.95 -35.92 9.81
CA ASP A 1942 -19.85 -35.97 11.27
C ASP A 1942 -21.22 -36.14 11.92
N LYS A 1943 -21.29 -36.96 12.96
CA LYS A 1943 -22.53 -37.18 13.70
C LYS A 1943 -22.79 -36.06 14.72
N ASN A 1944 -22.87 -34.84 14.22
CA ASN A 1944 -23.26 -33.71 15.04
C ASN A 1944 -24.53 -33.19 14.37
N ASP A 1945 -25.59 -33.00 15.17
CA ASP A 1945 -26.90 -32.62 14.65
C ASP A 1945 -26.86 -31.32 13.87
N TYR A 1946 -26.03 -30.37 14.27
CA TYR A 1946 -25.94 -29.13 13.53
C TYR A 1946 -25.49 -29.42 12.12
N PHE A 1947 -24.54 -30.32 11.97
CA PHE A 1947 -24.12 -30.77 10.65
C PHE A 1947 -25.23 -31.51 9.92
N LEU A 1948 -26.02 -32.30 10.63
CA LEU A 1948 -27.10 -33.00 9.97
C LEU A 1948 -28.10 -32.03 9.37
N GLU A 1949 -28.43 -30.98 10.10
CA GLU A 1949 -29.35 -29.99 9.57
C GLU A 1949 -28.75 -29.27 8.37
N ASN A 1950 -27.48 -28.94 8.47
CA ASN A 1950 -26.83 -28.27 7.35
C ASN A 1950 -26.80 -29.14 6.11
N MET A 1951 -26.48 -30.41 6.26
CA MET A 1951 -26.45 -31.29 5.12
C MET A 1951 -27.84 -31.45 4.51
N SER A 1952 -28.87 -31.49 5.35
CA SER A 1952 -30.23 -31.52 4.84
C SER A 1952 -30.54 -30.30 4.00
N ILE A 1953 -30.18 -29.12 4.51
CA ILE A 1953 -30.43 -27.89 3.76
C ILE A 1953 -29.73 -27.92 2.42
N VAL A 1954 -28.47 -28.32 2.41
CA VAL A 1954 -27.75 -28.20 1.14
C VAL A 1954 -28.18 -29.25 0.13
N MET A 1955 -28.52 -30.45 0.56
CA MET A 1955 -28.97 -31.39 -0.46
C MET A 1955 -30.40 -31.15 -0.87
N ASN A 1956 -31.22 -30.57 -0.01
CA ASN A 1956 -32.61 -30.43 -0.36
C ASN A 1956 -32.90 -29.19 -1.20
N SER A 1957 -31.95 -28.31 -1.45
CA SER A 1957 -32.27 -27.12 -2.23
C SER A 1957 -32.29 -27.45 -3.71
N GLN A 1958 -33.36 -27.07 -4.40
CA GLN A 1958 -33.50 -27.28 -5.84
C GLN A 1958 -33.52 -25.91 -6.48
N ASP A 1959 -32.65 -25.72 -7.46
CA ASP A 1959 -32.46 -24.46 -8.19
C ASP A 1959 -31.82 -23.35 -7.38
N ALA A 1960 -31.26 -23.67 -6.23
CA ALA A 1960 -30.58 -22.70 -5.40
C ALA A 1960 -29.18 -23.28 -5.25
N VAL A 1961 -28.15 -22.45 -5.42
CA VAL A 1961 -26.77 -22.90 -5.32
C VAL A 1961 -26.34 -22.84 -3.86
N PRO A 1962 -26.06 -23.97 -3.22
CA PRO A 1962 -25.44 -23.97 -1.89
C PRO A 1962 -24.08 -23.32 -1.85
N PHE A 1963 -23.83 -22.59 -0.76
CA PHE A 1963 -22.52 -22.00 -0.50
C PHE A 1963 -22.05 -22.58 0.82
N LEU A 1964 -21.12 -23.51 0.75
CA LEU A 1964 -20.62 -24.28 1.88
C LEU A 1964 -19.46 -23.55 2.54
N LEU A 1965 -19.71 -22.78 3.58
CA LEU A 1965 -18.62 -22.13 4.30
C LEU A 1965 -18.13 -23.08 5.39
N ASP A 1966 -17.08 -23.85 5.11
CA ASP A 1966 -16.39 -24.71 6.07
C ASP A 1966 -14.90 -24.44 5.96
N PRO A 1967 -14.31 -23.68 6.88
CA PRO A 1967 -12.84 -23.68 6.91
C PRO A 1967 -12.27 -25.07 7.10
N SER A 1968 -12.84 -25.86 8.00
CA SER A 1968 -12.34 -27.20 8.17
C SER A 1968 -12.65 -27.94 6.88
N SER A 1969 -11.66 -28.12 6.04
CA SER A 1969 -11.88 -28.78 4.76
C SER A 1969 -12.28 -30.21 5.05
N HIS A 1970 -13.42 -30.62 4.52
CA HIS A 1970 -13.96 -31.96 4.76
C HIS A 1970 -15.18 -32.17 3.89
N MET A 1971 -15.95 -31.10 3.73
CA MET A 1971 -17.17 -31.16 2.94
C MET A 1971 -16.84 -31.58 1.51
N ILE A 1972 -15.74 -31.06 0.98
CA ILE A 1972 -15.28 -31.31 -0.39
C ILE A 1972 -14.85 -32.76 -0.59
N THR A 1973 -15.09 -33.56 0.39
CA THR A 1973 -14.75 -34.95 0.35
C THR A 1973 -16.02 -35.74 0.49
N VAL A 1974 -16.88 -35.31 1.41
CA VAL A 1974 -18.16 -35.98 1.63
C VAL A 1974 -19.03 -35.87 0.40
N ILE A 1975 -19.02 -34.70 -0.23
CA ILE A 1975 -19.73 -34.50 -1.48
C ILE A 1975 -19.20 -35.43 -2.56
N SER A 1976 -17.87 -35.48 -2.68
CA SER A 1976 -17.24 -36.34 -3.66
C SER A 1976 -17.51 -37.81 -3.38
N ASN A 1977 -17.56 -38.19 -2.11
CA ASN A 1977 -17.89 -39.56 -1.73
C ASN A 1977 -19.34 -39.88 -2.01
N TYR A 1978 -20.16 -38.85 -2.15
CA TYR A 1978 -21.56 -39.10 -2.43
C TYR A 1978 -21.74 -39.26 -3.93
N TYR A 1979 -21.27 -38.29 -4.69
CA TYR A 1979 -21.49 -38.31 -6.12
C TYR A 1979 -20.52 -39.16 -6.91
N GLY A 1980 -19.42 -39.62 -6.35
CA GLY A 1980 -18.60 -40.56 -7.08
C GLY A 1980 -17.75 -39.89 -8.14
N ASN A 1981 -17.42 -40.68 -9.16
CA ASN A 1981 -16.49 -40.26 -10.22
C ASN A 1981 -16.93 -39.01 -10.96
N LYS A 1982 -18.21 -38.75 -11.03
CA LYS A 1982 -18.67 -37.57 -11.73
C LYS A 1982 -18.60 -36.27 -10.95
N THR A 1983 -17.71 -36.18 -9.98
CA THR A 1983 -17.50 -34.92 -9.28
C THR A 1983 -16.28 -34.20 -9.84
N VAL A 1984 -16.47 -33.20 -10.66
CA VAL A 1984 -15.35 -32.36 -11.04
C VAL A 1984 -15.10 -31.36 -9.91
N LEU A 1985 -13.83 -31.03 -9.67
CA LEU A 1985 -13.45 -30.01 -8.71
C LEU A 1985 -12.76 -28.88 -9.45
N LEU A 1986 -13.12 -27.64 -9.12
CA LEU A 1986 -12.60 -26.48 -9.83
C LEU A 1986 -12.23 -25.40 -8.84
N SER A 1987 -11.75 -24.28 -9.36
CA SER A 1987 -11.28 -23.20 -8.52
C SER A 1987 -11.34 -21.91 -9.31
N PHE A 1988 -11.67 -20.81 -8.64
CA PHE A 1988 -11.57 -19.52 -9.31
C PHE A 1988 -10.15 -19.09 -9.58
N LEU A 1989 -9.15 -19.75 -9.00
CA LEU A 1989 -7.75 -19.36 -9.19
C LEU A 1989 -7.00 -20.21 -10.20
N GLU A 1990 -7.54 -21.37 -10.55
CA GLU A 1990 -7.13 -22.15 -11.71
C GLU A 1990 -7.52 -21.42 -12.97
N GLU A 1991 -6.57 -20.78 -13.63
CA GLU A 1991 -6.90 -19.88 -14.72
C GLU A 1991 -7.49 -20.55 -15.96
N GLY A 1992 -7.49 -21.88 -16.05
CA GLY A 1992 -8.22 -22.56 -17.10
C GLY A 1992 -9.68 -22.79 -16.79
N PHE A 1993 -10.11 -22.34 -15.62
CA PHE A 1993 -11.45 -22.51 -15.06
C PHE A 1993 -12.61 -22.31 -16.02
N VAL A 1994 -12.63 -21.18 -16.73
CA VAL A 1994 -13.83 -20.81 -17.50
C VAL A 1994 -14.16 -21.78 -18.60
N LYS A 1995 -13.17 -22.19 -19.34
CA LYS A 1995 -13.44 -23.14 -20.41
C LYS A 1995 -13.81 -24.50 -19.87
N ARG A 1996 -13.13 -24.95 -18.83
CA ARG A 1996 -13.47 -26.25 -18.28
C ARG A 1996 -14.82 -26.25 -17.60
N LEU A 1997 -15.24 -25.15 -16.98
CA LEU A 1997 -16.58 -25.05 -16.43
C LEU A 1997 -17.65 -25.07 -17.50
N GLU A 1998 -17.42 -24.33 -18.58
CA GLU A 1998 -18.29 -24.39 -19.75
C GLU A 1998 -18.40 -25.81 -20.26
N ASN A 1999 -17.27 -26.47 -20.38
CA ASN A 1999 -17.24 -27.86 -20.80
C ASN A 1999 -18.02 -28.78 -19.87
N ALA A 2000 -17.86 -28.56 -18.56
CA ALA A 2000 -18.52 -29.38 -17.55
C ALA A 2000 -20.02 -29.25 -17.59
N ILE A 2001 -20.53 -28.03 -17.69
CA ILE A 2001 -21.98 -27.90 -17.77
C ILE A 2001 -22.52 -28.45 -19.08
N ARG A 2002 -21.77 -28.35 -20.18
CA ARG A 2002 -22.18 -29.05 -21.38
C ARG A 2002 -22.24 -30.54 -21.19
N PHE A 2003 -21.30 -31.08 -20.47
CA PHE A 2003 -21.36 -32.49 -20.17
C PHE A 2003 -22.38 -32.92 -19.11
N GLY A 2004 -22.90 -32.00 -18.31
CA GLY A 2004 -23.71 -32.34 -17.15
C GLY A 2004 -23.06 -32.96 -15.93
N SER A 2005 -21.82 -32.62 -15.66
CA SER A 2005 -21.08 -33.15 -14.54
C SER A 2005 -21.57 -32.43 -13.28
N VAL A 2006 -21.39 -33.04 -12.13
CA VAL A 2006 -21.47 -32.24 -10.91
C VAL A 2006 -20.17 -31.47 -10.79
N VAL A 2007 -20.24 -30.22 -10.33
CA VAL A 2007 -19.06 -29.38 -10.14
C VAL A 2007 -19.06 -28.76 -8.76
N ILE A 2008 -17.89 -28.74 -8.11
CA ILE A 2008 -17.68 -27.95 -6.90
C ILE A 2008 -16.61 -26.93 -7.22
N ILE A 2009 -16.79 -25.70 -6.77
CA ILE A 2009 -15.81 -24.66 -7.03
C ILE A 2009 -15.22 -24.18 -5.72
N GLN A 2010 -13.91 -24.28 -5.60
CA GLN A 2010 -13.14 -23.86 -4.46
C GLN A 2010 -12.91 -22.36 -4.49
N ASP A 2011 -12.49 -21.83 -3.33
CA ASP A 2011 -12.18 -20.42 -3.11
C ASP A 2011 -13.33 -19.53 -3.52
N GLY A 2012 -14.35 -19.50 -2.67
CA GLY A 2012 -15.52 -18.69 -2.83
C GLY A 2012 -15.33 -17.24 -2.48
N GLU A 2013 -14.29 -16.89 -1.74
CA GLU A 2013 -14.11 -15.47 -1.43
C GLU A 2013 -13.41 -14.70 -2.55
N PHE A 2014 -13.95 -14.93 -3.72
CA PHE A 2014 -13.62 -14.59 -5.09
C PHE A 2014 -14.85 -14.90 -5.88
N PHE A 2015 -15.09 -14.13 -6.91
CA PHE A 2015 -16.15 -14.56 -7.77
C PHE A 2015 -15.77 -14.04 -9.13
N ASP A 2016 -16.34 -14.66 -10.14
CA ASP A 2016 -16.08 -14.29 -11.52
C ASP A 2016 -17.43 -14.03 -12.18
N PRO A 2017 -17.82 -12.78 -12.32
CA PRO A 2017 -19.18 -12.42 -12.76
C PRO A 2017 -19.75 -13.10 -13.98
N ILE A 2018 -18.90 -13.65 -14.85
CA ILE A 2018 -19.39 -14.41 -15.99
C ILE A 2018 -20.19 -15.62 -15.58
N ILE A 2019 -20.03 -16.11 -14.36
CA ILE A 2019 -20.75 -17.28 -13.92
C ILE A 2019 -22.15 -16.92 -13.47
N SER A 2020 -22.45 -15.62 -13.40
CA SER A 2020 -23.72 -15.12 -12.88
C SER A 2020 -24.95 -15.79 -13.47
N ARG A 2021 -24.90 -16.19 -14.73
CA ARG A 2021 -26.08 -16.79 -15.32
C ARG A 2021 -26.35 -18.20 -14.81
N LEU A 2022 -25.37 -18.84 -14.17
CA LEU A 2022 -25.63 -20.10 -13.50
C LEU A 2022 -26.26 -19.86 -12.15
N ILE A 2023 -26.01 -18.70 -11.56
CA ILE A 2023 -26.39 -18.46 -10.19
C ILE A 2023 -27.75 -17.86 -10.17
N SER A 2024 -27.93 -16.87 -11.00
CA SER A 2024 -29.21 -16.24 -11.17
C SER A 2024 -29.68 -17.06 -12.33
N ARG A 2025 -30.55 -18.02 -12.04
CA ARG A 2025 -31.02 -18.94 -13.05
C ARG A 2025 -31.68 -18.13 -14.13
N GLU A 2026 -31.28 -18.42 -15.35
CA GLU A 2026 -31.73 -17.74 -16.53
C GLU A 2026 -31.18 -18.60 -17.61
N PHE A 2027 -31.93 -18.76 -18.67
CA PHE A 2027 -31.48 -19.58 -19.77
C PHE A 2027 -32.36 -19.18 -20.92
N ASN A 2028 -31.80 -18.70 -22.01
CA ASN A 2028 -32.72 -18.33 -23.07
C ASN A 2028 -33.30 -19.63 -23.58
N HIS A 2029 -34.62 -19.68 -23.50
CA HIS A 2029 -35.34 -20.87 -23.87
C HIS A 2029 -35.24 -21.10 -25.37
N ALA A 2030 -35.14 -22.35 -25.75
CA ALA A 2030 -35.12 -22.75 -27.14
C ALA A 2030 -36.21 -23.80 -27.22
N GLY A 2031 -36.55 -24.23 -28.42
CA GLY A 2031 -37.49 -25.32 -28.43
C GLY A 2031 -36.85 -26.64 -28.08
N ASN A 2032 -36.03 -27.16 -28.97
CA ASN A 2032 -35.37 -28.43 -28.69
C ASN A 2032 -34.37 -28.36 -27.54
N ARG A 2033 -33.57 -27.29 -27.45
CA ARG A 2033 -32.56 -27.21 -26.40
C ARG A 2033 -32.84 -26.10 -25.40
N VAL A 2034 -31.87 -25.86 -24.49
CA VAL A 2034 -31.92 -24.82 -23.46
C VAL A 2034 -30.54 -24.24 -23.20
N THR A 2035 -30.33 -22.97 -23.53
CA THR A 2035 -28.99 -22.42 -23.74
C THR A 2035 -28.73 -21.24 -22.81
N VAL A 2036 -27.46 -21.00 -22.48
CA VAL A 2036 -27.04 -19.99 -21.52
C VAL A 2036 -25.77 -19.30 -22.04
N GLU A 2037 -25.80 -17.98 -22.10
CA GLU A 2037 -24.60 -17.20 -22.46
C GLU A 2037 -23.56 -17.08 -21.36
N ILE A 2038 -22.59 -17.98 -21.34
CA ILE A 2038 -21.47 -17.89 -20.38
C ILE A 2038 -20.39 -17.09 -21.11
N GLY A 2039 -20.56 -15.79 -21.11
CA GLY A 2039 -19.86 -14.93 -22.03
C GLY A 2039 -20.48 -14.98 -23.42
N ASP A 2040 -19.67 -15.02 -24.48
CA ASP A 2040 -20.24 -15.20 -25.80
C ASP A 2040 -20.60 -16.64 -26.10
N HIS A 2041 -20.14 -17.56 -25.27
CA HIS A 2041 -20.39 -18.98 -25.44
C HIS A 2041 -21.85 -19.28 -25.08
N GLU A 2042 -22.66 -19.47 -26.10
CA GLU A 2042 -24.05 -19.86 -25.99
C GLU A 2042 -24.06 -21.37 -25.78
N VAL A 2043 -23.98 -21.77 -24.52
CA VAL A 2043 -23.77 -23.15 -24.11
C VAL A 2043 -25.09 -23.85 -23.82
N ASP A 2044 -25.22 -25.09 -24.29
CA ASP A 2044 -26.36 -25.90 -23.92
C ASP A 2044 -26.23 -26.62 -22.58
N VAL A 2045 -27.23 -26.50 -21.73
CA VAL A 2045 -27.19 -27.09 -20.40
C VAL A 2045 -27.56 -28.58 -20.46
N SER A 2046 -26.72 -29.45 -19.91
CA SER A 2046 -27.06 -30.87 -20.01
C SER A 2046 -28.02 -31.34 -18.93
N GLY A 2047 -28.84 -30.47 -18.38
CA GLY A 2047 -29.84 -30.87 -17.42
C GLY A 2047 -29.21 -31.27 -16.11
N ASP A 2048 -28.43 -32.35 -16.12
CA ASP A 2048 -28.00 -33.03 -14.91
C ASP A 2048 -26.94 -32.26 -14.16
N PHE A 2049 -26.57 -31.08 -14.64
CA PHE A 2049 -25.54 -30.27 -14.03
C PHE A 2049 -25.94 -29.84 -12.65
N LYS A 2050 -24.96 -29.76 -11.75
CA LYS A 2050 -25.21 -29.25 -10.41
C LYS A 2050 -23.99 -28.45 -9.99
N LEU A 2051 -24.18 -27.19 -9.66
CA LEU A 2051 -23.12 -26.34 -9.13
C LEU A 2051 -23.12 -26.28 -7.62
N PHE A 2052 -21.99 -26.55 -6.99
CA PHE A 2052 -21.72 -26.16 -5.62
C PHE A 2052 -20.59 -25.15 -5.54
N ILE A 2053 -20.70 -24.17 -4.65
CA ILE A 2053 -19.55 -23.35 -4.30
C ILE A 2053 -19.09 -23.72 -2.89
N HIS A 2054 -17.78 -23.63 -2.66
CA HIS A 2054 -17.21 -23.79 -1.33
C HIS A 2054 -16.35 -22.57 -1.01
N SER A 2055 -16.09 -22.32 0.27
CA SER A 2055 -15.23 -21.23 0.69
C SER A 2055 -14.49 -21.63 1.96
N CYS A 2056 -13.27 -21.13 2.08
CA CYS A 2056 -12.35 -21.55 3.12
C CYS A 2056 -12.34 -20.69 4.40
N ASP A 2057 -12.98 -19.51 4.43
CA ASP A 2057 -12.86 -18.68 5.63
C ASP A 2057 -13.93 -17.61 5.70
N PRO A 2058 -14.56 -17.39 6.86
CA PRO A 2058 -15.59 -16.36 6.95
C PRO A 2058 -15.09 -14.94 6.84
N SER A 2059 -13.79 -14.70 6.99
CA SER A 2059 -13.25 -13.37 6.73
C SER A 2059 -13.25 -13.00 5.26
N GLY A 2060 -13.52 -13.97 4.38
CA GLY A 2060 -13.70 -13.66 2.98
C GLY A 2060 -15.03 -13.00 2.69
N ASP A 2061 -14.96 -11.87 2.00
CA ASP A 2061 -16.15 -11.12 1.64
C ASP A 2061 -16.90 -11.88 0.56
N ILE A 2062 -18.22 -11.82 0.62
CA ILE A 2062 -19.11 -12.38 -0.39
C ILE A 2062 -19.70 -11.22 -1.16
N PRO A 2063 -19.40 -11.06 -2.46
CA PRO A 2063 -20.06 -10.05 -3.28
C PRO A 2063 -21.58 -10.09 -3.08
N ILE A 2064 -22.16 -8.90 -2.93
CA ILE A 2064 -23.57 -8.76 -2.64
C ILE A 2064 -24.45 -9.43 -3.68
N PHE A 2065 -24.03 -9.45 -4.94
CA PHE A 2065 -24.77 -10.20 -5.95
C PHE A 2065 -24.92 -11.67 -5.59
N LEU A 2066 -23.82 -12.34 -5.27
CA LEU A 2066 -23.89 -13.73 -4.81
C LEU A 2066 -24.65 -13.86 -3.50
N ARG A 2067 -24.26 -13.07 -2.51
CA ARG A 2067 -24.77 -13.18 -1.16
C ARG A 2067 -26.28 -13.09 -1.06
N SER A 2068 -26.94 -12.53 -2.06
CA SER A 2068 -28.38 -12.43 -2.02
C SER A 2068 -29.09 -13.42 -2.93
N ARG A 2069 -28.38 -14.28 -3.63
CA ARG A 2069 -28.98 -15.34 -4.42
C ARG A 2069 -28.70 -16.72 -3.89
N VAL A 2070 -27.50 -16.90 -3.46
CA VAL A 2070 -26.92 -18.16 -3.03
C VAL A 2070 -27.25 -18.49 -1.58
N ARG A 2071 -27.59 -19.76 -1.35
CA ARG A 2071 -27.90 -20.36 -0.05
C ARG A 2071 -26.68 -20.54 0.85
N LEU A 2072 -26.37 -19.54 1.68
CA LEU A 2072 -25.22 -19.61 2.58
C LEU A 2072 -25.44 -20.54 3.77
N VAL A 2073 -24.53 -21.51 3.95
CA VAL A 2073 -24.59 -22.54 4.98
C VAL A 2073 -23.23 -22.65 5.66
N HIS A 2074 -23.18 -22.69 7.00
CA HIS A 2074 -21.91 -22.81 7.70
C HIS A 2074 -21.69 -24.10 8.47
N PHE A 2075 -20.58 -24.74 8.15
CA PHE A 2075 -20.08 -25.94 8.79
C PHE A 2075 -19.00 -25.59 9.77
N VAL A 2076 -18.72 -24.29 9.87
CA VAL A 2076 -17.72 -23.73 10.76
C VAL A 2076 -17.90 -24.27 12.16
N THR A 2077 -16.80 -24.68 12.77
CA THR A 2077 -16.86 -25.16 14.14
C THR A 2077 -17.26 -23.97 14.97
N ASN A 2078 -18.16 -24.20 15.90
CA ASN A 2078 -18.70 -23.18 16.78
C ASN A 2078 -18.41 -23.50 18.22
N LYS A 2079 -17.96 -22.50 18.96
CA LYS A 2079 -17.67 -22.75 20.37
C LYS A 2079 -18.94 -23.17 21.08
N GLU A 2080 -20.08 -22.57 20.75
CA GLU A 2080 -21.41 -22.88 21.31
C GLU A 2080 -21.79 -24.37 21.16
N SER A 2081 -20.89 -25.18 20.60
CA SER A 2081 -20.86 -26.64 20.66
C SER A 2081 -20.38 -27.10 22.02
N ILE A 2082 -19.56 -26.31 22.69
CA ILE A 2082 -19.27 -26.59 24.09
C ILE A 2082 -20.58 -26.67 24.83
N GLU A 2083 -21.41 -25.65 24.67
CA GLU A 2083 -22.69 -25.62 25.35
C GLU A 2083 -23.56 -26.81 24.96
N THR A 2084 -23.49 -27.26 23.72
CA THR A 2084 -24.29 -28.42 23.35
C THR A 2084 -23.72 -29.71 23.93
N ARG A 2085 -22.40 -29.83 23.97
CA ARG A 2085 -21.77 -31.15 24.13
C ARG A 2085 -21.36 -31.47 25.54
N ILE A 2086 -20.95 -30.46 26.32
CA ILE A 2086 -20.43 -30.79 27.63
C ILE A 2086 -21.56 -31.26 28.52
N PHE A 2087 -22.80 -30.87 28.24
CA PHE A 2087 -23.90 -31.46 29.00
C PHE A 2087 -24.04 -32.93 28.64
N ASP A 2088 -23.82 -33.26 27.36
CA ASP A 2088 -23.93 -34.64 26.93
C ASP A 2088 -22.86 -35.50 27.56
N ILE A 2089 -21.74 -34.90 27.90
CA ILE A 2089 -20.77 -35.66 28.66
C ILE A 2089 -21.03 -35.57 30.15
N THR A 2090 -21.65 -34.48 30.61
CA THR A 2090 -21.98 -34.38 32.02
C THR A 2090 -22.97 -35.47 32.38
N LEU A 2091 -23.96 -35.66 31.52
CA LEU A 2091 -24.92 -36.72 31.75
C LEU A 2091 -24.29 -38.08 31.50
N THR A 2092 -23.27 -38.16 30.63
CA THR A 2092 -22.60 -39.45 30.44
C THR A 2092 -21.87 -39.90 31.69
N GLU A 2093 -21.50 -38.96 32.54
CA GLU A 2093 -20.92 -39.27 33.84
C GLU A 2093 -21.90 -39.08 34.99
N GLU A 2094 -23.10 -38.59 34.72
CA GLU A 2094 -24.13 -38.42 35.73
C GLU A 2094 -25.05 -39.64 35.77
N ASN A 2095 -25.69 -39.96 34.66
CA ASN A 2095 -26.59 -41.12 34.60
C ASN A 2095 -26.48 -41.77 33.22
N ALA A 2096 -25.73 -42.86 33.16
CA ALA A 2096 -25.59 -43.63 31.93
C ALA A 2096 -26.92 -44.23 31.49
N GLU A 2097 -27.75 -44.66 32.44
CA GLU A 2097 -29.01 -45.28 32.08
C GLU A 2097 -30.01 -44.27 31.53
N MET A 2098 -30.05 -43.06 32.06
CA MET A 2098 -31.03 -42.13 31.52
C MET A 2098 -30.57 -41.54 30.19
N GLN A 2099 -29.27 -41.34 30.01
CA GLN A 2099 -28.81 -40.97 28.68
C GLN A 2099 -28.96 -42.12 27.71
N ARG A 2100 -28.97 -43.36 28.21
CA ARG A 2100 -29.33 -44.47 27.37
C ARG A 2100 -30.79 -44.41 26.99
N LYS A 2101 -31.67 -44.08 27.95
CA LYS A 2101 -33.10 -44.02 27.69
C LYS A 2101 -33.43 -42.91 26.70
N ARG A 2102 -32.70 -41.81 26.81
CA ARG A 2102 -32.89 -40.63 25.97
C ARG A 2102 -32.69 -40.96 24.49
N GLU A 2103 -31.90 -41.98 24.21
CA GLU A 2103 -31.66 -42.41 22.84
C GLU A 2103 -32.43 -43.65 22.45
N ASP A 2104 -32.59 -44.59 23.39
CA ASP A 2104 -33.24 -45.84 23.04
C ASP A 2104 -34.73 -45.66 22.84
N LEU A 2105 -35.33 -44.67 23.51
CA LEU A 2105 -36.73 -44.35 23.30
C LEU A 2105 -37.02 -44.04 21.84
N ILE A 2106 -36.30 -43.06 21.29
CA ILE A 2106 -36.58 -42.63 19.92
C ILE A 2106 -36.12 -43.67 18.91
N LYS A 2107 -35.00 -44.37 19.17
CA LYS A 2107 -34.54 -45.32 18.17
C LYS A 2107 -35.39 -46.59 18.14
N LEU A 2108 -35.85 -47.05 19.30
CA LEU A 2108 -36.78 -48.17 19.33
C LEU A 2108 -38.13 -47.79 18.77
N ASN A 2109 -38.54 -46.53 18.98
CA ASN A 2109 -39.77 -46.03 18.37
C ASN A 2109 -39.70 -46.06 16.85
N THR A 2110 -38.58 -45.61 16.28
CA THR A 2110 -38.46 -45.58 14.83
C THR A 2110 -38.48 -46.99 14.24
N GLU A 2111 -37.65 -47.88 14.79
CA GLU A 2111 -37.63 -49.24 14.25
C GLU A 2111 -38.92 -49.99 14.50
N TYR A 2112 -39.59 -49.72 15.62
CA TYR A 2112 -40.86 -50.39 15.89
C TYR A 2112 -41.97 -49.90 14.98
N LYS A 2113 -42.01 -48.59 14.66
CA LYS A 2113 -43.05 -48.12 13.77
C LYS A 2113 -42.82 -48.60 12.35
N LEU A 2114 -41.57 -48.66 11.94
CA LEU A 2114 -41.27 -49.20 10.62
C LEU A 2114 -41.61 -50.68 10.54
N LYS A 2115 -41.25 -51.46 11.56
CA LYS A 2115 -41.59 -52.88 11.55
C LYS A 2115 -43.09 -53.10 11.71
N LEU A 2116 -43.78 -52.16 12.34
CA LEU A 2116 -45.22 -52.25 12.43
C LEU A 2116 -45.87 -52.04 11.08
N LYS A 2117 -45.38 -51.05 10.32
CA LYS A 2117 -45.87 -50.85 8.96
C LYS A 2117 -45.57 -52.05 8.07
N ASN A 2118 -44.39 -52.64 8.26
CA ASN A 2118 -44.02 -53.83 7.49
C ASN A 2118 -44.93 -54.99 7.84
N LEU A 2119 -45.25 -55.15 9.12
CA LEU A 2119 -46.15 -56.20 9.53
C LEU A 2119 -47.55 -55.96 9.01
N GLU A 2120 -47.97 -54.70 8.93
CA GLU A 2120 -49.30 -54.39 8.43
C GLU A 2120 -49.41 -54.68 6.93
N LYS A 2121 -48.39 -54.32 6.15
CA LYS A 2121 -48.45 -54.64 4.72
C LYS A 2121 -48.30 -56.14 4.49
N ARG A 2122 -47.54 -56.84 5.33
CA ARG A 2122 -47.43 -58.29 5.22
C ARG A 2122 -48.75 -58.96 5.56
N LEU A 2123 -49.45 -58.45 6.56
CA LEU A 2123 -50.79 -58.95 6.88
C LEU A 2123 -51.77 -58.58 5.79
N LEU A 2124 -51.52 -57.49 5.07
CA LEU A 2124 -52.37 -57.12 3.95
C LEU A 2124 -52.25 -58.13 2.81
N GLU A 2125 -51.03 -58.52 2.47
CA GLU A 2125 -50.85 -59.54 1.45
C GLU A 2125 -51.16 -60.92 2.02
N THR A 2143 -50.64 -63.84 13.10
CA THR A 2143 -49.65 -62.79 13.27
C THR A 2143 -50.23 -61.60 14.01
N LEU A 2144 -51.56 -61.62 14.18
CA LEU A 2144 -52.24 -60.56 14.93
C LEU A 2144 -51.81 -60.54 16.39
N ASN A 2145 -51.36 -61.68 16.91
CA ASN A 2145 -50.89 -61.75 18.28
C ASN A 2145 -49.63 -60.92 18.48
N ASN A 2146 -48.60 -61.17 17.67
CA ASN A 2146 -47.38 -60.38 17.75
C ASN A 2146 -47.61 -58.96 17.29
N LEU A 2147 -48.60 -58.76 16.40
CA LEU A 2147 -49.04 -57.42 16.04
C LEU A 2147 -49.54 -56.65 17.25
N LYS A 2148 -50.42 -57.28 18.03
CA LYS A 2148 -50.94 -56.65 19.24
C LYS A 2148 -49.85 -56.44 20.28
N LYS A 2149 -48.91 -57.37 20.37
CA LYS A 2149 -47.86 -57.25 21.36
C LYS A 2149 -46.89 -56.13 21.04
N GLU A 2150 -46.49 -56.01 19.77
CA GLU A 2150 -45.62 -54.91 19.40
C GLU A 2150 -46.38 -53.59 19.43
N ALA A 2151 -47.69 -53.61 19.19
CA ALA A 2151 -48.46 -52.39 19.36
C ALA A 2151 -48.54 -51.96 20.82
N MET A 2152 -48.67 -52.92 21.73
CA MET A 2152 -48.66 -52.60 23.15
C MET A 2152 -47.28 -52.11 23.58
N ASN A 2153 -46.23 -52.67 22.99
CA ASN A 2153 -44.88 -52.21 23.27
C ASN A 2153 -44.69 -50.78 22.78
N ILE A 2154 -45.21 -50.48 21.60
CA ILE A 2154 -45.16 -49.12 21.07
C ILE A 2154 -45.93 -48.17 21.98
N GLU A 2155 -47.11 -48.59 22.45
CA GLU A 2155 -47.88 -47.73 23.33
C GLU A 2155 -47.16 -47.49 24.66
N LYS A 2156 -46.47 -48.51 25.18
CA LYS A 2156 -45.81 -48.29 26.46
C LYS A 2156 -44.61 -47.38 26.27
N LYS A 2157 -43.82 -47.59 25.20
CA LYS A 2157 -42.69 -46.68 24.99
C LYS A 2157 -43.16 -45.30 24.52
N LEU A 2158 -44.21 -44.77 25.10
CA LEU A 2158 -44.77 -43.49 24.76
C LEU A 2158 -45.27 -43.06 26.10
N SER A 2159 -46.26 -43.82 26.60
CA SER A 2159 -46.78 -43.58 27.94
C SER A 2159 -45.65 -43.29 28.94
N GLU A 2160 -44.50 -43.99 28.80
CA GLU A 2160 -43.40 -43.66 29.67
C GLU A 2160 -42.63 -42.43 29.21
N SER A 2161 -42.83 -41.97 27.97
CA SER A 2161 -42.28 -40.71 27.48
C SER A 2161 -43.13 -39.53 27.91
N GLU A 2162 -44.23 -39.79 28.60
CA GLU A 2162 -45.07 -38.65 28.99
C GLU A 2162 -44.40 -37.85 30.10
N GLU A 2163 -44.16 -38.48 31.26
CA GLU A 2163 -43.57 -37.74 32.36
C GLU A 2163 -42.05 -37.65 32.25
N PHE A 2164 -41.45 -38.36 31.30
CA PHE A 2164 -40.00 -38.34 31.16
C PHE A 2164 -39.50 -37.00 30.66
N PHE A 2165 -40.20 -36.41 29.70
CA PHE A 2165 -39.75 -35.13 29.12
C PHE A 2165 -39.78 -33.95 30.08
N PRO A 2166 -40.86 -33.67 30.83
CA PRO A 2166 -40.76 -32.50 31.72
C PRO A 2166 -39.80 -32.69 32.87
N GLN A 2167 -39.57 -33.93 33.30
CA GLN A 2167 -38.52 -34.18 34.28
C GLN A 2167 -37.15 -34.21 33.63
N PHE A 2168 -37.08 -34.46 32.33
CA PHE A 2168 -35.80 -34.43 31.67
C PHE A 2168 -35.33 -33.01 31.50
N ASP A 2169 -36.12 -32.19 30.80
CA ASP A 2169 -35.72 -30.82 30.52
C ASP A 2169 -35.76 -29.93 31.76
N ASN A 2170 -36.53 -30.30 32.81
CA ASN A 2170 -36.38 -29.49 34.03
C ASN A 2170 -34.99 -29.65 34.61
N LEU A 2171 -34.35 -30.80 34.38
CA LEU A 2171 -32.96 -30.95 34.75
C LEU A 2171 -32.22 -30.36 33.57
N VAL A 2172 -31.25 -29.48 33.84
CA VAL A 2172 -30.21 -28.83 33.03
C VAL A 2172 -29.95 -27.44 33.56
N GLU A 2173 -30.74 -26.98 34.54
CA GLU A 2173 -30.49 -25.61 35.00
C GLU A 2173 -29.14 -25.52 35.69
N GLU A 2174 -28.73 -26.66 36.26
CA GLU A 2174 -27.39 -26.91 36.79
C GLU A 2174 -26.40 -26.78 35.64
N TYR A 2175 -26.85 -27.16 34.47
CA TYR A 2175 -25.99 -27.13 33.32
C TYR A 2175 -26.05 -25.78 32.63
N SER A 2176 -27.08 -24.99 32.86
CA SER A 2176 -27.01 -23.67 32.24
C SER A 2176 -26.03 -22.80 33.01
N ILE A 2177 -26.08 -22.83 34.34
CA ILE A 2177 -25.03 -22.19 35.10
C ILE A 2177 -23.65 -22.79 34.82
N ILE A 2178 -23.56 -24.10 34.52
CA ILE A 2178 -22.28 -24.65 34.06
C ILE A 2178 -21.84 -24.07 32.72
N GLY A 2179 -22.77 -23.96 31.78
CA GLY A 2179 -22.43 -23.60 30.43
C GLY A 2179 -22.02 -22.16 30.28
N LYS A 2180 -22.79 -21.26 30.92
CA LYS A 2180 -22.47 -19.84 30.90
C LYS A 2180 -21.09 -19.54 31.47
N HIS A 2181 -20.60 -20.38 32.36
CA HIS A 2181 -19.22 -20.21 32.79
C HIS A 2181 -18.25 -20.87 31.84
N SER A 2182 -18.65 -22.00 31.25
CA SER A 2182 -17.75 -22.72 30.36
C SER A 2182 -17.42 -21.94 29.09
N VAL A 2183 -18.43 -21.38 28.44
CA VAL A 2183 -18.19 -20.59 27.25
C VAL A 2183 -17.39 -19.32 27.54
N LYS A 2184 -17.48 -18.80 28.76
CA LYS A 2184 -16.68 -17.64 29.11
C LYS A 2184 -15.24 -18.00 29.38
N ILE A 2185 -15.01 -19.17 29.94
CA ILE A 2185 -13.67 -19.62 30.19
C ILE A 2185 -12.94 -19.88 28.88
N PHE A 2186 -13.61 -20.59 27.97
CA PHE A 2186 -13.02 -20.83 26.66
C PHE A 2186 -12.78 -19.54 25.90
N SER A 2187 -13.65 -18.55 26.05
CA SER A 2187 -13.43 -17.29 25.37
C SER A 2187 -12.22 -16.54 25.94
N MET A 2188 -12.03 -16.56 27.24
CA MET A 2188 -10.84 -15.95 27.83
C MET A 2188 -9.56 -16.61 27.34
N LEU A 2189 -9.56 -17.95 27.24
CA LEU A 2189 -8.36 -18.60 26.71
C LEU A 2189 -8.17 -18.33 25.23
N GLU A 2190 -9.25 -18.06 24.54
CA GLU A 2190 -9.13 -17.69 23.14
C GLU A 2190 -8.53 -16.30 22.98
N LYS A 2191 -8.92 -15.36 23.85
CA LYS A 2191 -8.28 -14.05 23.79
C LYS A 2191 -6.81 -14.10 24.17
N PHE A 2192 -6.42 -15.05 25.01
CA PHE A 2192 -4.99 -15.28 25.18
C PHE A 2192 -4.36 -15.85 23.94
N GLY A 2193 -5.13 -16.58 23.14
CA GLY A 2193 -4.60 -17.10 21.90
C GLY A 2193 -4.48 -16.08 20.79
N GLN A 2194 -5.38 -15.12 20.73
CA GLN A 2194 -5.17 -14.04 19.78
C GLN A 2194 -4.08 -13.10 20.24
N PHE A 2195 -3.80 -13.03 21.53
CA PHE A 2195 -2.76 -12.09 21.98
C PHE A 2195 -1.37 -12.53 21.54
N HIS A 2196 -1.03 -13.78 21.74
CA HIS A 2196 0.28 -14.29 21.38
C HIS A 2196 0.15 -15.61 20.66
N TRP A 2197 1.05 -15.83 19.69
CA TRP A 2197 0.96 -17.00 18.83
C TRP A 2197 1.21 -18.28 19.60
N PHE A 2198 2.02 -18.20 20.65
CA PHE A 2198 2.32 -19.40 21.44
C PHE A 2198 1.15 -19.82 22.30
N TYR A 2199 0.29 -18.90 22.67
CA TYR A 2199 -0.77 -19.25 23.62
C TYR A 2199 -2.02 -19.79 22.93
N GLY A 2200 -1.86 -20.74 22.08
CA GLY A 2200 -3.00 -21.26 21.36
C GLY A 2200 -3.69 -22.36 22.12
N ILE A 2201 -4.97 -22.54 21.80
CA ILE A 2201 -5.78 -23.59 22.42
C ILE A 2201 -6.86 -24.02 21.44
N SER A 2202 -7.13 -25.31 21.40
CA SER A 2202 -8.19 -25.85 20.59
C SER A 2202 -9.32 -26.30 21.48
N ILE A 2203 -10.44 -26.66 20.85
CA ILE A 2203 -11.57 -27.10 21.65
C ILE A 2203 -11.43 -28.55 22.09
N GLY A 2204 -10.66 -29.35 21.35
CA GLY A 2204 -10.47 -30.75 21.70
C GLY A 2204 -9.75 -30.86 23.01
N GLN A 2205 -8.80 -29.96 23.24
CA GLN A 2205 -8.08 -29.93 24.48
C GLN A 2205 -8.98 -29.44 25.61
N PHE A 2206 -9.96 -28.60 25.30
CA PHE A 2206 -10.88 -28.16 26.34
C PHE A 2206 -11.77 -29.29 26.81
N LEU A 2207 -12.20 -30.13 25.89
CA LEU A 2207 -13.02 -31.26 26.33
C LEU A 2207 -12.19 -32.33 27.01
N SER A 2208 -10.94 -32.50 26.59
CA SER A 2208 -10.11 -33.50 27.25
C SER A 2208 -9.82 -33.06 28.68
N CYS A 2209 -9.60 -31.77 28.89
CA CYS A 2209 -9.44 -31.28 30.25
C CYS A 2209 -10.75 -31.33 31.01
N PHE A 2210 -11.87 -31.17 30.31
CA PHE A 2210 -13.16 -31.30 30.97
C PHE A 2210 -13.46 -32.71 31.43
N LYS A 2211 -12.93 -33.72 30.75
CA LYS A 2211 -13.22 -35.07 31.22
C LYS A 2211 -12.54 -35.39 32.53
N ARG A 2212 -11.47 -34.69 32.85
CA ARG A 2212 -10.74 -34.95 34.07
C ARG A 2212 -11.49 -34.52 35.32
N VAL A 2213 -12.52 -33.68 35.20
CA VAL A 2213 -13.14 -33.16 36.42
C VAL A 2213 -13.83 -34.26 37.20
N PHE A 2214 -14.32 -35.29 36.55
CA PHE A 2214 -15.05 -36.31 37.28
C PHE A 2214 -14.12 -37.20 38.08
N ILE A 2215 -13.17 -37.84 37.42
CA ILE A 2215 -12.24 -38.72 38.10
C ILE A 2215 -11.03 -37.93 38.62
N THR A 2226 -26.38 -29.53 45.37
CA THR A 2226 -25.07 -28.89 45.43
C THR A 2226 -24.05 -29.59 44.54
N ARG A 2227 -24.51 -30.55 43.74
CA ARG A 2227 -23.63 -31.28 42.83
C ARG A 2227 -23.03 -30.33 41.81
N VAL A 2228 -23.83 -29.36 41.38
CA VAL A 2228 -23.37 -28.35 40.43
C VAL A 2228 -22.37 -27.43 41.12
N ASP A 2229 -22.66 -27.06 42.38
CA ASP A 2229 -21.82 -26.15 43.14
C ASP A 2229 -20.44 -26.76 43.40
N GLU A 2230 -20.34 -28.07 43.36
CA GLU A 2230 -19.06 -28.74 43.56
C GLU A 2230 -18.33 -28.90 42.25
N ILE A 2231 -19.04 -29.41 41.23
CA ILE A 2231 -18.38 -29.72 39.97
C ILE A 2231 -17.95 -28.45 39.25
N LEU A 2232 -18.63 -27.33 39.48
CA LEU A 2232 -18.21 -26.08 38.88
C LEU A 2232 -16.89 -25.59 39.49
N TRP A 2233 -16.78 -25.68 40.81
CA TRP A 2233 -15.56 -25.26 41.48
C TRP A 2233 -14.39 -26.15 41.15
N LEU A 2234 -14.64 -27.44 41.03
CA LEU A 2234 -13.54 -28.33 40.68
C LEU A 2234 -13.14 -28.12 39.23
N LEU A 2235 -14.06 -27.64 38.40
CA LEU A 2235 -13.70 -27.33 37.02
C LEU A 2235 -12.80 -26.10 36.94
N TYR A 2236 -13.11 -25.08 37.73
CA TYR A 2236 -12.21 -23.92 37.78
C TYR A 2236 -10.83 -24.32 38.25
N GLN A 2237 -10.79 -25.26 39.20
CA GLN A 2237 -9.52 -25.73 39.72
C GLN A 2237 -8.77 -26.51 38.66
N GLU A 2238 -9.50 -27.27 37.84
CA GLU A 2238 -8.85 -28.08 36.81
C GLU A 2238 -8.34 -27.23 35.66
N VAL A 2239 -9.07 -26.18 35.31
CA VAL A 2239 -8.63 -25.31 34.22
C VAL A 2239 -7.35 -24.60 34.63
N TYR A 2240 -7.32 -24.08 35.85
CA TYR A 2240 -6.09 -23.41 36.28
C TYR A 2240 -4.96 -24.39 36.51
N CYS A 2241 -5.28 -25.64 36.83
CA CYS A 2241 -4.21 -26.59 37.03
C CYS A 2241 -3.59 -27.00 35.70
N GLN A 2242 -4.38 -27.02 34.64
CA GLN A 2242 -3.83 -27.52 33.38
C GLN A 2242 -3.28 -26.43 32.49
N PHE A 2243 -4.01 -25.36 32.24
CA PHE A 2243 -3.53 -24.44 31.22
C PHE A 2243 -2.56 -23.40 31.74
N SER A 2244 -2.28 -23.36 33.03
CA SER A 2244 -1.36 -22.33 33.49
C SER A 2244 0.08 -22.63 33.15
N THR A 2245 0.42 -23.91 32.98
CA THR A 2245 1.81 -24.27 32.71
C THR A 2245 2.30 -23.75 31.37
N ALA A 2246 1.40 -23.54 30.42
CA ALA A 2246 1.77 -23.08 29.09
C ALA A 2246 1.82 -21.57 29.00
N LEU A 2247 1.66 -20.87 30.11
CA LEU A 2247 1.64 -19.43 30.12
C LEU A 2247 2.73 -18.89 31.01
N ASP A 2248 3.16 -17.65 30.75
CA ASP A 2248 4.18 -17.06 31.57
C ASP A 2248 3.55 -16.42 32.81
N LYS A 2249 4.41 -15.98 33.72
CA LYS A 2249 3.98 -15.50 35.05
C LYS A 2249 2.96 -14.38 34.98
N LYS A 2250 3.14 -13.46 34.05
CA LYS A 2250 2.22 -12.33 33.91
C LYS A 2250 0.84 -12.82 33.51
N PHE A 2251 0.78 -13.68 32.51
CA PHE A 2251 -0.52 -14.19 32.10
C PHE A 2251 -1.06 -15.20 33.09
N LYS A 2252 -0.19 -15.78 33.91
CA LYS A 2252 -0.67 -16.62 34.99
C LYS A 2252 -1.46 -15.80 35.99
N MET A 2253 -0.94 -14.64 36.38
CA MET A 2253 -1.68 -13.82 37.33
C MET A 2253 -2.91 -13.19 36.71
N ILE A 2254 -2.86 -12.93 35.40
CA ILE A 2254 -4.06 -12.42 34.73
C ILE A 2254 -5.17 -13.45 34.72
N MET A 2255 -4.83 -14.69 34.38
CA MET A 2255 -5.84 -15.74 34.36
C MET A 2255 -6.36 -16.06 35.74
N ALA A 2256 -5.48 -15.97 36.76
CA ALA A 2256 -5.90 -16.27 38.13
C ALA A 2256 -6.89 -15.25 38.65
N MET A 2257 -6.59 -13.96 38.42
CA MET A 2257 -7.48 -12.93 38.93
C MET A 2257 -8.79 -12.96 38.15
N THR A 2258 -8.70 -13.01 36.82
CA THR A 2258 -9.87 -13.02 35.97
C THR A 2258 -10.78 -14.18 36.40
N MET A 2259 -10.39 -15.44 36.10
CA MET A 2259 -11.17 -16.61 36.53
C MET A 2259 -11.75 -16.51 37.95
N PHE A 2260 -10.99 -15.89 38.87
CA PHE A 2260 -11.52 -15.68 40.21
C PHE A 2260 -12.70 -14.73 40.20
N CYS A 2261 -12.65 -13.74 39.31
CA CYS A 2261 -13.78 -12.83 39.19
C CYS A 2261 -14.98 -13.53 38.57
N LEU A 2262 -14.73 -14.36 37.54
CA LEU A 2262 -15.82 -15.08 36.90
C LEU A 2262 -16.48 -16.07 37.83
N TYR A 2263 -15.74 -16.57 38.80
CA TYR A 2263 -16.38 -17.48 39.73
C TYR A 2263 -17.13 -16.70 40.81
N LYS A 2264 -16.48 -15.69 41.39
CA LYS A 2264 -17.05 -15.02 42.54
C LYS A 2264 -18.16 -14.03 42.23
N PHE A 2265 -18.26 -13.53 41.00
CA PHE A 2265 -19.30 -12.54 40.73
C PHE A 2265 -20.67 -13.18 40.70
N ASP A 2266 -20.77 -14.43 40.27
CA ASP A 2266 -22.08 -15.05 40.17
C ASP A 2266 -22.54 -15.63 41.50
N ILE A 2267 -21.61 -16.06 42.34
CA ILE A 2267 -22.02 -16.70 43.58
C ILE A 2267 -22.33 -15.64 44.64
N GLU A 2268 -21.38 -14.73 44.89
CA GLU A 2268 -21.56 -13.71 45.91
C GLU A 2268 -22.41 -12.56 45.38
N SER A 2269 -22.68 -11.58 46.26
CA SER A 2269 -23.56 -10.47 45.94
C SER A 2269 -22.86 -9.38 45.14
N GLU A 2270 -23.61 -8.31 44.89
CA GLU A 2270 -23.09 -7.21 44.10
C GLU A 2270 -22.07 -6.41 44.90
N GLN A 2271 -22.22 -6.38 46.23
CA GLN A 2271 -21.31 -5.63 47.09
C GLN A 2271 -19.90 -6.21 46.99
N TYR A 2272 -19.83 -7.52 46.82
CA TYR A 2272 -18.56 -8.20 46.67
C TYR A 2272 -17.94 -7.79 45.34
N LYS A 2273 -18.79 -7.65 44.32
CA LYS A 2273 -18.35 -7.26 42.99
C LYS A 2273 -17.85 -5.82 42.99
N GLU A 2274 -18.58 -4.95 43.66
CA GLU A 2274 -18.22 -3.54 43.73
C GLU A 2274 -16.93 -3.34 44.51
N ALA A 2275 -16.71 -4.16 45.54
CA ALA A 2275 -15.49 -4.04 46.35
C ALA A 2275 -14.30 -4.55 45.56
N VAL A 2276 -14.48 -5.62 44.81
CA VAL A 2276 -13.37 -6.16 44.04
C VAL A 2276 -13.07 -5.23 42.87
N LEU A 2277 -14.11 -4.66 42.25
CA LEU A 2277 -13.88 -3.75 41.15
C LEU A 2277 -13.19 -2.47 41.61
N THR A 2278 -13.53 -1.95 42.79
CA THR A 2278 -12.81 -0.77 43.23
C THR A 2278 -11.40 -1.09 43.70
N MET A 2279 -11.16 -2.30 44.17
CA MET A 2279 -9.78 -2.59 44.54
C MET A 2279 -8.91 -2.84 43.32
N ILE A 2280 -9.44 -3.47 42.28
CA ILE A 2280 -8.73 -3.55 41.01
C ILE A 2280 -8.52 -2.17 40.40
N GLY A 2281 -9.48 -1.26 40.56
CA GLY A 2281 -9.19 0.07 40.08
C GLY A 2281 -8.22 0.86 40.93
N VAL A 2282 -7.92 0.39 42.14
CA VAL A 2282 -6.83 1.02 42.88
C VAL A 2282 -5.48 0.40 42.54
N LEU A 2283 -5.44 -0.92 42.27
CA LEU A 2283 -4.22 -1.53 41.73
C LEU A 2283 -3.84 -0.93 40.39
N SER A 2284 -4.81 -0.79 39.50
CA SER A 2284 -4.64 0.01 38.30
C SER A 2284 -4.83 1.48 38.66
N GLU A 2285 -4.98 2.31 37.64
CA GLU A 2285 -5.17 3.74 37.80
C GLU A 2285 -6.44 4.19 37.09
N SER A 2286 -7.41 3.28 36.97
CA SER A 2286 -8.66 3.62 36.32
C SER A 2286 -9.48 4.52 37.22
N SER A 2287 -9.89 4.01 38.37
CA SER A 2287 -10.76 4.75 39.28
C SER A 2287 -10.28 4.41 40.68
N ASP A 2288 -9.89 5.41 41.46
CA ASP A 2288 -9.44 5.16 42.83
C ASP A 2288 -10.47 5.65 43.84
N GLY A 2289 -11.04 4.72 44.58
CA GLY A 2289 -11.97 5.06 45.64
C GLY A 2289 -11.71 4.18 46.82
N VAL A 2290 -12.07 4.67 48.00
CA VAL A 2290 -11.91 3.83 49.18
C VAL A 2290 -13.28 3.65 49.85
N PRO A 2291 -14.12 2.74 49.33
CA PRO A 2291 -15.44 2.52 49.92
C PRO A 2291 -15.31 1.73 51.21
N LYS A 2292 -16.45 1.50 51.85
CA LYS A 2292 -16.47 0.61 53.00
C LYS A 2292 -16.14 -0.78 52.48
N LEU A 2293 -15.42 -1.56 53.27
CA LEU A 2293 -14.95 -2.86 52.81
C LEU A 2293 -16.11 -3.80 52.48
N THR A 2294 -17.12 -3.85 53.36
CA THR A 2294 -18.41 -4.56 53.36
C THR A 2294 -18.64 -4.61 54.87
N VAL A 2295 -19.59 -5.37 55.36
CA VAL A 2295 -19.81 -5.47 56.80
C VAL A 2295 -19.50 -6.90 57.20
N ASP A 2296 -18.57 -7.06 58.16
CA ASP A 2296 -18.12 -8.36 58.67
C ASP A 2296 -17.57 -9.28 57.57
N THR A 2297 -16.97 -8.68 56.55
CA THR A 2297 -16.33 -9.41 55.46
C THR A 2297 -14.82 -9.30 55.58
N ASN A 2298 -14.35 -8.76 56.71
CA ASN A 2298 -12.93 -8.51 56.96
C ASN A 2298 -12.12 -9.80 56.87
N ASP A 2299 -12.67 -10.90 57.36
CA ASP A 2299 -11.98 -12.17 57.23
C ASP A 2299 -11.87 -12.60 55.77
N ASP A 2300 -12.94 -12.46 54.98
CA ASP A 2300 -12.89 -12.89 53.58
C ASP A 2300 -11.94 -12.02 52.76
N LEU A 2301 -11.88 -10.74 53.08
CA LEU A 2301 -11.11 -9.75 52.33
C LEU A 2301 -10.33 -8.92 53.32
N ARG A 2302 -10.26 -7.63 53.03
CA ARG A 2302 -9.49 -6.59 53.71
C ARG A 2302 -8.00 -6.84 53.73
N TYR A 2303 -7.56 -7.96 53.20
CA TYR A 2303 -6.16 -8.29 53.13
C TYR A 2303 -5.52 -7.71 51.90
N LEU A 2304 -6.24 -7.75 50.78
CA LEU A 2304 -5.75 -7.05 49.60
C LEU A 2304 -5.79 -5.55 49.83
N TRP A 2305 -6.76 -5.07 50.59
CA TRP A 2305 -6.79 -3.66 50.93
C TRP A 2305 -5.63 -3.32 51.84
N ASP A 2306 -5.29 -4.24 52.74
CA ASP A 2306 -4.15 -4.10 53.62
C ASP A 2306 -2.85 -4.10 52.84
N TYR A 2307 -2.80 -4.86 51.76
CA TYR A 2307 -1.63 -4.85 50.89
C TYR A 2307 -1.63 -3.59 50.04
N VAL A 2308 -2.81 -3.03 49.82
CA VAL A 2308 -2.91 -1.81 49.05
C VAL A 2308 -2.40 -0.64 49.87
N THR A 2309 -2.81 -0.55 51.14
CA THR A 2309 -2.36 0.61 51.91
C THR A 2309 -0.87 0.57 52.17
N THR A 2310 -0.24 -0.60 52.14
CA THR A 2310 1.19 -0.70 52.30
C THR A 2310 1.92 -0.59 50.97
N LYS A 2311 1.17 -0.49 49.87
CA LYS A 2311 1.67 -0.38 48.49
C LYS A 2311 2.57 -1.57 48.12
N SER A 2312 2.15 -2.76 48.51
CA SER A 2312 2.86 -4.00 48.21
C SER A 2312 2.05 -4.76 47.17
N TYR A 2313 2.70 -5.16 46.09
CA TYR A 2313 2.01 -5.71 44.93
C TYR A 2313 2.17 -7.21 44.76
N ILE A 2314 3.25 -7.78 45.26
CA ILE A 2314 3.50 -9.20 45.06
C ILE A 2314 2.58 -10.05 45.92
N SER A 2315 2.36 -9.64 47.16
CA SER A 2315 1.46 -10.39 48.02
C SER A 2315 0.02 -10.25 47.54
N ALA A 2316 -0.32 -9.07 47.03
CA ALA A 2316 -1.68 -8.87 46.56
C ALA A 2316 -1.95 -9.63 45.29
N LEU A 2317 -0.94 -9.76 44.43
CA LEU A 2317 -1.13 -10.52 43.22
C LEU A 2317 -1.08 -12.01 43.48
N ASN A 2318 -0.35 -12.44 44.50
CA ASN A 2318 -0.31 -13.86 44.79
C ASN A 2318 -1.47 -14.31 45.65
N TRP A 2319 -2.25 -13.39 46.21
CA TRP A 2319 -3.40 -13.78 47.01
C TRP A 2319 -4.44 -14.50 46.17
N PHE A 2320 -4.61 -14.06 44.93
CA PHE A 2320 -5.54 -14.73 44.03
C PHE A 2320 -5.07 -16.13 43.69
N LYS A 2321 -3.76 -16.35 43.69
CA LYS A 2321 -3.21 -17.68 43.46
C LYS A 2321 -3.36 -18.55 44.69
N ASN A 2322 -3.15 -17.98 45.87
CA ASN A 2322 -3.30 -18.78 47.08
C ASN A 2322 -4.76 -19.15 47.29
N GLU A 2323 -5.67 -18.38 46.73
CA GLU A 2323 -7.09 -18.68 46.79
C GLU A 2323 -7.48 -19.93 46.01
N PHE A 2324 -6.81 -20.24 44.90
CA PHE A 2324 -7.18 -21.43 44.14
C PHE A 2324 -7.00 -22.74 44.88
N PHE A 2325 -6.00 -22.80 45.75
CA PHE A 2325 -5.60 -23.98 46.49
C PHE A 2325 -5.33 -25.11 45.49
N VAL A 2326 -4.42 -24.85 44.59
CA VAL A 2326 -4.08 -25.79 43.53
C VAL A 2326 -2.58 -25.95 43.56
N ASP A 2327 -2.13 -27.18 43.64
CA ASP A 2327 -0.70 -27.41 43.50
C ASP A 2327 -0.23 -27.02 42.11
N GLU A 2328 0.58 -25.98 42.04
CA GLU A 2328 1.05 -25.47 40.76
C GLU A 2328 1.88 -26.53 40.05
N TRP A 2329 1.41 -26.96 38.90
CA TRP A 2329 2.06 -28.06 38.21
C TRP A 2329 3.43 -27.67 37.67
N ASN A 2330 4.43 -28.39 38.14
CA ASN A 2330 5.76 -28.28 37.63
C ASN A 2330 5.83 -28.96 36.27
N ILE A 2331 6.89 -28.64 35.53
CA ILE A 2331 7.11 -29.24 34.22
C ILE A 2331 7.25 -30.74 34.36
N ALA A 2332 7.78 -31.19 35.50
CA ALA A 2332 7.85 -32.61 35.75
C ALA A 2332 6.45 -33.18 35.89
N ASP A 2333 5.54 -32.41 36.47
CA ASP A 2333 4.19 -32.91 36.66
C ASP A 2333 3.44 -33.02 35.34
N VAL A 2334 3.64 -32.07 34.44
CA VAL A 2334 2.95 -32.14 33.16
C VAL A 2334 3.55 -33.23 32.28
N VAL A 2335 4.87 -33.38 32.28
CA VAL A 2335 5.45 -34.42 31.45
C VAL A 2335 5.08 -35.79 31.99
N ALA A 2336 5.01 -35.94 33.30
CA ALA A 2336 4.61 -37.24 33.84
C ALA A 2336 3.12 -37.50 33.58
N ASN A 2337 2.28 -36.49 33.79
CA ASN A 2337 0.84 -36.67 33.68
C ASN A 2337 0.36 -36.85 32.25
N SER A 2338 0.76 -35.94 31.36
CA SER A 2338 0.26 -36.01 30.00
C SER A 2338 0.86 -37.20 29.26
N GLU A 2339 0.10 -37.72 28.30
CA GLU A 2339 0.55 -38.86 27.53
C GLU A 2339 0.66 -38.36 26.09
N ASN A 2340 1.83 -37.82 25.79
CA ASN A 2340 2.17 -37.29 24.49
C ASN A 2340 3.66 -37.43 24.29
N ASN A 2341 4.10 -37.35 23.04
CA ASN A 2341 5.51 -37.52 22.75
C ASN A 2341 6.20 -36.23 22.34
N TYR A 2342 5.47 -35.13 22.17
CA TYR A 2342 6.09 -33.90 21.73
C TYR A 2342 5.81 -32.76 22.70
N PHE A 2343 6.86 -32.03 23.06
CA PHE A 2343 6.77 -30.93 23.99
C PHE A 2343 7.71 -29.83 23.52
N THR A 2344 7.24 -28.59 23.60
CA THR A 2344 8.03 -27.43 23.22
C THR A 2344 8.07 -26.45 24.38
N MET A 2345 9.25 -26.17 24.90
CA MET A 2345 9.34 -25.22 25.99
C MET A 2345 10.05 -23.98 25.46
N ALA A 2346 9.25 -22.98 25.16
CA ALA A 2346 9.81 -21.74 24.69
C ALA A 2346 10.13 -20.87 25.88
N SER A 2347 11.14 -20.04 25.73
CA SER A 2347 11.56 -19.18 26.83
C SER A 2347 12.32 -17.99 26.29
N GLU A 2348 12.54 -17.02 27.16
CA GLU A 2348 13.31 -15.87 26.75
C GLU A 2348 14.77 -16.24 26.60
N ARG A 2349 15.54 -15.32 26.03
CA ARG A 2349 16.96 -15.58 25.85
C ARG A 2349 17.73 -15.52 27.14
N ASP A 2350 17.09 -15.10 28.23
CA ASP A 2350 17.76 -15.01 29.51
C ASP A 2350 18.16 -16.37 30.04
N VAL A 2351 17.29 -17.35 29.90
CA VAL A 2351 17.52 -18.67 30.44
C VAL A 2351 17.33 -19.72 29.35
N ASP A 2352 17.62 -20.97 29.72
CA ASP A 2352 17.51 -22.14 28.87
C ASP A 2352 16.96 -23.29 29.70
N GLY A 2353 15.99 -23.99 29.15
CA GLY A 2353 15.39 -25.12 29.83
C GLY A 2353 16.15 -26.42 29.76
N THR A 2354 17.40 -26.39 29.29
CA THR A 2354 18.18 -27.61 29.18
C THR A 2354 18.54 -28.16 30.54
N PHE A 2355 19.00 -27.30 31.44
CA PHE A 2355 19.40 -27.74 32.77
C PHE A 2355 18.24 -28.33 33.54
N LYS A 2356 17.02 -27.87 33.26
CA LYS A 2356 15.88 -28.51 33.89
C LYS A 2356 15.70 -29.91 33.32
N LEU A 2357 15.97 -30.09 32.03
CA LEU A 2357 15.80 -31.43 31.47
C LEU A 2357 16.89 -32.35 31.96
N ILE A 2358 18.07 -31.83 32.27
CA ILE A 2358 19.16 -32.67 32.77
C ILE A 2358 18.73 -33.40 34.04
N GLU A 2359 18.11 -32.66 34.95
CA GLU A 2359 17.71 -33.27 36.19
C GLU A 2359 16.43 -34.06 36.00
N LEU A 2360 15.55 -33.62 35.09
CA LEU A 2360 14.26 -34.29 34.99
C LEU A 2360 14.41 -35.63 34.27
N ALA A 2361 15.18 -35.66 33.18
CA ALA A 2361 15.46 -36.92 32.52
C ALA A 2361 16.31 -37.82 33.38
N LYS A 2362 17.22 -37.26 34.20
CA LYS A 2362 17.92 -38.16 35.09
C LYS A 2362 17.02 -38.71 36.19
N ALA A 2363 16.07 -37.92 36.68
CA ALA A 2363 15.13 -38.44 37.68
C ALA A 2363 14.18 -39.47 37.10
N SER A 2364 13.83 -39.32 35.83
CA SER A 2364 13.04 -40.35 35.16
C SER A 2364 13.86 -41.51 34.64
N LYS A 2365 15.19 -41.40 34.71
CA LYS A 2365 16.13 -42.44 34.29
C LYS A 2365 15.88 -42.79 32.83
N GLU A 2366 15.84 -41.79 31.98
CA GLU A 2366 15.76 -41.98 30.54
C GLU A 2366 17.14 -41.74 29.94
N SER A 2367 17.27 -40.91 28.92
CA SER A 2367 18.53 -40.30 28.54
C SER A 2367 18.17 -38.91 28.05
N LEU A 2368 19.15 -38.19 27.52
CA LEU A 2368 18.80 -36.85 27.07
C LEU A 2368 19.69 -36.42 25.91
N LYS A 2369 19.30 -36.74 24.69
CA LYS A 2369 20.10 -36.29 23.57
C LYS A 2369 19.97 -34.78 23.50
N ILE A 2370 21.06 -34.09 23.18
CA ILE A 2370 21.03 -32.66 22.87
C ILE A 2370 21.57 -32.52 21.46
N ILE A 2371 20.68 -32.56 20.48
CA ILE A 2371 21.00 -32.42 19.06
C ILE A 2371 20.98 -30.96 18.63
N PRO A 2372 22.14 -30.31 18.47
CA PRO A 2372 22.15 -28.91 18.05
C PRO A 2372 21.84 -28.75 16.57
N LEU A 2373 21.00 -27.77 16.26
CA LEU A 2373 20.61 -27.49 14.89
C LEU A 2373 21.59 -26.47 14.35
N GLY A 2374 22.62 -26.95 13.65
CA GLY A 2374 23.65 -26.09 13.11
C GLY A 2374 23.62 -25.99 11.60
N SER A 2375 24.52 -26.71 10.93
CA SER A 2375 24.59 -26.63 9.49
C SER A 2375 23.82 -27.77 8.86
N ILE A 2376 23.97 -27.91 7.55
CA ILE A 2376 23.24 -28.95 6.81
C ILE A 2376 23.65 -30.33 7.29
N GLU A 2377 24.93 -30.51 7.62
CA GLU A 2377 25.36 -31.78 8.21
C GLU A 2377 24.72 -31.99 9.57
N ASN A 2378 24.55 -30.91 10.35
CA ASN A 2378 23.89 -31.05 11.63
C ASN A 2378 22.42 -31.40 11.42
N LEU A 2379 21.80 -30.85 10.39
CA LEU A 2379 20.42 -31.17 10.10
C LEU A 2379 20.26 -32.63 9.68
N ASN A 2380 21.18 -33.13 8.87
CA ASN A 2380 21.14 -34.52 8.46
C ASN A 2380 21.37 -35.45 9.64
N TYR A 2381 22.29 -35.08 10.52
CA TYR A 2381 22.53 -35.89 11.69
C TYR A 2381 21.35 -35.81 12.65
N ALA A 2382 20.65 -34.69 12.64
CA ALA A 2382 19.49 -34.53 13.49
C ALA A 2382 18.36 -35.42 13.03
N GLN A 2383 18.04 -35.40 11.74
CA GLN A 2383 16.96 -36.26 11.26
C GLN A 2383 17.33 -37.73 11.36
N GLU A 2384 18.63 -38.05 11.28
CA GLU A 2384 19.04 -39.44 11.44
C GLU A 2384 18.85 -39.88 12.89
N GLU A 2385 19.25 -39.03 13.83
CA GLU A 2385 19.10 -39.37 15.23
C GLU A 2385 17.65 -39.38 15.63
N ILE A 2386 16.82 -38.59 14.97
CA ILE A 2386 15.39 -38.62 15.27
C ILE A 2386 14.80 -39.94 14.84
N SER A 2387 15.12 -40.35 13.60
CA SER A 2387 14.56 -41.58 13.08
C SER A 2387 15.10 -42.81 13.79
N LYS A 2388 16.24 -42.68 14.48
CA LYS A 2388 16.71 -43.83 15.25
C LYS A 2388 16.25 -43.77 16.70
N SER A 2389 16.27 -42.58 17.30
CA SER A 2389 15.93 -42.40 18.71
C SER A 2389 14.47 -42.69 18.97
N LYS A 2390 13.59 -42.47 17.99
CA LYS A 2390 12.21 -42.81 18.25
C LYS A 2390 12.05 -44.31 18.35
N ILE A 2391 12.85 -45.05 17.59
CA ILE A 2391 12.80 -46.50 17.68
C ILE A 2391 13.46 -46.96 18.97
N GLU A 2392 14.59 -46.36 19.34
CA GLU A 2392 15.23 -46.77 20.58
C GLU A 2392 14.44 -46.31 21.79
N GLY A 2393 13.82 -45.15 21.71
CA GLY A 2393 13.00 -44.67 22.80
C GLY A 2393 13.64 -43.63 23.69
N GLY A 2394 14.83 -43.16 23.34
CA GLY A 2394 15.48 -42.16 24.16
C GLY A 2394 14.97 -40.75 23.90
N TRP A 2395 15.00 -39.95 24.94
CA TRP A 2395 14.55 -38.58 24.84
C TRP A 2395 15.60 -37.73 24.17
N ILE A 2396 15.15 -36.79 23.34
CA ILE A 2396 16.05 -35.95 22.59
C ILE A 2396 15.60 -34.51 22.75
N LEU A 2397 16.55 -33.61 22.56
CA LEU A 2397 16.29 -32.20 22.65
C LEU A 2397 16.80 -31.55 21.39
N LEU A 2398 16.06 -30.59 20.88
CA LEU A 2398 16.41 -29.86 19.67
C LEU A 2398 16.58 -28.41 20.08
N GLN A 2399 17.81 -27.99 20.29
CA GLN A 2399 18.02 -26.62 20.73
C GLN A 2399 17.90 -25.67 19.57
N ASN A 2400 17.21 -24.56 19.82
CA ASN A 2400 17.08 -23.44 18.91
C ASN A 2400 16.49 -23.89 17.58
N ILE A 2401 15.25 -24.35 17.65
CA ILE A 2401 14.57 -24.81 16.46
C ILE A 2401 14.17 -23.65 15.57
N GLN A 2402 14.21 -22.44 16.10
CA GLN A 2402 13.76 -21.28 15.36
C GLN A 2402 14.67 -20.97 14.19
N MET A 2403 15.98 -21.19 14.33
CA MET A 2403 16.90 -20.88 13.25
C MET A 2403 16.79 -21.83 12.06
N SER A 2404 16.46 -23.09 12.28
CA SER A 2404 16.28 -24.05 11.21
C SER A 2404 14.82 -24.28 10.87
N LEU A 2405 13.96 -23.27 11.12
CA LEU A 2405 12.53 -23.40 10.86
C LEU A 2405 12.26 -23.69 9.40
N SER A 2406 13.10 -23.19 8.51
CA SER A 2406 12.94 -23.48 7.09
C SER A 2406 13.08 -24.97 6.83
N TRP A 2407 14.01 -25.61 7.54
CA TRP A 2407 14.15 -27.05 7.43
C TRP A 2407 13.03 -27.77 8.16
N VAL A 2408 12.50 -27.11 9.19
CA VAL A 2408 11.43 -27.68 9.99
C VAL A 2408 10.17 -27.85 9.17
N LYS A 2409 9.74 -26.78 8.52
CA LYS A 2409 8.52 -26.84 7.71
C LYS A 2409 8.61 -27.84 6.57
N THR A 2410 9.82 -28.17 6.13
CA THR A 2410 9.89 -29.13 5.05
C THR A 2410 9.83 -30.54 5.59
N TYR A 2411 10.58 -30.82 6.65
CA TYR A 2411 10.72 -32.18 7.12
C TYR A 2411 10.12 -32.44 8.48
N LEU A 2412 10.45 -31.61 9.46
CA LEU A 2412 10.02 -31.90 10.82
C LEU A 2412 8.52 -31.75 10.98
N HIS A 2413 7.94 -30.79 10.26
CA HIS A 2413 6.50 -30.54 10.32
C HIS A 2413 5.74 -31.79 9.88
N LYS A 2414 6.02 -32.24 8.66
CA LYS A 2414 5.42 -33.48 8.15
C LYS A 2414 5.76 -34.67 9.03
N HIS A 2415 6.95 -34.68 9.64
CA HIS A 2415 7.34 -35.84 10.44
C HIS A 2415 6.51 -36.00 11.70
N VAL A 2416 6.37 -34.95 12.49
CA VAL A 2416 5.76 -35.10 13.80
C VAL A 2416 4.38 -34.52 13.87
N GLU A 2417 3.87 -33.98 12.77
CA GLU A 2417 2.55 -33.38 12.80
C GLU A 2417 1.50 -34.47 12.95
N GLU A 2418 1.61 -35.53 12.16
CA GLU A 2418 0.64 -36.61 12.17
C GLU A 2418 1.14 -37.70 13.11
N THR A 2419 0.29 -38.14 14.03
CA THR A 2419 0.62 -39.28 14.88
C THR A 2419 0.65 -40.57 14.08
N LYS A 2420 1.57 -41.47 14.44
CA LYS A 2420 1.71 -42.72 13.68
C LYS A 2420 1.03 -43.90 14.38
N ALA A 2421 1.49 -44.27 15.58
CA ALA A 2421 0.96 -45.43 16.29
C ALA A 2421 1.50 -45.41 17.73
N ALA A 2422 1.12 -46.43 18.51
CA ALA A 2422 1.55 -46.57 19.89
C ALA A 2422 2.98 -47.07 20.04
N GLU A 2423 3.64 -47.45 18.95
CA GLU A 2423 5.05 -47.88 18.99
C GLU A 2423 5.94 -46.77 19.52
N GLU A 2424 5.68 -45.56 19.10
CA GLU A 2424 6.43 -44.42 19.54
C GLU A 2424 5.90 -43.83 20.83
N HIS A 2425 4.66 -44.16 21.18
CA HIS A 2425 4.08 -43.57 22.38
C HIS A 2425 4.62 -44.26 23.64
N GLU A 2426 4.99 -45.53 23.53
CA GLU A 2426 5.41 -46.30 24.69
C GLU A 2426 6.79 -45.89 25.22
N LYS A 2427 7.70 -45.53 24.33
CA LYS A 2427 9.10 -45.28 24.66
C LYS A 2427 9.54 -43.86 24.37
N PHE A 2428 9.30 -43.40 23.16
CA PHE A 2428 9.83 -42.16 22.64
C PHE A 2428 9.14 -40.92 23.15
N LYS A 2429 9.95 -39.92 23.56
CA LYS A 2429 9.47 -38.58 23.87
C LYS A 2429 10.46 -37.57 23.31
N MET A 2430 9.94 -36.53 22.67
CA MET A 2430 10.76 -35.55 22.01
C MET A 2430 10.52 -34.17 22.62
N PHE A 2431 11.56 -33.36 22.69
CA PHE A 2431 11.46 -32.02 23.23
C PHE A 2431 12.05 -31.03 22.23
N MET A 2432 11.48 -29.84 22.18
CA MET A 2432 11.96 -28.81 21.27
C MET A 2432 12.12 -27.54 22.06
N THR A 2433 13.22 -26.83 21.82
CA THR A 2433 13.51 -25.59 22.50
C THR A 2433 13.24 -24.41 21.58
N CYS A 2434 12.35 -23.54 22.00
CA CYS A 2434 11.97 -22.38 21.22
C CYS A 2434 12.26 -21.11 22.01
N HIS A 2435 12.06 -19.99 21.35
CA HIS A 2435 12.24 -18.69 21.96
C HIS A 2435 10.96 -17.91 21.73
N LEU A 2436 10.49 -17.24 22.78
CA LEU A 2436 9.26 -16.46 22.68
C LEU A 2436 9.41 -15.28 21.76
N THR A 2437 10.48 -14.53 21.92
CA THR A 2437 10.74 -13.37 21.07
C THR A 2437 11.44 -13.91 19.84
N GLY A 2438 10.76 -13.85 18.70
CA GLY A 2438 11.36 -14.33 17.49
C GLY A 2438 10.28 -14.69 16.50
N ASP A 2439 10.67 -15.51 15.54
CA ASP A 2439 9.77 -15.95 14.49
C ASP A 2439 8.65 -16.84 15.01
N LYS A 2440 7.56 -16.83 14.28
CA LYS A 2440 6.35 -17.55 14.64
C LYS A 2440 6.43 -18.98 14.13
N LEU A 2441 6.10 -19.92 14.99
CA LEU A 2441 6.09 -21.31 14.57
C LEU A 2441 4.79 -21.66 13.86
N PRO A 2442 4.82 -22.70 13.01
CA PRO A 2442 3.61 -23.09 12.27
C PRO A 2442 2.49 -23.50 13.20
N ALA A 2443 1.26 -23.17 12.81
CA ALA A 2443 0.12 -23.43 13.68
C ALA A 2443 -0.20 -24.91 13.84
N PRO A 2444 -0.26 -25.75 12.79
CA PRO A 2444 -0.54 -27.17 13.05
C PRO A 2444 0.54 -27.86 13.85
N LEU A 2445 1.79 -27.47 13.64
CA LEU A 2445 2.86 -28.06 14.43
C LEU A 2445 2.79 -27.60 15.86
N LEU A 2446 2.40 -26.35 16.09
CA LEU A 2446 2.34 -25.88 17.46
C LEU A 2446 1.13 -26.44 18.18
N GLN A 2447 0.04 -26.64 17.45
CA GLN A 2447 -1.14 -27.21 18.08
C GLN A 2447 -0.94 -28.69 18.36
N ARG A 2448 -0.18 -29.40 17.53
CA ARG A 2448 0.04 -30.82 17.79
C ARG A 2448 0.81 -31.07 19.08
N THR A 2449 1.82 -30.25 19.36
CA THR A 2449 2.64 -30.50 20.51
C THR A 2449 2.18 -29.79 21.76
N ASP A 2450 2.52 -30.38 22.91
CA ASP A 2450 2.22 -29.73 24.17
C ASP A 2450 3.18 -28.55 24.34
N ARG A 2451 2.75 -27.55 25.09
CA ARG A 2451 3.50 -26.32 25.22
C ARG A 2451 3.84 -26.04 26.68
N VAL A 2452 5.10 -25.67 26.93
CA VAL A 2452 5.57 -25.25 28.25
C VAL A 2452 6.45 -24.00 28.10
N VAL A 2453 6.53 -23.21 29.17
CA VAL A 2453 7.39 -22.04 29.23
C VAL A 2453 8.24 -22.14 30.49
N TYR A 2454 9.51 -22.45 30.33
CA TYR A 2454 10.46 -22.50 31.44
C TYR A 2454 10.76 -21.09 31.93
N GLU A 2455 10.28 -20.73 33.11
CA GLU A 2455 10.43 -19.37 33.61
C GLU A 2455 11.11 -19.34 34.97
N ASP A 2456 12.06 -20.24 35.20
CA ASP A 2456 12.78 -20.30 36.47
C ASP A 2456 14.03 -19.43 36.36
N ILE A 2457 14.07 -18.35 37.13
CA ILE A 2457 15.17 -17.40 37.12
C ILE A 2457 16.11 -17.69 38.29
N PRO A 2458 17.37 -18.01 38.04
CA PRO A 2458 18.32 -18.26 39.14
C PRO A 2458 18.83 -16.97 39.77
N GLY A 2459 19.41 -17.13 40.96
CA GLY A 2459 19.94 -15.98 41.68
C GLY A 2459 21.28 -15.47 41.16
N ILE A 2460 21.65 -14.30 41.69
CA ILE A 2460 22.89 -13.65 41.31
C ILE A 2460 24.09 -14.46 41.75
N LEU A 2461 24.08 -14.87 43.01
CA LEU A 2461 25.15 -15.67 43.57
C LEU A 2461 25.21 -17.03 42.91
N ASP A 2462 24.05 -17.54 42.53
CA ASP A 2462 23.99 -18.80 41.84
C ASP A 2462 24.60 -18.70 40.47
N THR A 2463 24.36 -17.58 39.80
CA THR A 2463 24.98 -17.38 38.49
C THR A 2463 26.48 -17.17 38.61
N VAL A 2464 26.93 -16.61 39.73
CA VAL A 2464 28.36 -16.46 39.95
C VAL A 2464 29.00 -17.82 40.11
N LYS A 2465 28.36 -18.70 40.88
CA LYS A 2465 28.91 -20.04 41.05
C LYS A 2465 28.84 -20.83 39.76
N ASP A 2466 27.83 -20.56 38.94
CA ASP A 2466 27.72 -21.26 37.68
C ASP A 2466 28.77 -20.81 36.70
N LEU A 2467 29.11 -19.52 36.72
CA LEU A 2467 30.16 -19.06 35.84
C LEU A 2467 31.54 -19.44 36.35
N TRP A 2468 31.72 -19.45 37.67
CA TRP A 2468 33.01 -19.83 38.20
C TRP A 2468 33.27 -21.31 38.01
N GLY A 2469 32.21 -22.12 38.01
CA GLY A 2469 32.42 -23.54 37.86
C GLY A 2469 32.89 -23.91 36.48
N SER A 2470 32.50 -23.13 35.48
CA SER A 2470 32.90 -23.45 34.13
C SER A 2470 34.36 -23.12 33.84
N GLN A 2471 35.03 -22.37 34.72
CA GLN A 2471 36.37 -21.89 34.39
C GLN A 2471 37.45 -22.95 34.52
N PHE A 2472 37.32 -23.87 35.46
CA PHE A 2472 38.38 -24.80 35.73
C PHE A 2472 38.28 -26.06 34.88
N PHE A 2473 37.30 -26.13 33.99
CA PHE A 2473 37.22 -27.26 33.06
C PHE A 2473 38.36 -27.18 32.07
N THR A 2474 38.44 -26.07 31.35
CA THR A 2474 39.51 -25.87 30.40
C THR A 2474 40.83 -25.62 31.12
N GLY A 2475 40.79 -24.88 32.21
CA GLY A 2475 42.01 -24.61 32.93
C GLY A 2475 42.55 -23.24 32.59
N LYS A 2476 43.42 -22.75 33.48
CA LYS A 2476 44.04 -21.44 33.28
C LYS A 2476 45.55 -21.65 33.29
N ILE A 2477 46.20 -21.20 32.24
CA ILE A 2477 47.63 -21.42 32.07
C ILE A 2477 48.42 -20.13 32.08
N SER A 2478 47.77 -18.96 32.08
CA SER A 2478 48.50 -17.71 31.98
C SER A 2478 49.25 -17.42 33.27
N GLY A 2479 48.53 -17.31 34.37
CA GLY A 2479 49.16 -16.96 35.62
C GLY A 2479 48.13 -16.93 36.71
N VAL A 2480 48.61 -16.63 37.92
CA VAL A 2480 47.69 -16.63 39.03
C VAL A 2480 46.85 -15.36 39.03
N TRP A 2481 47.39 -14.29 38.45
CA TRP A 2481 46.65 -13.04 38.39
C TRP A 2481 45.49 -13.12 37.41
N SER A 2482 45.61 -13.99 36.40
CA SER A 2482 44.54 -14.14 35.43
C SER A 2482 43.32 -14.78 36.07
N VAL A 2483 43.55 -15.61 37.08
CA VAL A 2483 42.47 -16.19 37.85
C VAL A 2483 41.69 -15.10 38.58
N TYR A 2484 42.41 -14.14 39.14
CA TYR A 2484 41.76 -13.07 39.87
C TYR A 2484 40.99 -12.17 38.90
N CYS A 2485 41.56 -11.93 37.74
CA CYS A 2485 40.89 -11.13 36.72
C CYS A 2485 39.64 -11.84 36.21
N THR A 2486 39.70 -13.16 36.10
CA THR A 2486 38.54 -13.93 35.67
C THR A 2486 37.44 -13.89 36.71
N PHE A 2487 37.83 -13.88 37.98
CA PHE A 2487 36.87 -13.78 39.06
C PHE A 2487 36.15 -12.44 39.03
N LEU A 2488 36.90 -11.40 38.71
CA LEU A 2488 36.30 -10.09 38.59
C LEU A 2488 35.38 -10.02 37.38
N LEU A 2489 35.77 -10.69 36.30
CA LEU A 2489 34.91 -10.73 35.12
C LEU A 2489 33.63 -11.49 35.37
N SER A 2490 33.68 -12.53 36.19
CA SER A 2490 32.47 -13.27 36.52
C SER A 2490 31.51 -12.43 37.34
N TRP A 2491 32.03 -11.67 38.29
CA TRP A 2491 31.14 -10.80 39.04
C TRP A 2491 30.53 -9.72 38.16
N PHE A 2492 31.34 -9.19 37.25
CA PHE A 2492 30.84 -8.15 36.36
C PHE A 2492 29.75 -8.67 35.45
N HIS A 2493 29.93 -9.89 34.94
CA HIS A 2493 28.94 -10.45 34.04
C HIS A 2493 27.65 -10.77 34.78
N ALA A 2494 27.76 -11.24 36.02
CA ALA A 2494 26.54 -11.54 36.76
C ALA A 2494 25.80 -10.29 37.18
N LEU A 2495 26.51 -9.19 37.38
CA LEU A 2495 25.81 -7.97 37.76
C LEU A 2495 25.14 -7.31 36.58
N ILE A 2496 25.76 -7.36 35.41
CA ILE A 2496 25.10 -6.83 34.23
C ILE A 2496 23.89 -7.67 33.89
N THR A 2497 24.04 -8.99 33.98
CA THR A 2497 22.92 -9.88 33.73
C THR A 2497 21.81 -9.67 34.74
N ALA A 2498 22.16 -9.30 35.98
CA ALA A 2498 21.14 -9.02 36.97
C ALA A 2498 20.42 -7.73 36.62
N ARG A 2499 21.13 -6.77 36.07
CA ARG A 2499 20.50 -5.52 35.69
C ARG A 2499 19.73 -5.65 34.39
N THR A 2500 20.02 -6.69 33.63
CA THR A 2500 19.35 -6.86 32.34
C THR A 2500 17.85 -7.04 32.47
N ARG A 2501 17.38 -7.81 33.46
CA ARG A 2501 15.96 -8.11 33.54
C ARG A 2501 15.11 -6.88 33.80
N LEU A 2502 15.64 -5.92 34.55
CA LEU A 2502 14.90 -4.70 34.89
C LEU A 2502 14.90 -3.74 33.71
N VAL A 2503 13.87 -3.80 32.88
CA VAL A 2503 13.83 -2.99 31.67
C VAL A 2503 13.46 -1.51 31.87
N PRO A 2504 12.38 -1.15 32.57
CA PRO A 2504 12.08 0.30 32.70
C PRO A 2504 13.08 1.08 33.52
N HIS A 2505 13.66 0.45 34.53
CA HIS A 2505 14.61 1.08 35.45
C HIS A 2505 15.93 0.35 35.35
N GLY A 2506 17.01 1.08 35.21
CA GLY A 2506 18.25 0.38 35.03
C GLY A 2506 18.70 0.59 33.61
N PHE A 2507 18.60 -0.43 32.79
CA PHE A 2507 18.91 -0.30 31.38
C PHE A 2507 17.73 0.38 30.69
N SER A 2508 17.99 1.23 29.71
CA SER A 2508 16.88 1.95 29.07
C SER A 2508 15.94 0.99 28.37
N LYS A 2509 16.49 0.00 27.67
CA LYS A 2509 15.68 -0.99 26.98
C LYS A 2509 16.31 -2.33 27.28
N LYS A 2510 15.73 -3.42 26.77
CA LYS A 2510 16.23 -4.74 27.13
C LYS A 2510 17.29 -5.21 26.15
N TYR A 2511 18.54 -5.29 26.61
CA TYR A 2511 19.66 -5.78 25.82
C TYR A 2511 19.98 -7.22 26.21
N TYR A 2512 20.22 -8.07 25.23
CA TYR A 2512 20.46 -9.49 25.49
C TYR A 2512 21.97 -9.69 25.53
N PHE A 2513 22.47 -10.35 26.57
CA PHE A 2513 23.89 -10.62 26.70
C PHE A 2513 24.16 -12.10 26.82
N ASN A 2514 25.08 -12.61 26.02
CA ASN A 2514 25.40 -14.02 26.05
C ASN A 2514 26.77 -14.25 26.63
N ASP A 2515 27.18 -15.51 26.63
CA ASP A 2515 28.50 -15.93 27.07
C ASP A 2515 29.60 -15.62 26.07
N CYS A 2516 29.26 -15.22 24.85
CA CYS A 2516 30.28 -14.84 23.89
C CYS A 2516 30.98 -13.58 24.35
N ASP A 2517 30.25 -12.72 25.05
CA ASP A 2517 30.86 -11.54 25.62
C ASP A 2517 31.81 -11.91 26.72
N PHE A 2518 31.49 -12.97 27.43
CA PHE A 2518 32.40 -13.45 28.45
C PHE A 2518 33.65 -14.02 27.81
N GLN A 2519 33.49 -14.66 26.66
CA GLN A 2519 34.64 -15.23 25.98
C GLN A 2519 35.56 -14.14 25.43
N PHE A 2520 34.99 -13.14 24.78
CA PHE A 2520 35.79 -12.06 24.22
C PHE A 2520 36.44 -11.22 25.29
N ALA A 2521 35.80 -11.08 26.44
CA ALA A 2521 36.44 -10.31 27.48
C ALA A 2521 37.56 -11.13 28.10
N SER A 2522 37.37 -12.43 28.18
CA SER A 2522 38.40 -13.26 28.74
C SER A 2522 39.62 -13.34 27.82
N VAL A 2523 39.41 -13.43 26.51
CA VAL A 2523 40.55 -13.46 25.62
C VAL A 2523 41.29 -12.13 25.63
N TYR A 2524 40.56 -11.01 25.72
CA TYR A 2524 41.26 -9.75 25.82
C TYR A 2524 42.07 -9.64 27.10
N LEU A 2525 41.58 -10.22 28.19
CA LEU A 2525 42.34 -10.18 29.43
C LEU A 2525 43.59 -11.02 29.35
N GLU A 2526 43.49 -12.20 28.75
CA GLU A 2526 44.69 -13.01 28.62
C GLU A 2526 45.69 -12.39 27.67
N ASN A 2527 45.20 -11.69 26.64
CA ASN A 2527 46.11 -11.07 25.71
C ASN A 2527 46.84 -9.91 26.36
N VAL A 2528 46.14 -9.12 27.17
CA VAL A 2528 46.83 -8.00 27.78
C VAL A 2528 47.73 -8.45 28.92
N LEU A 2529 47.35 -9.51 29.61
CA LEU A 2529 48.17 -10.00 30.72
C LEU A 2529 49.38 -10.77 30.25
N ALA A 2530 49.31 -11.40 29.08
CA ALA A 2530 50.43 -12.20 28.62
C ALA A 2530 51.57 -11.31 28.16
N THR A 2531 51.30 -10.07 27.82
CA THR A 2531 52.31 -9.17 27.29
C THR A 2531 52.61 -8.01 28.23
N ASN A 2532 52.11 -8.05 29.46
CA ASN A 2532 52.36 -6.93 30.35
C ASN A 2532 52.85 -7.37 31.72
N SER A 2533 53.76 -6.56 32.27
CA SER A 2533 54.31 -6.73 33.61
C SER A 2533 53.22 -6.69 34.67
N THR A 2534 53.58 -7.18 35.86
CA THR A 2534 52.63 -7.40 36.94
C THR A 2534 52.23 -6.11 37.67
N ASN A 2535 52.51 -4.95 37.11
CA ASN A 2535 52.09 -3.69 37.72
C ASN A 2535 50.57 -3.51 37.60
N ASN A 2536 50.08 -2.45 38.25
CA ASN A 2536 48.66 -2.16 38.36
C ASN A 2536 48.17 -1.31 37.20
N ILE A 2537 48.99 -1.12 36.17
CA ILE A 2537 48.68 -0.18 35.10
C ILE A 2537 47.58 -0.59 34.11
N PRO A 2538 47.41 -1.86 33.67
CA PRO A 2538 46.49 -2.06 32.54
C PRO A 2538 45.03 -1.81 32.87
N TRP A 2539 44.71 -1.50 34.13
CA TRP A 2539 43.35 -1.24 34.51
C TRP A 2539 42.84 0.04 33.90
N ALA A 2540 43.72 0.83 33.33
CA ALA A 2540 43.25 2.00 32.62
C ALA A 2540 42.61 1.63 31.29
N GLN A 2541 43.24 0.74 30.53
CA GLN A 2541 42.75 0.39 29.20
C GLN A 2541 41.83 -0.80 29.13
N VAL A 2542 41.81 -1.66 30.13
CA VAL A 2542 40.90 -2.79 30.05
C VAL A 2542 39.45 -2.33 30.19
N ARG A 2543 39.22 -1.35 31.06
CA ARG A 2543 37.86 -0.90 31.35
C ARG A 2543 37.20 -0.29 30.14
N ASP A 2544 37.91 0.56 29.41
CA ASP A 2544 37.28 1.18 28.25
C ASP A 2544 37.05 0.14 27.18
N HIS A 2545 37.98 -0.80 27.07
CA HIS A 2545 37.89 -1.82 26.04
C HIS A 2545 36.67 -2.67 26.26
N ILE A 2546 36.35 -2.96 27.51
CA ILE A 2546 35.19 -3.77 27.74
C ILE A 2546 33.93 -2.96 27.52
N ALA A 2547 33.89 -1.74 28.03
CA ALA A 2547 32.68 -0.94 27.93
C ALA A 2547 32.42 -0.36 26.56
N THR A 2548 33.34 -0.49 25.64
CA THR A 2548 33.16 0.07 24.33
C THR A 2548 33.19 -0.96 23.22
N ILE A 2549 33.85 -2.09 23.41
CA ILE A 2549 33.96 -3.08 22.36
C ILE A 2549 33.28 -4.38 22.74
N VAL A 2550 33.57 -4.89 23.93
CA VAL A 2550 33.07 -6.21 24.30
C VAL A 2550 31.58 -6.15 24.61
N TYR A 2551 31.20 -5.23 25.48
CA TYR A 2551 29.83 -5.06 25.93
C TYR A 2551 29.14 -3.84 25.37
N GLY A 2552 29.87 -2.76 25.14
CA GLY A 2552 29.26 -1.61 24.54
C GLY A 2552 28.98 -1.71 23.07
N GLY A 2553 29.12 -2.87 22.48
CA GLY A 2553 28.90 -2.96 21.06
C GLY A 2553 27.42 -2.97 20.74
N LYS A 2554 26.65 -3.75 21.47
CA LYS A 2554 25.23 -3.83 21.18
C LYS A 2554 24.49 -2.59 21.62
N ILE A 2555 24.99 -1.91 22.65
CA ILE A 2555 24.29 -0.77 23.21
C ILE A 2555 24.36 0.43 22.27
N ASP A 2556 23.23 1.04 21.98
CA ASP A 2556 23.23 2.23 21.14
C ASP A 2556 22.96 3.51 21.92
N GLU A 2557 22.15 3.44 22.98
CA GLU A 2557 21.90 4.61 23.82
C GLU A 2557 23.09 4.87 24.72
N GLU A 2558 23.52 6.13 24.74
CA GLU A 2558 24.70 6.51 25.52
C GLU A 2558 24.46 6.44 27.02
N LYS A 2559 23.22 6.59 27.47
CA LYS A 2559 22.95 6.50 28.90
C LYS A 2559 23.23 5.11 29.42
N ASP A 2560 22.86 4.10 28.64
CA ASP A 2560 23.14 2.75 29.07
C ASP A 2560 24.62 2.46 28.97
N LEU A 2561 25.29 3.14 28.04
CA LEU A 2561 26.73 3.03 27.95
C LEU A 2561 27.36 3.65 29.17
N GLU A 2562 26.74 4.70 29.69
CA GLU A 2562 27.22 5.30 30.91
C GLU A 2562 26.95 4.39 32.10
N VAL A 2563 25.89 3.59 32.05
CA VAL A 2563 25.65 2.65 33.14
C VAL A 2563 26.71 1.56 33.14
N VAL A 2564 27.04 1.04 31.97
CA VAL A 2564 28.08 0.03 31.85
C VAL A 2564 29.43 0.64 32.18
N ALA A 2565 29.63 1.91 31.83
CA ALA A 2565 30.89 2.58 32.14
C ALA A 2565 31.05 2.80 33.62
N LYS A 2566 30.00 3.26 34.29
CA LYS A 2566 30.10 3.46 35.72
C LYS A 2566 30.17 2.15 36.46
N LEU A 2567 29.73 1.06 35.84
CA LEU A 2567 29.87 -0.20 36.53
C LEU A 2567 31.25 -0.79 36.37
N CYS A 2568 31.80 -0.71 35.15
CA CYS A 2568 33.12 -1.24 34.91
C CYS A 2568 34.18 -0.40 35.60
N ALA A 2569 33.96 0.91 35.73
CA ALA A 2569 34.89 1.72 36.49
C ALA A 2569 34.89 1.36 37.96
N HIS A 2570 33.82 0.74 38.44
CA HIS A 2570 33.73 0.31 39.81
C HIS A 2570 34.29 -1.08 40.02
N VAL A 2571 34.15 -1.96 39.03
CA VAL A 2571 34.55 -3.33 39.26
C VAL A 2571 36.03 -3.60 39.02
N PHE A 2572 36.72 -2.78 38.24
CA PHE A 2572 38.11 -3.16 37.97
C PHE A 2572 39.12 -2.37 38.79
N CYS A 2573 39.04 -1.05 38.79
CA CYS A 2573 40.05 -0.29 39.51
C CYS A 2573 39.81 -0.53 40.99
N GLY A 2574 40.84 -0.91 41.70
CA GLY A 2574 40.69 -1.14 43.11
C GLY A 2574 41.98 -1.64 43.70
N SER A 2575 42.31 -1.17 44.88
CA SER A 2575 43.56 -1.54 45.52
C SER A 2575 43.25 -2.20 46.85
N ASP A 2576 43.39 -3.53 46.86
CA ASP A 2576 43.35 -4.46 47.99
C ASP A 2576 41.99 -4.57 48.66
N ASN A 2577 40.99 -3.82 48.23
CA ASN A 2577 39.67 -3.90 48.82
C ASN A 2577 38.70 -3.27 47.84
N LEU A 2578 37.63 -3.98 47.53
CA LEU A 2578 36.66 -3.52 46.56
C LEU A 2578 35.26 -3.30 47.14
N GLN A 2579 34.74 -4.31 47.82
CA GLN A 2579 33.41 -4.31 48.44
C GLN A 2579 32.33 -4.04 47.40
N ILE A 2580 32.29 -4.98 46.45
CA ILE A 2580 31.30 -5.00 45.37
C ILE A 2580 29.88 -5.12 45.92
N VAL A 2581 29.68 -6.01 46.88
CA VAL A 2581 28.40 -6.12 47.54
C VAL A 2581 28.67 -5.51 48.90
N PRO A 2582 27.67 -4.97 49.59
CA PRO A 2582 27.93 -4.28 50.85
C PRO A 2582 28.54 -5.16 51.93
N GLY A 2583 28.40 -6.48 51.85
CA GLY A 2583 28.92 -7.31 52.91
C GLY A 2583 30.36 -7.76 52.75
N VAL A 2584 30.77 -8.10 51.52
CA VAL A 2584 32.04 -8.79 51.28
C VAL A 2584 33.05 -7.88 50.60
N ARG A 2585 34.31 -7.97 51.03
CA ARG A 2585 35.42 -7.26 50.42
C ARG A 2585 36.40 -8.28 49.88
N ILE A 2586 36.93 -8.01 48.69
CA ILE A 2586 37.83 -8.91 47.99
C ILE A 2586 39.24 -8.35 48.03
N PRO A 2587 40.19 -9.01 48.67
CA PRO A 2587 41.56 -8.51 48.70
C PRO A 2587 42.32 -8.92 47.45
N GLN A 2588 43.40 -8.19 47.19
CA GLN A 2588 44.27 -8.48 46.05
C GLN A 2588 45.05 -9.77 46.31
N PRO A 2589 45.37 -10.53 45.26
CA PRO A 2589 46.20 -11.73 45.41
C PRO A 2589 47.54 -11.47 46.08
N LEU A 2590 47.97 -12.46 46.86
CA LEU A 2590 49.17 -12.39 47.69
C LEU A 2590 50.43 -12.70 46.89
N LEU A 2591 51.58 -12.64 47.57
CA LEU A 2591 52.90 -12.85 46.98
C LEU A 2591 53.24 -14.31 46.71
N GLN A 2592 52.59 -15.24 47.41
CA GLN A 2592 52.97 -16.66 47.30
C GLN A 2592 52.77 -17.22 45.91
N GLN A 2593 51.90 -16.60 45.12
CA GLN A 2593 51.65 -16.93 43.73
C GLN A 2593 51.19 -18.38 43.55
N SER A 2594 50.55 -18.95 44.56
CA SER A 2594 50.02 -20.29 44.41
C SER A 2594 48.64 -20.14 43.78
N GLU A 2595 48.47 -20.71 42.59
CA GLU A 2595 47.20 -20.58 41.90
C GLU A 2595 46.13 -21.49 42.48
N GLU A 2596 46.51 -22.61 43.06
CA GLU A 2596 45.51 -23.47 43.65
C GLU A 2596 45.04 -22.89 44.96
N GLU A 2597 45.94 -22.23 45.67
CA GLU A 2597 45.57 -21.55 46.90
C GLU A 2597 44.68 -20.37 46.61
N GLU A 2598 44.96 -19.63 45.54
CA GLU A 2598 44.09 -18.54 45.14
C GLU A 2598 42.73 -19.05 44.69
N ARG A 2599 42.70 -20.20 44.01
CA ARG A 2599 41.42 -20.79 43.63
C ARG A 2599 40.62 -21.18 44.85
N ALA A 2600 41.30 -21.75 45.85
CA ALA A 2600 40.63 -22.11 47.08
C ALA A 2600 40.19 -20.88 47.84
N ARG A 2601 40.96 -19.80 47.76
CA ARG A 2601 40.57 -18.58 48.46
C ARG A 2601 39.34 -17.95 47.82
N LEU A 2602 39.29 -17.93 46.48
CA LEU A 2602 38.12 -17.37 45.82
C LEU A 2602 36.90 -18.25 45.96
N THR A 2603 37.09 -19.56 46.10
CA THR A 2603 35.92 -20.38 46.32
C THR A 2603 35.42 -20.25 47.75
N ALA A 2604 36.34 -20.09 48.70
CA ALA A 2604 35.95 -19.85 50.07
C ALA A 2604 35.28 -18.50 50.21
N ILE A 2605 35.75 -17.51 49.46
CA ILE A 2605 35.12 -16.21 49.51
C ILE A 2605 33.76 -16.24 48.82
N LEU A 2606 33.52 -17.18 47.90
CA LEU A 2606 32.17 -17.31 47.39
C LEU A 2606 31.26 -18.14 48.29
N SER A 2607 31.83 -18.99 49.12
CA SER A 2607 31.01 -19.82 49.99
C SER A 2607 30.55 -19.08 51.23
N ASN A 2608 31.34 -18.13 51.69
CA ASN A 2608 31.05 -17.42 52.92
C ASN A 2608 29.90 -16.42 52.79
N THR A 2609 29.53 -16.04 51.59
CA THR A 2609 28.53 -15.00 51.39
C THR A 2609 27.09 -15.46 51.61
N ILE A 2610 26.27 -14.51 52.07
CA ILE A 2610 24.83 -14.71 52.26
C ILE A 2610 24.10 -13.66 51.45
N GLU A 2611 23.21 -14.10 50.58
CA GLU A 2611 22.46 -13.17 49.75
C GLU A 2611 21.38 -12.48 50.57
N PRO A 2612 21.40 -11.16 50.70
CA PRO A 2612 20.37 -10.47 51.50
C PRO A 2612 19.04 -10.46 50.78
N ALA A 2613 18.00 -10.07 51.52
CA ALA A 2613 16.67 -9.99 50.93
C ALA A 2613 16.54 -8.81 49.97
N ASP A 2614 17.18 -7.68 50.26
CA ASP A 2614 17.10 -6.52 49.40
C ASP A 2614 18.23 -6.49 48.40
N SER A 2615 18.72 -7.67 48.02
CA SER A 2615 19.85 -7.79 47.11
C SER A 2615 19.60 -7.09 45.78
N LEU A 2616 18.36 -7.11 45.29
CA LEU A 2616 18.06 -6.42 44.05
C LEU A 2616 18.25 -4.91 44.17
N SER A 2617 18.10 -4.35 45.36
CA SER A 2617 18.28 -2.92 45.55
C SER A 2617 19.57 -2.58 46.27
N SER A 2618 20.13 -3.54 47.02
CA SER A 2618 21.35 -3.29 47.76
C SER A 2618 22.57 -3.63 46.94
N TRP A 2619 22.57 -4.79 46.28
CA TRP A 2619 23.73 -5.13 45.47
C TRP A 2619 23.80 -4.26 44.23
N LEU A 2620 22.67 -4.03 43.58
CA LEU A 2620 22.67 -3.08 42.49
C LEU A 2620 22.48 -1.70 43.10
N GLN A 2621 23.26 -0.75 42.61
CA GLN A 2621 23.29 0.55 43.27
C GLN A 2621 22.04 1.39 43.06
N LEU A 2622 21.07 0.96 42.27
CA LEU A 2622 19.83 1.73 42.13
C LEU A 2622 19.00 1.69 43.40
N PRO A 2623 18.30 2.78 43.74
CA PRO A 2623 17.53 2.82 44.98
C PRO A 2623 16.33 1.90 44.91
N ARG A 2624 15.79 1.60 46.09
CA ARG A 2624 14.67 0.69 46.20
C ARG A 2624 13.35 1.29 45.73
N GLU A 2625 13.24 2.62 45.71
CA GLU A 2625 12.01 3.23 45.22
C GLU A 2625 11.83 2.95 43.73
N SER A 2626 12.91 2.82 42.99
CA SER A 2626 12.81 2.44 41.59
C SER A 2626 12.28 1.02 41.45
N ILE A 2627 12.61 0.15 42.40
CA ILE A 2627 12.09 -1.21 42.42
C ILE A 2627 10.60 -1.19 42.68
N LEU A 2628 10.17 -0.35 43.61
CA LEU A 2628 8.76 -0.23 43.90
C LEU A 2628 8.00 0.33 42.70
N ASP A 2629 8.66 1.21 41.94
CA ASP A 2629 8.05 1.76 40.74
C ASP A 2629 7.91 0.67 39.66
N TYR A 2630 8.90 -0.22 39.57
CA TYR A 2630 8.81 -1.30 38.60
C TYR A 2630 7.67 -2.26 38.93
N GLU A 2631 7.51 -2.56 40.22
CA GLU A 2631 6.42 -3.43 40.62
C GLU A 2631 5.08 -2.76 40.41
N ARG A 2632 5.00 -1.44 40.64
CA ARG A 2632 3.75 -0.74 40.44
C ARG A 2632 3.35 -0.74 38.97
N LEU A 2633 4.34 -0.63 38.08
CA LEU A 2633 4.00 -0.62 36.66
C LEU A 2633 3.51 -1.97 36.19
N GLN A 2634 4.18 -3.04 36.60
CA GLN A 2634 3.73 -4.35 36.14
C GLN A 2634 2.42 -4.75 36.79
N ALA A 2635 2.17 -4.28 38.01
CA ALA A 2635 0.90 -4.55 38.66
C ALA A 2635 -0.21 -3.80 37.96
N LYS A 2636 0.11 -2.59 37.50
CA LYS A 2636 -0.85 -1.80 36.73
C LYS A 2636 -1.19 -2.47 35.42
N GLU A 2637 -0.20 -3.04 34.75
CA GLU A 2637 -0.49 -3.74 33.51
C GLU A 2637 -1.36 -4.97 33.71
N VAL A 2638 -1.13 -5.69 34.81
CA VAL A 2638 -1.93 -6.88 35.07
C VAL A 2638 -3.36 -6.51 35.45
N ALA A 2639 -3.51 -5.48 36.28
CA ALA A 2639 -4.84 -5.08 36.71
C ALA A 2639 -5.63 -4.50 35.55
N SER A 2640 -4.95 -3.78 34.66
CA SER A 2640 -5.64 -3.21 33.52
C SER A 2640 -6.09 -4.29 32.55
N SER A 2641 -5.26 -5.29 32.32
CA SER A 2641 -5.68 -6.33 31.38
C SER A 2641 -6.81 -7.18 31.92
N THR A 2642 -6.82 -7.46 33.22
CA THR A 2642 -7.92 -8.27 33.74
C THR A 2642 -9.22 -7.47 33.78
N GLU A 2643 -9.12 -6.18 34.08
CA GLU A 2643 -10.31 -5.33 34.05
C GLU A 2643 -10.88 -5.24 32.64
N GLN A 2644 -9.99 -5.14 31.66
CA GLN A 2644 -10.43 -5.08 30.27
C GLN A 2644 -11.08 -6.38 29.84
N LEU A 2645 -10.55 -7.51 30.30
CA LEU A 2645 -11.16 -8.79 29.96
C LEU A 2645 -12.53 -8.95 30.61
N LEU A 2646 -12.73 -8.38 31.79
CA LEU A 2646 -14.05 -8.57 32.38
C LEU A 2646 -15.05 -7.70 31.65
N GLN A 2647 -14.61 -6.51 31.25
CA GLN A 2647 -15.52 -5.58 30.58
C GLN A 2647 -15.92 -6.11 29.22
N GLU A 2648 -15.03 -6.89 28.58
CA GLU A 2648 -15.34 -7.41 27.25
C GLU A 2648 -16.39 -8.51 27.25
N MET A 2649 -16.65 -9.15 28.39
CA MET A 2649 -17.63 -10.22 28.40
C MET A 2649 -18.70 -9.95 29.44
C10 ZG7 B . -33.21 28.03 -16.28
N12 ZG7 B . -29.60 28.14 -14.96
C17 ZG7 B . -26.21 26.36 -15.10
C20 ZG7 B . -23.95 24.91 -13.01
C21 ZG7 B . -22.94 23.96 -12.89
C24 ZG7 B . -22.26 24.40 -15.16
C26 ZG7 B . -27.28 27.20 -14.66
C28 ZG7 B . -30.02 27.08 -16.91
C02 ZG7 B . -31.37 32.71 -17.07
C03 ZG7 B . -31.09 32.36 -15.76
C04 ZG7 B . -31.24 31.07 -15.32
C05 ZG7 B . -31.60 30.12 -16.26
C06 ZG7 B . -31.94 30.48 -17.56
C07 ZG7 B . -31.79 31.78 -18.00
C08 ZG7 B . -31.91 28.68 -15.87
C09 ZG7 B . -33.00 28.49 -14.84
C11 ZG7 B . -30.51 28.06 -15.98
C14 ZG7 B . -28.73 26.71 -16.53
C16 ZG7 B . -26.36 25.64 -16.36
C19 ZG7 B . -24.11 25.57 -14.21
C23 ZG7 B . -22.09 23.71 -13.97
C25 ZG7 B . -23.25 25.35 -15.28
C29 ZG7 B . -30.69 26.64 -18.20
N13 ZG7 B . -28.55 27.34 -15.34
N15 ZG7 B . -27.61 25.82 -17.06
N30 ZG7 B . -31.21 26.31 -19.14
O18 ZG7 B . -25.10 26.52 -14.25
O27 ZG7 B . -27.16 27.73 -13.64
BR22 ZG7 B . -22.70 22.98 -11.24
CL01 ZG7 B . -31.15 34.39 -17.58
C10 ZG7 C . -36.64 -13.14 -6.94
N12 ZG7 C . -35.38 -9.82 -8.04
C17 ZG7 C . -33.26 -8.18 -10.78
C20 ZG7 C . -31.25 -5.95 -9.43
C21 ZG7 C . -30.13 -5.90 -8.63
C24 ZG7 C . -29.35 -7.95 -9.56
C26 ZG7 C . -33.85 -8.34 -9.46
C28 ZG7 C . -35.79 -11.39 -9.61
C02 ZG7 C . -40.71 -10.27 -8.56
C03 ZG7 C . -39.86 -9.37 -7.93
C04 ZG7 C . -38.61 -9.81 -7.50
C05 ZG7 C . -38.23 -11.12 -7.74
C06 ZG7 C . -39.10 -12.01 -8.32
C07 ZG7 C . -40.35 -11.57 -8.76
C08 ZG7 C . -36.89 -11.67 -7.23
C09 ZG7 C . -36.73 -12.16 -5.80
C11 ZG7 C . -36.02 -11.00 -8.26
C14 ZG7 C . -34.93 -10.46 -10.17
C16 ZG7 C . -33.48 -9.19 -11.81
C19 ZG7 C . -31.40 -7.03 -10.27
C23 ZG7 C . -29.19 -6.89 -8.69
C25 ZG7 C . -30.45 -8.01 -10.38
C29 ZG7 C . -36.30 -12.66 -10.26
N13 ZG7 C . -34.70 -9.51 -9.20
N15 ZG7 C . -34.31 -10.31 -11.53
N30 ZG7 C . -36.70 -13.60 -10.73
O18 ZG7 C . -32.47 -7.11 -11.14
O27 ZG7 C . -33.72 -7.54 -8.60
BR22 ZG7 C . -29.83 -4.44 -7.39
CL01 ZG7 C . -42.31 -9.76 -9.13
PG ATP D . 5.50 32.71 -8.08
O1G ATP D . 4.01 32.84 -8.07
O2G ATP D . 6.01 31.89 -6.93
O3G ATP D . 6.12 32.38 -9.40
PB ATP D . 7.04 35.14 -8.24
O1B ATP D . 7.91 34.44 -9.24
O2B ATP D . 7.64 35.79 -7.03
O3B ATP D . 5.88 34.20 -7.66
PA ATP D . 6.95 37.44 -9.81
O1A ATP D . 6.23 37.69 -11.10
O2A ATP D . 8.41 37.11 -9.86
O3A ATP D . 6.21 36.28 -8.99
O5' ATP D . 6.65 38.69 -8.83
C5' ATP D . 5.37 39.29 -8.83
C4' ATP D . 5.25 40.71 -9.38
O4' ATP D . 5.92 41.65 -8.54
C3' ATP D . 5.85 40.93 -10.74
O3' ATP D . 4.94 40.54 -11.76
C2' ATP D . 6.06 42.44 -10.76
O2' ATP D . 4.88 43.11 -11.19
C1' ATP D . 6.30 42.79 -9.32
N9 ATP D . 7.74 43.07 -9.19
C8 ATP D . 8.67 42.13 -9.00
N7 ATP D . 9.90 42.65 -8.94
C5 ATP D . 9.76 43.97 -9.09
C6 ATP D . 10.69 45.09 -9.11
N6 ATP D . 12.00 44.83 -8.93
N1 ATP D . 10.19 46.34 -9.31
C2 ATP D . 8.87 46.54 -9.47
N3 ATP D . 7.96 45.54 -9.45
C4 ATP D . 8.34 44.25 -9.27
MG MG E . 7.91 32.68 -10.29
#